data_3KSV
# 
_entry.id   3KSV 
# 
_audit_conform.dict_name       mmcif_pdbx.dic 
_audit_conform.dict_version    5.387 
_audit_conform.dict_location   http://mmcif.pdb.org/dictionaries/ascii/mmcif_pdbx.dic 
# 
loop_
_database_2.database_id 
_database_2.database_code 
_database_2.pdbx_database_accession 
_database_2.pdbx_DOI 
PDB   3KSV         pdb_00003ksv 10.2210/pdb3ksv/pdb 
RCSB  RCSB056405   ?            ?                   
WWPDB D_1000056405 ?            ?                   
# 
loop_
_pdbx_audit_revision_history.ordinal 
_pdbx_audit_revision_history.data_content_type 
_pdbx_audit_revision_history.major_revision 
_pdbx_audit_revision_history.minor_revision 
_pdbx_audit_revision_history.revision_date 
1 'Structure model' 1 0 2010-01-12 
2 'Structure model' 1 1 2011-07-13 
3 'Structure model' 1 2 2017-11-01 
4 'Structure model' 1 3 2024-02-21 
# 
_pdbx_audit_revision_details.ordinal             1 
_pdbx_audit_revision_details.revision_ordinal    1 
_pdbx_audit_revision_details.data_content_type   'Structure model' 
_pdbx_audit_revision_details.provider            repository 
_pdbx_audit_revision_details.type                'Initial release' 
_pdbx_audit_revision_details.description         ? 
_pdbx_audit_revision_details.details             ? 
# 
loop_
_pdbx_audit_revision_group.ordinal 
_pdbx_audit_revision_group.revision_ordinal 
_pdbx_audit_revision_group.data_content_type 
_pdbx_audit_revision_group.group 
1 2 'Structure model' Advisory                    
2 2 'Structure model' 'Version format compliance' 
3 3 'Structure model' 'Refinement description'    
4 4 'Structure model' 'Data collection'           
5 4 'Structure model' 'Database references'       
6 4 'Structure model' 'Derived calculations'      
# 
loop_
_pdbx_audit_revision_category.ordinal 
_pdbx_audit_revision_category.revision_ordinal 
_pdbx_audit_revision_category.data_content_type 
_pdbx_audit_revision_category.category 
1 3 'Structure model' software               
2 4 'Structure model' chem_comp_atom         
3 4 'Structure model' chem_comp_bond         
4 4 'Structure model' database_2             
5 4 'Structure model' pdbx_struct_conn_angle 
6 4 'Structure model' struct_conn            
7 4 'Structure model' struct_ref_seq_dif     
8 4 'Structure model' struct_site            
# 
loop_
_pdbx_audit_revision_item.ordinal 
_pdbx_audit_revision_item.revision_ordinal 
_pdbx_audit_revision_item.data_content_type 
_pdbx_audit_revision_item.item 
1  3 'Structure model' '_software.classification'                    
2  3 'Structure model' '_software.contact_author'                    
3  3 'Structure model' '_software.contact_author_email'              
4  3 'Structure model' '_software.date'                              
5  3 'Structure model' '_software.language'                          
6  3 'Structure model' '_software.location'                          
7  3 'Structure model' '_software.name'                              
8  3 'Structure model' '_software.type'                              
9  3 'Structure model' '_software.version'                           
10 4 'Structure model' '_database_2.pdbx_DOI'                        
11 4 'Structure model' '_database_2.pdbx_database_accession'         
12 4 'Structure model' '_pdbx_struct_conn_angle.ptnr1_auth_comp_id'  
13 4 'Structure model' '_pdbx_struct_conn_angle.ptnr1_auth_seq_id'   
14 4 'Structure model' '_pdbx_struct_conn_angle.ptnr1_label_atom_id' 
15 4 'Structure model' '_pdbx_struct_conn_angle.ptnr1_label_comp_id' 
16 4 'Structure model' '_pdbx_struct_conn_angle.ptnr1_label_seq_id'  
17 4 'Structure model' '_pdbx_struct_conn_angle.ptnr3_auth_comp_id'  
18 4 'Structure model' '_pdbx_struct_conn_angle.ptnr3_auth_seq_id'   
19 4 'Structure model' '_pdbx_struct_conn_angle.ptnr3_label_atom_id' 
20 4 'Structure model' '_pdbx_struct_conn_angle.ptnr3_label_comp_id' 
21 4 'Structure model' '_pdbx_struct_conn_angle.ptnr3_label_seq_id'  
22 4 'Structure model' '_pdbx_struct_conn_angle.value'               
23 4 'Structure model' '_struct_conn.pdbx_dist_value'                
24 4 'Structure model' '_struct_conn.ptnr1_auth_comp_id'             
25 4 'Structure model' '_struct_conn.ptnr1_auth_seq_id'              
26 4 'Structure model' '_struct_conn.ptnr1_label_atom_id'            
27 4 'Structure model' '_struct_conn.ptnr1_label_comp_id'            
28 4 'Structure model' '_struct_conn.ptnr1_label_seq_id'             
29 4 'Structure model' '_struct_ref_seq_dif.details'                 
30 4 'Structure model' '_struct_site.pdbx_auth_asym_id'              
31 4 'Structure model' '_struct_site.pdbx_auth_comp_id'              
32 4 'Structure model' '_struct_site.pdbx_auth_seq_id'               
# 
_pdbx_database_status.entry_id                        3KSV 
_pdbx_database_status.status_code                     REL 
_pdbx_database_status.deposit_site                    RCSB 
_pdbx_database_status.process_site                    RCSB 
_pdbx_database_status.recvd_initial_deposition_date   2009-11-23 
_pdbx_database_status.status_code_sf                  REL 
_pdbx_database_status.status_code_mr                  ? 
_pdbx_database_status.SG_entry                        Y 
_pdbx_database_status.pdb_format_compatible           Y 
_pdbx_database_status.status_code_cs                  ? 
_pdbx_database_status.methods_development_category    ? 
_pdbx_database_status.status_code_nmr_data            ? 
# 
_pdbx_database_related.db_name        TargetDB 
_pdbx_database_related.db_id          Lmaj00884AAA 
_pdbx_database_related.details        . 
_pdbx_database_related.content_type   unspecified 
# 
loop_
_audit_author.name 
_audit_author.pdbx_ordinal 
'Han, G.W.'                                                    1 
'Merritt, E.A.'                                                2 
'Structural Genomics of Pathogenic Protozoa Consortium (SGPP)' 3 
# 
_citation.id                        primary 
_citation.title                     'Hypothetical protein (HIT family) from Leishmania major' 
_citation.journal_abbrev            'To be Published' 
_citation.journal_volume            ? 
_citation.page_first                ? 
_citation.page_last                 ? 
_citation.year                      ? 
_citation.journal_id_ASTM           ? 
_citation.country                   ? 
_citation.journal_id_ISSN           ? 
_citation.journal_id_CSD            0353 
_citation.book_publisher            ? 
_citation.pdbx_database_id_PubMed   ? 
_citation.pdbx_database_id_DOI      ? 
# 
loop_
_citation_author.citation_id 
_citation_author.name 
_citation_author.ordinal 
_citation_author.identifier_ORCID 
primary 'Merritt, E.A.'     1  ? 
primary 'Le Trong, I.'      2  ? 
primary 'Han, G.W.'         3  ? 
primary 'Kalyuzhniy, O.'    4  ? 
primary 'Mehlin, C.'        5  ? 
primary 'Van Voorhis, W.C.' 6  ? 
primary 'Buckner, F.S.'     7  ? 
primary 'Fan, E.'           8  ? 
primary 'Zucker, F.'        9  ? 
primary 'Verlinde, L.M.J.'  10 ? 
primary 'Hol, W.G.J.'       11 ? 
# 
loop_
_entity.id 
_entity.type 
_entity.src_method 
_entity.pdbx_description 
_entity.formula_weight 
_entity.pdbx_number_of_molecules 
_entity.pdbx_ec 
_entity.pdbx_mutation 
_entity.pdbx_fragment 
_entity.details 
1 polymer     man 'Uncharacterized protein' 16241.738 1  ? ? ? ? 
2 non-polymer syn 'ZINC ION'                65.409    1  ? ? ? ? 
3 water       nat water                     18.015    24 ? ? ? ? 
# 
_entity_poly.entity_id                      1 
_entity_poly.type                           'polypeptide(L)' 
_entity_poly.nstd_linkage                   no 
_entity_poly.nstd_monomer                   no 
_entity_poly.pdbx_seq_one_letter_code       
;MAHHHHHHMAANCIFCKIIKGDIPCAKVAETSKALAFMDINPLSRGHMLVIPKEHASCLHELGMEDAADVGVLLAKASRA
VAGPDGSMQYNVLQNNGSLAHQEVPHVHFHIIPKTDEKTGLKIGWDTVKVASDELAEDAKRYSEAIAKI
;
_entity_poly.pdbx_seq_one_letter_code_can   
;MAHHHHHHMAANCIFCKIIKGDIPCAKVAETSKALAFMDINPLSRGHMLVIPKEHASCLHELGMEDAADVGVLLAKASRA
VAGPDGSMQYNVLQNNGSLAHQEVPHVHFHIIPKTDEKTGLKIGWDTVKVASDELAEDAKRYSEAIAKI
;
_entity_poly.pdbx_strand_id                 A 
_entity_poly.pdbx_target_identifier         Lmaj00884AAA 
# 
loop_
_pdbx_entity_nonpoly.entity_id 
_pdbx_entity_nonpoly.name 
_pdbx_entity_nonpoly.comp_id 
2 'ZINC ION' ZN  
3 water      HOH 
# 
loop_
_entity_poly_seq.entity_id 
_entity_poly_seq.num 
_entity_poly_seq.mon_id 
_entity_poly_seq.hetero 
1 1   MET n 
1 2   ALA n 
1 3   HIS n 
1 4   HIS n 
1 5   HIS n 
1 6   HIS n 
1 7   HIS n 
1 8   HIS n 
1 9   MET n 
1 10  ALA n 
1 11  ALA n 
1 12  ASN n 
1 13  CYS n 
1 14  ILE n 
1 15  PHE n 
1 16  CYS n 
1 17  LYS n 
1 18  ILE n 
1 19  ILE n 
1 20  LYS n 
1 21  GLY n 
1 22  ASP n 
1 23  ILE n 
1 24  PRO n 
1 25  CYS n 
1 26  ALA n 
1 27  LYS n 
1 28  VAL n 
1 29  ALA n 
1 30  GLU n 
1 31  THR n 
1 32  SER n 
1 33  LYS n 
1 34  ALA n 
1 35  LEU n 
1 36  ALA n 
1 37  PHE n 
1 38  MET n 
1 39  ASP n 
1 40  ILE n 
1 41  ASN n 
1 42  PRO n 
1 43  LEU n 
1 44  SER n 
1 45  ARG n 
1 46  GLY n 
1 47  HIS n 
1 48  MET n 
1 49  LEU n 
1 50  VAL n 
1 51  ILE n 
1 52  PRO n 
1 53  LYS n 
1 54  GLU n 
1 55  HIS n 
1 56  ALA n 
1 57  SER n 
1 58  CYS n 
1 59  LEU n 
1 60  HIS n 
1 61  GLU n 
1 62  LEU n 
1 63  GLY n 
1 64  MET n 
1 65  GLU n 
1 66  ASP n 
1 67  ALA n 
1 68  ALA n 
1 69  ASP n 
1 70  VAL n 
1 71  GLY n 
1 72  VAL n 
1 73  LEU n 
1 74  LEU n 
1 75  ALA n 
1 76  LYS n 
1 77  ALA n 
1 78  SER n 
1 79  ARG n 
1 80  ALA n 
1 81  VAL n 
1 82  ALA n 
1 83  GLY n 
1 84  PRO n 
1 85  ASP n 
1 86  GLY n 
1 87  SER n 
1 88  MET n 
1 89  GLN n 
1 90  TYR n 
1 91  ASN n 
1 92  VAL n 
1 93  LEU n 
1 94  GLN n 
1 95  ASN n 
1 96  ASN n 
1 97  GLY n 
1 98  SER n 
1 99  LEU n 
1 100 ALA n 
1 101 HIS n 
1 102 GLN n 
1 103 GLU n 
1 104 VAL n 
1 105 PRO n 
1 106 HIS n 
1 107 VAL n 
1 108 HIS n 
1 109 PHE n 
1 110 HIS n 
1 111 ILE n 
1 112 ILE n 
1 113 PRO n 
1 114 LYS n 
1 115 THR n 
1 116 ASP n 
1 117 GLU n 
1 118 LYS n 
1 119 THR n 
1 120 GLY n 
1 121 LEU n 
1 122 LYS n 
1 123 ILE n 
1 124 GLY n 
1 125 TRP n 
1 126 ASP n 
1 127 THR n 
1 128 VAL n 
1 129 LYS n 
1 130 VAL n 
1 131 ALA n 
1 132 SER n 
1 133 ASP n 
1 134 GLU n 
1 135 LEU n 
1 136 ALA n 
1 137 GLU n 
1 138 ASP n 
1 139 ALA n 
1 140 LYS n 
1 141 ARG n 
1 142 TYR n 
1 143 SER n 
1 144 GLU n 
1 145 ALA n 
1 146 ILE n 
1 147 ALA n 
1 148 LYS n 
1 149 ILE n 
# 
_entity_src_gen.entity_id                          1 
_entity_src_gen.pdbx_src_id                        1 
_entity_src_gen.pdbx_alt_source_flag               sample 
_entity_src_gen.pdbx_seq_type                      ? 
_entity_src_gen.pdbx_beg_seq_num                   ? 
_entity_src_gen.pdbx_end_seq_num                   ? 
_entity_src_gen.gene_src_common_name               ? 
_entity_src_gen.gene_src_genus                     ? 
_entity_src_gen.pdbx_gene_src_gene                 LmjF14.0240 
_entity_src_gen.gene_src_species                   ? 
_entity_src_gen.gene_src_strain                    ? 
_entity_src_gen.gene_src_tissue                    ? 
_entity_src_gen.gene_src_tissue_fraction           ? 
_entity_src_gen.gene_src_details                   uncleaved 
_entity_src_gen.pdbx_gene_src_fragment             ? 
_entity_src_gen.pdbx_gene_src_scientific_name      'Leishmania major' 
_entity_src_gen.pdbx_gene_src_ncbi_taxonomy_id     5664 
_entity_src_gen.pdbx_gene_src_variant              ? 
_entity_src_gen.pdbx_gene_src_cell_line            ? 
_entity_src_gen.pdbx_gene_src_atcc                 ? 
_entity_src_gen.pdbx_gene_src_organ                ? 
_entity_src_gen.pdbx_gene_src_organelle            ? 
_entity_src_gen.pdbx_gene_src_cell                 ? 
_entity_src_gen.pdbx_gene_src_cellular_location    ? 
_entity_src_gen.host_org_common_name               ? 
_entity_src_gen.pdbx_host_org_scientific_name      'Escherichia coli' 
_entity_src_gen.pdbx_host_org_ncbi_taxonomy_id     562 
_entity_src_gen.host_org_genus                     ? 
_entity_src_gen.pdbx_host_org_gene                 ? 
_entity_src_gen.pdbx_host_org_organ                ? 
_entity_src_gen.host_org_species                   ? 
_entity_src_gen.pdbx_host_org_tissue               ? 
_entity_src_gen.pdbx_host_org_tissue_fraction      ? 
_entity_src_gen.pdbx_host_org_strain               'BL21 STAR' 
_entity_src_gen.pdbx_host_org_variant              ? 
_entity_src_gen.pdbx_host_org_cell_line            ? 
_entity_src_gen.pdbx_host_org_atcc                 ? 
_entity_src_gen.pdbx_host_org_culture_collection   ? 
_entity_src_gen.pdbx_host_org_cell                 ? 
_entity_src_gen.pdbx_host_org_organelle            ? 
_entity_src_gen.pdbx_host_org_cellular_location    ? 
_entity_src_gen.pdbx_host_org_vector_type          plasmid 
_entity_src_gen.pdbx_host_org_vector               ? 
_entity_src_gen.host_org_details                   ? 
_entity_src_gen.expression_system_id               ? 
_entity_src_gen.plasmid_name                       PET14B 
_entity_src_gen.plasmid_details                    ? 
_entity_src_gen.pdbx_description                   ? 
# 
loop_
_chem_comp.id 
_chem_comp.type 
_chem_comp.mon_nstd_flag 
_chem_comp.name 
_chem_comp.pdbx_synonyms 
_chem_comp.formula 
_chem_comp.formula_weight 
ALA 'L-peptide linking' y ALANINE         ? 'C3 H7 N O2'     89.093  
ARG 'L-peptide linking' y ARGININE        ? 'C6 H15 N4 O2 1' 175.209 
ASN 'L-peptide linking' y ASPARAGINE      ? 'C4 H8 N2 O3'    132.118 
ASP 'L-peptide linking' y 'ASPARTIC ACID' ? 'C4 H7 N O4'     133.103 
CYS 'L-peptide linking' y CYSTEINE        ? 'C3 H7 N O2 S'   121.158 
GLN 'L-peptide linking' y GLUTAMINE       ? 'C5 H10 N2 O3'   146.144 
GLU 'L-peptide linking' y 'GLUTAMIC ACID' ? 'C5 H9 N O4'     147.129 
GLY 'peptide linking'   y GLYCINE         ? 'C2 H5 N O2'     75.067  
HIS 'L-peptide linking' y HISTIDINE       ? 'C6 H10 N3 O2 1' 156.162 
HOH non-polymer         . WATER           ? 'H2 O'           18.015  
ILE 'L-peptide linking' y ISOLEUCINE      ? 'C6 H13 N O2'    131.173 
LEU 'L-peptide linking' y LEUCINE         ? 'C6 H13 N O2'    131.173 
LYS 'L-peptide linking' y LYSINE          ? 'C6 H15 N2 O2 1' 147.195 
MET 'L-peptide linking' y METHIONINE      ? 'C5 H11 N O2 S'  149.211 
PHE 'L-peptide linking' y PHENYLALANINE   ? 'C9 H11 N O2'    165.189 
PRO 'L-peptide linking' y PROLINE         ? 'C5 H9 N O2'     115.130 
SER 'L-peptide linking' y SERINE          ? 'C3 H7 N O3'     105.093 
THR 'L-peptide linking' y THREONINE       ? 'C4 H9 N O3'     119.119 
TRP 'L-peptide linking' y TRYPTOPHAN      ? 'C11 H12 N2 O2'  204.225 
TYR 'L-peptide linking' y TYROSINE        ? 'C9 H11 N O3'    181.189 
VAL 'L-peptide linking' y VALINE          ? 'C5 H11 N O2'    117.146 
ZN  non-polymer         . 'ZINC ION'      ? 'Zn 2'           65.409  
# 
loop_
_pdbx_poly_seq_scheme.asym_id 
_pdbx_poly_seq_scheme.entity_id 
_pdbx_poly_seq_scheme.seq_id 
_pdbx_poly_seq_scheme.mon_id 
_pdbx_poly_seq_scheme.ndb_seq_num 
_pdbx_poly_seq_scheme.pdb_seq_num 
_pdbx_poly_seq_scheme.auth_seq_num 
_pdbx_poly_seq_scheme.pdb_mon_id 
_pdbx_poly_seq_scheme.auth_mon_id 
_pdbx_poly_seq_scheme.pdb_strand_id 
_pdbx_poly_seq_scheme.pdb_ins_code 
_pdbx_poly_seq_scheme.hetero 
A 1 1   MET 1   -7  ?   ?   ?   A . n 
A 1 2   ALA 2   -6  ?   ?   ?   A . n 
A 1 3   HIS 3   -5  ?   ?   ?   A . n 
A 1 4   HIS 4   -4  ?   ?   ?   A . n 
A 1 5   HIS 5   -3  ?   ?   ?   A . n 
A 1 6   HIS 6   -2  ?   ?   ?   A . n 
A 1 7   HIS 7   -1  ?   ?   ?   A . n 
A 1 8   HIS 8   0   ?   ?   ?   A . n 
A 1 9   MET 9   1   1   MET MET A . n 
A 1 10  ALA 10  2   2   ALA ALA A . n 
A 1 11  ALA 11  3   3   ALA ALA A . n 
A 1 12  ASN 12  4   4   ASN ASN A . n 
A 1 13  CYS 13  5   5   CYS CYS A . n 
A 1 14  ILE 14  6   6   ILE ILE A . n 
A 1 15  PHE 15  7   7   PHE PHE A . n 
A 1 16  CYS 16  8   8   CYS CYS A . n 
A 1 17  LYS 17  9   9   LYS LYS A . n 
A 1 18  ILE 18  10  10  ILE ILE A . n 
A 1 19  ILE 19  11  11  ILE ILE A . n 
A 1 20  LYS 20  12  12  LYS LYS A . n 
A 1 21  GLY 21  13  13  GLY GLY A . n 
A 1 22  ASP 22  14  14  ASP ASP A . n 
A 1 23  ILE 23  15  15  ILE ILE A . n 
A 1 24  PRO 24  16  16  PRO PRO A . n 
A 1 25  CYS 25  17  17  CYS CYS A . n 
A 1 26  ALA 26  18  18  ALA ALA A . n 
A 1 27  LYS 27  19  19  LYS LYS A . n 
A 1 28  VAL 28  20  20  VAL VAL A . n 
A 1 29  ALA 29  21  21  ALA ALA A . n 
A 1 30  GLU 30  22  22  GLU GLU A . n 
A 1 31  THR 31  23  23  THR THR A . n 
A 1 32  SER 32  24  24  SER SER A . n 
A 1 33  LYS 33  25  25  LYS LYS A . n 
A 1 34  ALA 34  26  26  ALA ALA A . n 
A 1 35  LEU 35  27  27  LEU LEU A . n 
A 1 36  ALA 36  28  28  ALA ALA A . n 
A 1 37  PHE 37  29  29  PHE PHE A . n 
A 1 38  MET 38  30  30  MET MET A . n 
A 1 39  ASP 39  31  31  ASP ASP A . n 
A 1 40  ILE 40  32  32  ILE ILE A . n 
A 1 41  ASN 41  33  33  ASN ASN A . n 
A 1 42  PRO 42  34  34  PRO PRO A . n 
A 1 43  LEU 43  35  35  LEU LEU A . n 
A 1 44  SER 44  36  36  SER SER A . n 
A 1 45  ARG 45  37  37  ARG ARG A . n 
A 1 46  GLY 46  38  38  GLY GLY A . n 
A 1 47  HIS 47  39  39  HIS HIS A . n 
A 1 48  MET 48  40  40  MET MET A . n 
A 1 49  LEU 49  41  41  LEU LEU A . n 
A 1 50  VAL 50  42  42  VAL VAL A . n 
A 1 51  ILE 51  43  43  ILE ILE A . n 
A 1 52  PRO 52  44  44  PRO PRO A . n 
A 1 53  LYS 53  45  45  LYS LYS A . n 
A 1 54  GLU 54  46  46  GLU GLU A . n 
A 1 55  HIS 55  47  47  HIS HIS A . n 
A 1 56  ALA 56  48  48  ALA ALA A . n 
A 1 57  SER 57  49  49  SER SER A . n 
A 1 58  CYS 58  50  50  CYS CYS A . n 
A 1 59  LEU 59  51  51  LEU LEU A . n 
A 1 60  HIS 60  52  52  HIS HIS A . n 
A 1 61  GLU 61  53  53  GLU GLU A . n 
A 1 62  LEU 62  54  54  LEU LEU A . n 
A 1 63  GLY 63  55  55  GLY GLY A . n 
A 1 64  MET 64  56  56  MET MET A . n 
A 1 65  GLU 65  57  57  GLU GLU A . n 
A 1 66  ASP 66  58  58  ASP ASP A . n 
A 1 67  ALA 67  59  59  ALA ALA A . n 
A 1 68  ALA 68  60  60  ALA ALA A . n 
A 1 69  ASP 69  61  61  ASP ASP A . n 
A 1 70  VAL 70  62  62  VAL VAL A . n 
A 1 71  GLY 71  63  63  GLY GLY A . n 
A 1 72  VAL 72  64  64  VAL VAL A . n 
A 1 73  LEU 73  65  65  LEU LEU A . n 
A 1 74  LEU 74  66  66  LEU LEU A . n 
A 1 75  ALA 75  67  67  ALA ALA A . n 
A 1 76  LYS 76  68  68  LYS LYS A . n 
A 1 77  ALA 77  69  69  ALA ALA A . n 
A 1 78  SER 78  70  70  SER SER A . n 
A 1 79  ARG 79  71  71  ARG ARG A . n 
A 1 80  ALA 80  72  72  ALA ALA A . n 
A 1 81  VAL 81  73  73  VAL VAL A . n 
A 1 82  ALA 82  74  74  ALA ALA A . n 
A 1 83  GLY 83  75  75  GLY GLY A . n 
A 1 84  PRO 84  76  76  PRO PRO A . n 
A 1 85  ASP 85  77  77  ASP ASP A . n 
A 1 86  GLY 86  78  78  GLY GLY A . n 
A 1 87  SER 87  79  79  SER SER A . n 
A 1 88  MET 88  80  80  MET MET A . n 
A 1 89  GLN 89  81  81  GLN GLN A . n 
A 1 90  TYR 90  82  82  TYR TYR A . n 
A 1 91  ASN 91  83  83  ASN ASN A . n 
A 1 92  VAL 92  84  84  VAL VAL A . n 
A 1 93  LEU 93  85  85  LEU LEU A . n 
A 1 94  GLN 94  86  86  GLN GLN A . n 
A 1 95  ASN 95  87  87  ASN ASN A . n 
A 1 96  ASN 96  88  88  ASN ASN A . n 
A 1 97  GLY 97  89  89  GLY GLY A . n 
A 1 98  SER 98  90  90  SER SER A . n 
A 1 99  LEU 99  91  91  LEU LEU A . n 
A 1 100 ALA 100 92  92  ALA ALA A . n 
A 1 101 HIS 101 93  93  HIS HIS A . n 
A 1 102 GLN 102 94  94  GLN GLN A . n 
A 1 103 GLU 103 95  95  GLU GLU A . n 
A 1 104 VAL 104 96  96  VAL VAL A . n 
A 1 105 PRO 105 97  97  PRO PRO A . n 
A 1 106 HIS 106 98  98  HIS HIS A . n 
A 1 107 VAL 107 99  99  VAL VAL A . n 
A 1 108 HIS 108 100 100 HIS HIS A . n 
A 1 109 PHE 109 101 101 PHE PHE A . n 
A 1 110 HIS 110 102 102 HIS HIS A . n 
A 1 111 ILE 111 103 103 ILE ILE A . n 
A 1 112 ILE 112 104 104 ILE ILE A . n 
A 1 113 PRO 113 105 105 PRO PRO A . n 
A 1 114 LYS 114 106 106 LYS LYS A . n 
A 1 115 THR 115 107 107 THR THR A . n 
A 1 116 ASP 116 108 108 ASP ASP A . n 
A 1 117 GLU 117 109 109 GLU GLU A . n 
A 1 118 LYS 118 110 110 LYS LYS A . n 
A 1 119 THR 119 111 111 THR THR A . n 
A 1 120 GLY 120 112 112 GLY GLY A . n 
A 1 121 LEU 121 113 113 LEU LEU A . n 
A 1 122 LYS 122 114 114 LYS LYS A . n 
A 1 123 ILE 123 115 115 ILE ILE A . n 
A 1 124 GLY 124 116 116 GLY GLY A . n 
A 1 125 TRP 125 117 117 TRP TRP A . n 
A 1 126 ASP 126 118 118 ASP ASP A . n 
A 1 127 THR 127 119 119 THR THR A . n 
A 1 128 VAL 128 120 120 VAL VAL A . n 
A 1 129 LYS 129 121 121 LYS LYS A . n 
A 1 130 VAL 130 122 122 VAL VAL A . n 
A 1 131 ALA 131 123 123 ALA ALA A . n 
A 1 132 SER 132 124 124 SER SER A . n 
A 1 133 ASP 133 125 125 ASP ASP A . n 
A 1 134 GLU 134 126 126 GLU GLU A . n 
A 1 135 LEU 135 127 127 LEU LEU A . n 
A 1 136 ALA 136 128 128 ALA ALA A . n 
A 1 137 GLU 137 129 129 GLU GLU A . n 
A 1 138 ASP 138 130 130 ASP ASP A . n 
A 1 139 ALA 139 131 131 ALA ALA A . n 
A 1 140 LYS 140 132 132 LYS LYS A . n 
A 1 141 ARG 141 133 133 ARG ARG A . n 
A 1 142 TYR 142 134 134 TYR TYR A . n 
A 1 143 SER 143 135 135 SER SER A . n 
A 1 144 GLU 144 136 136 GLU GLU A . n 
A 1 145 ALA 145 137 137 ALA ALA A . n 
A 1 146 ILE 146 138 138 ILE ILE A . n 
A 1 147 ALA 147 139 139 ALA ALA A . n 
A 1 148 LYS 148 140 140 LYS LYS A . n 
A 1 149 ILE 149 141 141 ILE ILE A . n 
# 
loop_
_pdbx_nonpoly_scheme.asym_id 
_pdbx_nonpoly_scheme.entity_id 
_pdbx_nonpoly_scheme.mon_id 
_pdbx_nonpoly_scheme.ndb_seq_num 
_pdbx_nonpoly_scheme.pdb_seq_num 
_pdbx_nonpoly_scheme.auth_seq_num 
_pdbx_nonpoly_scheme.pdb_mon_id 
_pdbx_nonpoly_scheme.auth_mon_id 
_pdbx_nonpoly_scheme.pdb_strand_id 
_pdbx_nonpoly_scheme.pdb_ins_code 
B 2 ZN  1  201 201 ZN  ZN  A . 
C 3 HOH 1  142 1   HOH HOH A . 
C 3 HOH 2  143 2   HOH HOH A . 
C 3 HOH 3  144 3   HOH HOH A . 
C 3 HOH 4  145 4   HOH HOH A . 
C 3 HOH 5  146 5   HOH HOH A . 
C 3 HOH 6  147 6   HOH HOH A . 
C 3 HOH 7  148 7   HOH HOH A . 
C 3 HOH 8  149 8   HOH HOH A . 
C 3 HOH 9  150 9   HOH HOH A . 
C 3 HOH 10 151 10  HOH HOH A . 
C 3 HOH 11 152 11  HOH HOH A . 
C 3 HOH 12 153 12  HOH HOH A . 
C 3 HOH 13 154 13  HOH HOH A . 
C 3 HOH 14 155 14  HOH HOH A . 
C 3 HOH 15 156 15  HOH HOH A . 
C 3 HOH 16 157 16  HOH HOH A . 
C 3 HOH 17 158 17  HOH HOH A . 
C 3 HOH 18 159 18  HOH HOH A . 
C 3 HOH 19 160 19  HOH HOH A . 
C 3 HOH 20 161 20  HOH HOH A . 
C 3 HOH 21 162 21  HOH HOH A . 
C 3 HOH 22 163 22  HOH HOH A . 
C 3 HOH 23 164 23  HOH HOH A . 
C 3 HOH 24 165 24  HOH HOH A . 
# 
loop_
_pdbx_unobs_or_zero_occ_atoms.id 
_pdbx_unobs_or_zero_occ_atoms.PDB_model_num 
_pdbx_unobs_or_zero_occ_atoms.polymer_flag 
_pdbx_unobs_or_zero_occ_atoms.occupancy_flag 
_pdbx_unobs_or_zero_occ_atoms.auth_asym_id 
_pdbx_unobs_or_zero_occ_atoms.auth_comp_id 
_pdbx_unobs_or_zero_occ_atoms.auth_seq_id 
_pdbx_unobs_or_zero_occ_atoms.PDB_ins_code 
_pdbx_unobs_or_zero_occ_atoms.auth_atom_id 
_pdbx_unobs_or_zero_occ_atoms.label_alt_id 
_pdbx_unobs_or_zero_occ_atoms.label_asym_id 
_pdbx_unobs_or_zero_occ_atoms.label_comp_id 
_pdbx_unobs_or_zero_occ_atoms.label_seq_id 
_pdbx_unobs_or_zero_occ_atoms.label_atom_id 
1  1 Y 1 A LYS 12  ? CD ? A LYS 20  CD 
2  1 Y 1 A LYS 12  ? CE ? A LYS 20  CE 
3  1 Y 1 A LYS 12  ? NZ ? A LYS 20  NZ 
4  1 Y 1 A MET 56  ? CE ? A MET 64  CE 
5  1 Y 1 A LYS 110 ? CG ? A LYS 118 CG 
6  1 Y 1 A LYS 110 ? CD ? A LYS 118 CD 
7  1 Y 1 A LYS 110 ? CE ? A LYS 118 CE 
8  1 Y 1 A LYS 110 ? NZ ? A LYS 118 NZ 
9  1 Y 1 A LYS 121 ? CG ? A LYS 129 CG 
10 1 Y 1 A LYS 121 ? CD ? A LYS 129 CD 
11 1 Y 1 A LYS 121 ? CE ? A LYS 129 CE 
12 1 Y 1 A LYS 121 ? NZ ? A LYS 129 NZ 
# 
loop_
_software.pdbx_ordinal 
_software.name 
_software.version 
_software.date 
_software.type 
_software.contact_author 
_software.contact_author_email 
_software.classification 
_software.location 
_software.language 
_software.citation_id 
1 DENZO       .               ?               package 'Zbyszek Otwinowski' hkl@hkl-xray.com      'data reduction'  
http://www.hkl-xray.com/                     ?          ? 
2 SCALEPACK   .               ?               package 'Zbyszek Otwinowski' hkl@hkl-xray.com      'data scaling'    
http://www.hkl-xray.com/                     ?          ? 
3 REFMAC      refmac_5.5.0096 24/04/2001      program 'Garib N. Murshudov' garib@ysbl.york.ac.uk refinement        
http://www.ccp4.ac.uk/dist/html/refmac5.html Fortran_77 ? 
4 PDB_EXTRACT 3.005           'June 11, 2008' package PDB                  help@deposit.rcsb.org 'data extraction' 
http://sw-tools.pdb.org/apps/PDB_EXTRACT/    C++        ? 
5 HKL-2000    .               ?               ?       ?                    ?                     'data reduction'  ? ?          ? 
6 BALBES      .               ?               ?       ?                    ?                     phasing           ? ?          ? 
# 
_cell.length_a           52.628 
_cell.length_b           67.764 
_cell.length_c           76.182 
_cell.angle_alpha        90.000 
_cell.angle_beta         90.000 
_cell.angle_gamma        90.000 
_cell.entry_id           3KSV 
_cell.pdbx_unique_axis   ? 
_cell.Z_PDB              8 
_cell.length_a_esd       ? 
_cell.length_b_esd       ? 
_cell.length_c_esd       ? 
_cell.angle_alpha_esd    ? 
_cell.angle_beta_esd     ? 
_cell.angle_gamma_esd    ? 
# 
_symmetry.space_group_name_H-M             'C 2 2 21' 
_symmetry.entry_id                         3KSV 
_symmetry.Int_Tables_number                20 
_symmetry.pdbx_full_space_group_name_H-M   ? 
_symmetry.cell_setting                     ? 
_symmetry.space_group_name_Hall            ? 
# 
_exptl.crystals_number   1 
_exptl.entry_id          3KSV 
_exptl.method            'X-RAY DIFFRACTION' 
# 
_exptl_crystal.id                    1 
_exptl_crystal.density_Matthews      2.09 
_exptl_crystal.density_meas          ? 
_exptl_crystal.density_percent_sol   41.17 
_exptl_crystal.description           ? 
_exptl_crystal.F_000                 ? 
_exptl_crystal.preparation           ? 
# 
_exptl_crystal_grow.crystal_id      1 
_exptl_crystal_grow.method          'VAPOR DIFFUSION' 
_exptl_crystal_grow.pH              9.2 
_exptl_crystal_grow.temp            293 
_exptl_crystal_grow.pdbx_details    
;protein buffer 25 mM HEPES pH 7.25, 125 mM NaCl; crystallization buffer 0.1 M TRIX/Glycine pH 9.2, 0.2 M MgCl2, 28% PEG 4000, vapor diffusion, temperature 293K
;
_exptl_crystal_grow.temp_details    ? 
_exptl_crystal_grow.pdbx_pH_range   ? 
# 
_diffrn.id                     1 
_diffrn.ambient_temp           100 
_diffrn.ambient_temp_details   ? 
_diffrn.crystal_id             1 
# 
_diffrn_detector.diffrn_id              1 
_diffrn_detector.detector               CCD 
_diffrn_detector.type                   'ADSC QUANTUM 315' 
_diffrn_detector.pdbx_collection_date   2003-07-08 
_diffrn_detector.details                ? 
# 
_diffrn_radiation.diffrn_id                        1 
_diffrn_radiation.pdbx_diffrn_protocol             'SINGLE WAVELENGTH' 
_diffrn_radiation.monochromator                    ? 
_diffrn_radiation.wavelength_id                    1 
_diffrn_radiation.pdbx_monochromatic_or_laue_m_l   ? 
_diffrn_radiation.pdbx_scattering_type             x-ray 
# 
_diffrn_radiation_wavelength.id           1 
_diffrn_radiation_wavelength.wavelength   0.9784 
_diffrn_radiation_wavelength.wt           1.0 
# 
_diffrn_source.diffrn_id                   1 
_diffrn_source.source                      SYNCHROTRON 
_diffrn_source.type                        'ALS BEAMLINE 8.2.2' 
_diffrn_source.pdbx_wavelength_list        0.9784 
_diffrn_source.pdbx_wavelength             ? 
_diffrn_source.pdbx_synchrotron_site       ALS 
_diffrn_source.pdbx_synchrotron_beamline   8.2.2 
# 
_reflns.entry_id                     3KSV 
_reflns.d_resolution_high            1.900 
_reflns.d_resolution_low             40.000 
_reflns.number_obs                   8847 
_reflns.pdbx_Rmerge_I_obs            0.067 
_reflns.pdbx_netI_over_sigmaI        13.400 
_reflns.pdbx_chi_squared             1.097 
_reflns.pdbx_redundancy              6.500 
_reflns.percent_possible_obs         79.500 
_reflns.observed_criterion_sigma_F   ? 
_reflns.observed_criterion_sigma_I   ? 
_reflns.number_all                   ? 
_reflns.pdbx_Rsym_value              ? 
_reflns.B_iso_Wilson_estimate        ? 
_reflns.R_free_details               ? 
_reflns.limit_h_max                  ? 
_reflns.limit_h_min                  ? 
_reflns.limit_k_max                  ? 
_reflns.limit_k_min                  ? 
_reflns.limit_l_max                  ? 
_reflns.limit_l_min                  ? 
_reflns.observed_criterion_F_max     ? 
_reflns.observed_criterion_F_min     ? 
_reflns.pdbx_scaling_rejects         ? 
_reflns.pdbx_ordinal                 1 
_reflns.pdbx_diffrn_id               1 
# 
loop_
_reflns_shell.d_res_high 
_reflns_shell.d_res_low 
_reflns_shell.number_measured_obs 
_reflns_shell.number_measured_all 
_reflns_shell.number_unique_obs 
_reflns_shell.Rmerge_I_obs 
_reflns_shell.meanI_over_sigI_obs 
_reflns_shell.pdbx_Rsym_value 
_reflns_shell.pdbx_chi_squared 
_reflns_shell.pdbx_redundancy 
_reflns_shell.percent_possible_obs 
_reflns_shell.number_unique_all 
_reflns_shell.percent_possible_all 
_reflns_shell.pdbx_ordinal 
_reflns_shell.pdbx_diffrn_id 
1.90 1.97  ? ? ? 0.229 ? ? 0.949 5.80 ? 586  53.80 1  1 
1.97 2.05  ? ? ? 0.189 ? ? 0.929 6.00 ? 631  57.10 2  1 
2.05 2.14  ? ? ? 0.158 ? ? 1.055 6.20 ? 683  62.70 3  1 
2.14 2.25  ? ? ? 0.130 ? ? 1.267 6.30 ? 742  67.40 4  1 
2.25 2.39  ? ? ? 0.109 ? ? 1.237 6.40 ? 833  76.40 5  1 
2.39 2.58  ? ? ? 0.107 ? ? 1.179 6.60 ? 899  82.50 6  1 
2.58 2.84  ? ? ? 0.090 ? ? 1.030 6.60 ? 1077 95.60 7  1 
2.84 3.25  ? ? ? 0.083 ? ? 1.105 7.00 ? 1103 99.70 8  1 
3.25 4.09  ? ? ? 0.061 ? ? 1.048 6.80 ? 1129 99.90 9  1 
4.09 40.00 ? ? ? 0.047 ? ? 1.106 6.60 ? 1164 97.40 10 1 
# 
_refine.entry_id                                 3KSV 
_refine.ls_d_res_high                            1.900 
_refine.ls_d_res_low                             40.000 
_refine.pdbx_ls_sigma_F                          0.00 
_refine.pdbx_data_cutoff_high_absF               ? 
_refine.pdbx_data_cutoff_low_absF                ? 
_refine.ls_percent_reflns_obs                    79.330 
_refine.ls_number_reflns_obs                     8787 
_refine.ls_number_reflns_all                     ? 
_refine.pdbx_ls_cross_valid_method               THROUGHOUT 
_refine.pdbx_R_Free_selection_details            RANDOM 
_refine.details                                  'HYDROGENS HAVE BEEN ADDED IN THE RIDING POSITIONS U VALUES      : RESIDUAL ONLY' 
_refine.ls_R_factor_all                          ? 
_refine.ls_R_factor_obs                          0.200 
_refine.ls_R_factor_R_work                       0.198 
_refine.ls_wR_factor_R_work                      0.206 
_refine.ls_R_factor_R_free                       0.226 
_refine.ls_wR_factor_R_free                      0.240 
_refine.ls_percent_reflns_R_free                 4.700 
_refine.ls_number_reflns_R_free                  414 
_refine.ls_R_factor_R_free_error                 ? 
_refine.B_iso_mean                               23.938 
_refine.solvent_model_param_bsol                 ? 
_refine.solvent_model_param_ksol                 ? 
_refine.pdbx_isotropic_thermal_model             ? 
_refine.aniso_B[1][1]                            -44.610 
_refine.aniso_B[2][2]                            102.010 
_refine.aniso_B[3][3]                            -57.400 
_refine.aniso_B[1][2]                            0.000 
_refine.aniso_B[1][3]                            0.000 
_refine.aniso_B[2][3]                            0.000 
_refine.correlation_coeff_Fo_to_Fc               0.958 
_refine.correlation_coeff_Fo_to_Fc_free          0.956 
_refine.overall_SU_R_Cruickshank_DPI             ? 
_refine.overall_SU_R_free                        ? 
_refine.pdbx_overall_ESU_R                       0.045 
_refine.pdbx_overall_ESU_R_Free                  0.036 
_refine.overall_SU_ML                            0.095 
_refine.overall_SU_B                             8.158 
_refine.solvent_model_details                    MASK 
_refine.pdbx_solvent_vdw_probe_radii             1.400 
_refine.pdbx_solvent_ion_probe_radii             0.800 
_refine.pdbx_solvent_shrinkage_radii             0.800 
_refine.ls_number_parameters                     ? 
_refine.ls_number_restraints                     ? 
_refine.pdbx_starting_model                      ? 
_refine.pdbx_method_to_determine_struct          'MOLECULAR REPLACEMENT' 
_refine.pdbx_stereochemistry_target_values       'MAXIMUM LIKELIHOOD' 
_refine.pdbx_stereochem_target_val_spec_case     ? 
_refine.overall_FOM_work_R_set                   ? 
_refine.B_iso_max                                74.71 
_refine.B_iso_min                                9.66 
_refine.occupancy_max                            1.00 
_refine.occupancy_min                            0.50 
_refine.pdbx_ls_sigma_I                          ? 
_refine.ls_redundancy_reflns_obs                 ? 
_refine.ls_R_factor_R_free_error_details         ? 
_refine.pdbx_data_cutoff_high_rms_absF           ? 
_refine.overall_FOM_free_R_set                   ? 
_refine.pdbx_overall_phase_error                 ? 
_refine.pdbx_refine_id                           'X-RAY DIFFRACTION' 
_refine.pdbx_TLS_residual_ADP_flag               'LIKELY RESIDUAL' 
_refine.pdbx_diffrn_id                           1 
_refine.pdbx_overall_SU_R_free_Cruickshank_DPI   ? 
_refine.pdbx_overall_SU_R_Blow_DPI               ? 
_refine.pdbx_overall_SU_R_free_Blow_DPI          ? 
# 
_refine_hist.pdbx_refine_id                   'X-RAY DIFFRACTION' 
_refine_hist.cycle_id                         LAST 
_refine_hist.pdbx_number_atoms_protein        1049 
_refine_hist.pdbx_number_atoms_nucleic_acid   0 
_refine_hist.pdbx_number_atoms_ligand         1 
_refine_hist.number_atoms_solvent             24 
_refine_hist.number_atoms_total               1074 
_refine_hist.d_res_high                       1.900 
_refine_hist.d_res_low                        40.000 
# 
loop_
_refine_ls_restr.type 
_refine_ls_restr.number 
_refine_ls_restr.dev_ideal 
_refine_ls_restr.dev_ideal_target 
_refine_ls_restr.weight 
_refine_ls_restr.pdbx_refine_id 
_refine_ls_restr.pdbx_restraint_function 
r_bond_refined_d       1068 0.012  0.022  ? 'X-RAY DIFFRACTION' ? 
r_bond_other_d         696  0.001  0.020  ? 'X-RAY DIFFRACTION' ? 
r_angle_refined_deg    1447 1.311  1.955  ? 'X-RAY DIFFRACTION' ? 
r_angle_other_deg      1722 0.877  3.000  ? 'X-RAY DIFFRACTION' ? 
r_dihedral_angle_1_deg 140  6.131  5.000  ? 'X-RAY DIFFRACTION' ? 
r_dihedral_angle_2_deg 42   42.312 25.476 ? 'X-RAY DIFFRACTION' ? 
r_dihedral_angle_3_deg 181  14.024 15.000 ? 'X-RAY DIFFRACTION' ? 
r_dihedral_angle_4_deg 3    8.983  15.000 ? 'X-RAY DIFFRACTION' ? 
r_chiral_restr         168  0.078  0.200  ? 'X-RAY DIFFRACTION' ? 
r_gen_planes_refined   1194 0.005  0.021  ? 'X-RAY DIFFRACTION' ? 
r_gen_planes_other     188  0.001  0.020  ? 'X-RAY DIFFRACTION' ? 
r_mcbond_it            701  0.598  1.500  ? 'X-RAY DIFFRACTION' ? 
r_mcbond_other         284  0.126  1.500  ? 'X-RAY DIFFRACTION' ? 
r_mcangle_it           1120 1.155  2.000  ? 'X-RAY DIFFRACTION' ? 
r_scbond_it            367  1.869  3.000  ? 'X-RAY DIFFRACTION' ? 
r_scangle_it           327  3.064  4.500  ? 'X-RAY DIFFRACTION' ? 
# 
loop_
_refine_ls_shell.pdbx_total_number_of_bins_used 
_refine_ls_shell.d_res_low 
_refine_ls_shell.d_res_high 
_refine_ls_shell.number_reflns_all 
_refine_ls_shell.percent_reflns_obs 
_refine_ls_shell.number_reflns_R_work 
_refine_ls_shell.R_factor_R_work 
_refine_ls_shell.number_reflns_R_free 
_refine_ls_shell.R_factor_R_free 
_refine_ls_shell.number_reflns_obs 
_refine_ls_shell.R_factor_R_free_error 
_refine_ls_shell.percent_reflns_R_free 
_refine_ls_shell.redundancy_reflns_obs 
_refine_ls_shell.R_factor_all 
_refine_ls_shell.pdbx_refine_id 
20 1.949  1.900 821 52.253  409 0.272 20 0.362 . . . . . 'X-RAY DIFFRACTION' 
20 2.002  1.949 763 56.356  413 0.266 17 0.170 . . . . . 'X-RAY DIFFRACTION' 
20 2.060  2.002 770 57.922  433 0.235 13 0.302 . . . . . 'X-RAY DIFFRACTION' 
20 2.123  2.060 746 63.271  446 0.213 26 0.289 . . . . . 'X-RAY DIFFRACTION' 
20 2.192  2.123 719 65.786  450 0.209 23 0.261 . . . . . 'X-RAY DIFFRACTION' 
20 2.269  2.192 693 67.388  443 0.188 24 0.287 . . . . . 'X-RAY DIFFRACTION' 
20 2.354  2.269 657 76.865  474 0.212 31 0.253 . . . . . 'X-RAY DIFFRACTION' 
20 2.450  2.354 653 78.407  489 0.187 23 0.215 . . . . . 'X-RAY DIFFRACTION' 
20 2.559  2.450 628 82.803  492 0.218 28 0.319 . . . . . 'X-RAY DIFFRACTION' 
20 2.683  2.559 614 91.531  542 0.208 20 0.211 . . . . . 'X-RAY DIFFRACTION' 
20 2.828  2.683 564 98.759  522 0.214 35 0.260 . . . . . 'X-RAY DIFFRACTION' 
20 2.998  2.828 530 99.623  503 0.236 25 0.215 . . . . . 'X-RAY DIFFRACTION' 
20 3.204  2.998 509 99.804  487 0.231 21 0.163 . . . . . 'X-RAY DIFFRACTION' 
20 3.459  3.204 479 100.000 462 0.209 17 0.247 . . . . . 'X-RAY DIFFRACTION' 
20 3.787  3.459 449 99.777  422 0.180 26 0.257 . . . . . 'X-RAY DIFFRACTION' 
20 4.229  3.787 405 99.259  380 0.172 22 0.206 . . . . . 'X-RAY DIFFRACTION' 
20 4.875  4.229 364 99.176  340 0.150 21 0.154 . . . . . 'X-RAY DIFFRACTION' 
20 5.950  4.875 306 99.020  293 0.176 10 0.209 . . . . . 'X-RAY DIFFRACTION' 
20 8.330  5.950 251 98.805  240 0.190 8  0.312 . . . . . 'X-RAY DIFFRACTION' 
20 41.562 8.330 156 87.821  133 0.208 4  0.125 . . . . . 'X-RAY DIFFRACTION' 
# 
_struct.entry_id                  3KSV 
_struct.title                     'Hypothetical protein from Leishmania major' 
_struct.pdbx_model_details        ? 
_struct.pdbx_CASP_flag            ? 
_struct.pdbx_model_type_details   ? 
# 
_struct_keywords.entry_id        3KSV 
_struct_keywords.text            
'HIT family, Structural Genomics, Structural Genomics of Pathogenic Protozoa Consortium, SGPP, UNKNOWN FUNCTION' 
_struct_keywords.pdbx_keywords   'UNKNOWN FUNCTION' 
# 
loop_
_struct_asym.id 
_struct_asym.pdbx_blank_PDB_chainid_flag 
_struct_asym.pdbx_modified 
_struct_asym.entity_id 
_struct_asym.details 
A N N 1 ? 
B N N 2 ? 
C N N 3 ? 
# 
_struct_ref.id                         1 
_struct_ref.db_name                    UNP 
_struct_ref.db_code                    Q4QFW1_LEIMA 
_struct_ref.pdbx_db_accession          Q4QFW1 
_struct_ref.entity_id                  1 
_struct_ref.pdbx_seq_one_letter_code   
;MAANCIFCKIIKGDIPCAKVAETSKALAFMDINPLSRGHMLVIPKEHASCLHELGMEDAADVGVLLAKASRAVAGPDGSM
QYNVLQNNGSLAHQEVPHVHFHIIPKTDEKTGLKIGWDTVKVASDELAEDAKRYSEAIAKI
;
_struct_ref.pdbx_align_begin           1 
_struct_ref.pdbx_db_isoform            ? 
# 
_struct_ref_seq.align_id                      1 
_struct_ref_seq.ref_id                        1 
_struct_ref_seq.pdbx_PDB_id_code              3KSV 
_struct_ref_seq.pdbx_strand_id                A 
_struct_ref_seq.seq_align_beg                 9 
_struct_ref_seq.pdbx_seq_align_beg_ins_code   ? 
_struct_ref_seq.seq_align_end                 149 
_struct_ref_seq.pdbx_seq_align_end_ins_code   ? 
_struct_ref_seq.pdbx_db_accession             Q4QFW1 
_struct_ref_seq.db_align_beg                  1 
_struct_ref_seq.pdbx_db_align_beg_ins_code    ? 
_struct_ref_seq.db_align_end                  141 
_struct_ref_seq.pdbx_db_align_end_ins_code    ? 
_struct_ref_seq.pdbx_auth_seq_align_beg       1 
_struct_ref_seq.pdbx_auth_seq_align_end       141 
# 
loop_
_struct_ref_seq_dif.align_id 
_struct_ref_seq_dif.pdbx_pdb_id_code 
_struct_ref_seq_dif.mon_id 
_struct_ref_seq_dif.pdbx_pdb_strand_id 
_struct_ref_seq_dif.seq_num 
_struct_ref_seq_dif.pdbx_pdb_ins_code 
_struct_ref_seq_dif.pdbx_seq_db_name 
_struct_ref_seq_dif.pdbx_seq_db_accession_code 
_struct_ref_seq_dif.db_mon_id 
_struct_ref_seq_dif.pdbx_seq_db_seq_num 
_struct_ref_seq_dif.details 
_struct_ref_seq_dif.pdbx_auth_seq_num 
_struct_ref_seq_dif.pdbx_ordinal 
1 3KSV MET A 1 ? UNP Q4QFW1 ? ? insertion -7 1 
1 3KSV ALA A 2 ? UNP Q4QFW1 ? ? insertion -6 2 
1 3KSV HIS A 3 ? UNP Q4QFW1 ? ? insertion -5 3 
1 3KSV HIS A 4 ? UNP Q4QFW1 ? ? insertion -4 4 
1 3KSV HIS A 5 ? UNP Q4QFW1 ? ? insertion -3 5 
1 3KSV HIS A 6 ? UNP Q4QFW1 ? ? insertion -2 6 
1 3KSV HIS A 7 ? UNP Q4QFW1 ? ? insertion -1 7 
1 3KSV HIS A 8 ? UNP Q4QFW1 ? ? insertion 0  8 
# 
_pdbx_struct_assembly.id                   1 
_pdbx_struct_assembly.details              author_and_software_defined_assembly 
_pdbx_struct_assembly.method_details       PISA 
_pdbx_struct_assembly.oligomeric_details   dimeric 
_pdbx_struct_assembly.oligomeric_count     2 
# 
loop_
_pdbx_struct_assembly_prop.biol_id 
_pdbx_struct_assembly_prop.type 
_pdbx_struct_assembly_prop.value 
_pdbx_struct_assembly_prop.details 
1 'ABSA (A^2)' 6680  ? 
1 MORE         -51   ? 
1 'SSA (A^2)'  12340 ? 
# 
_pdbx_struct_assembly_gen.assembly_id       1 
_pdbx_struct_assembly_gen.oper_expression   1,2 
_pdbx_struct_assembly_gen.asym_id_list      A,B,C 
# 
loop_
_pdbx_struct_oper_list.id 
_pdbx_struct_oper_list.type 
_pdbx_struct_oper_list.name 
_pdbx_struct_oper_list.symmetry_operation 
_pdbx_struct_oper_list.matrix[1][1] 
_pdbx_struct_oper_list.matrix[1][2] 
_pdbx_struct_oper_list.matrix[1][3] 
_pdbx_struct_oper_list.vector[1] 
_pdbx_struct_oper_list.matrix[2][1] 
_pdbx_struct_oper_list.matrix[2][2] 
_pdbx_struct_oper_list.matrix[2][3] 
_pdbx_struct_oper_list.vector[2] 
_pdbx_struct_oper_list.matrix[3][1] 
_pdbx_struct_oper_list.matrix[3][2] 
_pdbx_struct_oper_list.matrix[3][3] 
_pdbx_struct_oper_list.vector[3] 
1 'identity operation'         1_555 x,y,z       1.0000000000  0.0000000000 0.0000000000 0.0000000000 0.0000000000 1.0000000000 0.0000000000 0.0000000000  0.0000000000 0.0000000000 1.0000000000  0.0000000000 
2 'crystal symmetry operation' 3_554 -x,y,-z-1/2 -0.2532811099 0.9274229086 0.2752007049 7.6350742982 0.9274229086 0.1518568270 0.3417985557 -6.2664305424 0.2752007049 0.3417985557 -0.8985757171 0.4010783121 
# 
_struct_biol.id        1 
_struct_biol.details   ? 
# 
loop_
_struct_conf.conf_type_id 
_struct_conf.id 
_struct_conf.pdbx_PDB_helix_id 
_struct_conf.beg_label_comp_id 
_struct_conf.beg_label_asym_id 
_struct_conf.beg_label_seq_id 
_struct_conf.pdbx_beg_PDB_ins_code 
_struct_conf.end_label_comp_id 
_struct_conf.end_label_asym_id 
_struct_conf.end_label_seq_id 
_struct_conf.pdbx_end_PDB_ins_code 
_struct_conf.beg_auth_comp_id 
_struct_conf.beg_auth_asym_id 
_struct_conf.beg_auth_seq_id 
_struct_conf.end_auth_comp_id 
_struct_conf.end_auth_asym_id 
_struct_conf.end_auth_seq_id 
_struct_conf.pdbx_PDB_helix_class 
_struct_conf.details 
_struct_conf.pdbx_PDB_helix_length 
HELX_P HELX_P1 1 CYS A 13  ? LYS A 20  ? CYS A 5   LYS A 12  1 ? 8  
HELX_P HELX_P2 2 CYS A 58  ? LEU A 62  ? CYS A 50  LEU A 54  5 ? 5  
HELX_P HELX_P3 3 GLY A 63  ? GLY A 83  ? GLY A 55  GLY A 75  1 ? 21 
HELX_P HELX_P4 4 ALA A 131 ? LYS A 148 ? ALA A 123 LYS A 140 1 ? 18 
# 
_struct_conf_type.id          HELX_P 
_struct_conf_type.criteria    ? 
_struct_conf_type.reference   ? 
# 
loop_
_struct_conn.id 
_struct_conn.conn_type_id 
_struct_conn.pdbx_leaving_atom_flag 
_struct_conn.pdbx_PDB_id 
_struct_conn.ptnr1_label_asym_id 
_struct_conn.ptnr1_label_comp_id 
_struct_conn.ptnr1_label_seq_id 
_struct_conn.ptnr1_label_atom_id 
_struct_conn.pdbx_ptnr1_label_alt_id 
_struct_conn.pdbx_ptnr1_PDB_ins_code 
_struct_conn.pdbx_ptnr1_standard_comp_id 
_struct_conn.ptnr1_symmetry 
_struct_conn.ptnr2_label_asym_id 
_struct_conn.ptnr2_label_comp_id 
_struct_conn.ptnr2_label_seq_id 
_struct_conn.ptnr2_label_atom_id 
_struct_conn.pdbx_ptnr2_label_alt_id 
_struct_conn.pdbx_ptnr2_PDB_ins_code 
_struct_conn.ptnr1_auth_asym_id 
_struct_conn.ptnr1_auth_comp_id 
_struct_conn.ptnr1_auth_seq_id 
_struct_conn.ptnr2_auth_asym_id 
_struct_conn.ptnr2_auth_comp_id 
_struct_conn.ptnr2_auth_seq_id 
_struct_conn.ptnr2_symmetry 
_struct_conn.pdbx_ptnr3_label_atom_id 
_struct_conn.pdbx_ptnr3_label_seq_id 
_struct_conn.pdbx_ptnr3_label_comp_id 
_struct_conn.pdbx_ptnr3_label_asym_id 
_struct_conn.pdbx_ptnr3_label_alt_id 
_struct_conn.pdbx_ptnr3_PDB_ins_code 
_struct_conn.details 
_struct_conn.pdbx_dist_value 
_struct_conn.pdbx_value_order 
_struct_conn.pdbx_role 
metalc1 metalc ? ? A CYS 13  SG  ? ? ? 1_555 B ZN . ZN ? ? A CYS 5  A ZN 201 1_555 ? ? ? ? ? ? ? 2.105 ? ? 
metalc2 metalc ? ? A CYS 16  SG  ? ? ? 1_555 B ZN . ZN ? ? A CYS 8  A ZN 201 1_555 ? ? ? ? ? ? ? 2.478 ? ? 
metalc3 metalc ? ? A HIS 55  ND1 ? ? ? 1_555 B ZN . ZN ? ? A HIS 47 A ZN 201 1_555 ? ? ? ? ? ? ? 1.985 ? ? 
metalc4 metalc ? ? A HIS 106 ND1 ? ? ? 1_555 B ZN . ZN ? ? A HIS 98 A ZN 201 1_555 ? ? ? ? ? ? ? 2.258 ? ? 
# 
_struct_conn_type.id          metalc 
_struct_conn_type.criteria    ? 
_struct_conn_type.reference   ? 
# 
loop_
_pdbx_struct_conn_angle.id 
_pdbx_struct_conn_angle.ptnr1_label_atom_id 
_pdbx_struct_conn_angle.ptnr1_label_alt_id 
_pdbx_struct_conn_angle.ptnr1_label_asym_id 
_pdbx_struct_conn_angle.ptnr1_label_comp_id 
_pdbx_struct_conn_angle.ptnr1_label_seq_id 
_pdbx_struct_conn_angle.ptnr1_auth_atom_id 
_pdbx_struct_conn_angle.ptnr1_auth_asym_id 
_pdbx_struct_conn_angle.ptnr1_auth_comp_id 
_pdbx_struct_conn_angle.ptnr1_auth_seq_id 
_pdbx_struct_conn_angle.ptnr1_PDB_ins_code 
_pdbx_struct_conn_angle.ptnr1_symmetry 
_pdbx_struct_conn_angle.ptnr2_label_atom_id 
_pdbx_struct_conn_angle.ptnr2_label_alt_id 
_pdbx_struct_conn_angle.ptnr2_label_asym_id 
_pdbx_struct_conn_angle.ptnr2_label_comp_id 
_pdbx_struct_conn_angle.ptnr2_label_seq_id 
_pdbx_struct_conn_angle.ptnr2_auth_atom_id 
_pdbx_struct_conn_angle.ptnr2_auth_asym_id 
_pdbx_struct_conn_angle.ptnr2_auth_comp_id 
_pdbx_struct_conn_angle.ptnr2_auth_seq_id 
_pdbx_struct_conn_angle.ptnr2_PDB_ins_code 
_pdbx_struct_conn_angle.ptnr2_symmetry 
_pdbx_struct_conn_angle.ptnr3_label_atom_id 
_pdbx_struct_conn_angle.ptnr3_label_alt_id 
_pdbx_struct_conn_angle.ptnr3_label_asym_id 
_pdbx_struct_conn_angle.ptnr3_label_comp_id 
_pdbx_struct_conn_angle.ptnr3_label_seq_id 
_pdbx_struct_conn_angle.ptnr3_auth_atom_id 
_pdbx_struct_conn_angle.ptnr3_auth_asym_id 
_pdbx_struct_conn_angle.ptnr3_auth_comp_id 
_pdbx_struct_conn_angle.ptnr3_auth_seq_id 
_pdbx_struct_conn_angle.ptnr3_PDB_ins_code 
_pdbx_struct_conn_angle.ptnr3_symmetry 
_pdbx_struct_conn_angle.value 
_pdbx_struct_conn_angle.value_esd 
1 SG  ? A CYS 13 ? A CYS 5  ? 1_555 ZN ? B ZN . ? A ZN 201 ? 1_555 SG  ? A CYS 16  ? A CYS 8  ? 1_555 120.6 ? 
2 SG  ? A CYS 13 ? A CYS 5  ? 1_555 ZN ? B ZN . ? A ZN 201 ? 1_555 ND1 ? A HIS 55  ? A HIS 47 ? 1_555 119.2 ? 
3 SG  ? A CYS 16 ? A CYS 8  ? 1_555 ZN ? B ZN . ? A ZN 201 ? 1_555 ND1 ? A HIS 55  ? A HIS 47 ? 1_555 95.5  ? 
4 SG  ? A CYS 13 ? A CYS 5  ? 1_555 ZN ? B ZN . ? A ZN 201 ? 1_555 ND1 ? A HIS 106 ? A HIS 98 ? 1_555 111.9 ? 
5 SG  ? A CYS 16 ? A CYS 8  ? 1_555 ZN ? B ZN . ? A ZN 201 ? 1_555 ND1 ? A HIS 106 ? A HIS 98 ? 1_555 105.0 ? 
6 ND1 ? A HIS 55 ? A HIS 47 ? 1_555 ZN ? B ZN . ? A ZN 201 ? 1_555 ND1 ? A HIS 106 ? A HIS 98 ? 1_555 101.9 ? 
# 
_struct_sheet.id               A 
_struct_sheet.type             ? 
_struct_sheet.number_strands   5 
_struct_sheet.details          ? 
# 
loop_
_struct_sheet_order.sheet_id 
_struct_sheet_order.range_id_1 
_struct_sheet_order.range_id_2 
_struct_sheet_order.offset 
_struct_sheet_order.sense 
A 1 2 ? anti-parallel 
A 2 3 ? anti-parallel 
A 3 4 ? anti-parallel 
A 4 5 ? anti-parallel 
# 
loop_
_struct_sheet_range.sheet_id 
_struct_sheet_range.id 
_struct_sheet_range.beg_label_comp_id 
_struct_sheet_range.beg_label_asym_id 
_struct_sheet_range.beg_label_seq_id 
_struct_sheet_range.pdbx_beg_PDB_ins_code 
_struct_sheet_range.end_label_comp_id 
_struct_sheet_range.end_label_asym_id 
_struct_sheet_range.end_label_seq_id 
_struct_sheet_range.pdbx_end_PDB_ins_code 
_struct_sheet_range.beg_auth_comp_id 
_struct_sheet_range.beg_auth_asym_id 
_struct_sheet_range.beg_auth_seq_id 
_struct_sheet_range.end_auth_comp_id 
_struct_sheet_range.end_auth_asym_id 
_struct_sheet_range.end_auth_seq_id 
A 1 LYS A 27  ? GLU A 30  ? LYS A 19  GLU A 22  
A 2 ALA A 34  ? MET A 38  ? ALA A 26  MET A 30  
A 3 MET A 48  ? PRO A 52  ? MET A 40  PRO A 44  
A 4 PHE A 109 ? LYS A 114 ? PHE A 101 LYS A 106 
A 5 GLN A 89  ? GLN A 94  ? GLN A 81  GLN A 86  
# 
loop_
_pdbx_struct_sheet_hbond.sheet_id 
_pdbx_struct_sheet_hbond.range_id_1 
_pdbx_struct_sheet_hbond.range_id_2 
_pdbx_struct_sheet_hbond.range_1_label_atom_id 
_pdbx_struct_sheet_hbond.range_1_label_comp_id 
_pdbx_struct_sheet_hbond.range_1_label_asym_id 
_pdbx_struct_sheet_hbond.range_1_label_seq_id 
_pdbx_struct_sheet_hbond.range_1_PDB_ins_code 
_pdbx_struct_sheet_hbond.range_1_auth_atom_id 
_pdbx_struct_sheet_hbond.range_1_auth_comp_id 
_pdbx_struct_sheet_hbond.range_1_auth_asym_id 
_pdbx_struct_sheet_hbond.range_1_auth_seq_id 
_pdbx_struct_sheet_hbond.range_2_label_atom_id 
_pdbx_struct_sheet_hbond.range_2_label_comp_id 
_pdbx_struct_sheet_hbond.range_2_label_asym_id 
_pdbx_struct_sheet_hbond.range_2_label_seq_id 
_pdbx_struct_sheet_hbond.range_2_PDB_ins_code 
_pdbx_struct_sheet_hbond.range_2_auth_atom_id 
_pdbx_struct_sheet_hbond.range_2_auth_comp_id 
_pdbx_struct_sheet_hbond.range_2_auth_asym_id 
_pdbx_struct_sheet_hbond.range_2_auth_seq_id 
A 1 2 N VAL A 28  ? N VAL A 20  O ALA A 36  ? O ALA A 28  
A 2 3 N LEU A 35  ? N LEU A 27  O ILE A 51  ? O ILE A 43  
A 3 4 N MET A 48  ? N MET A 40  O ILE A 111 ? O ILE A 103 
A 4 5 O ILE A 112 ? O ILE A 104 N ASN A 91  ? N ASN A 83  
# 
_struct_site.id                   AC1 
_struct_site.pdbx_evidence_code   Software 
_struct_site.pdbx_auth_asym_id    A 
_struct_site.pdbx_auth_comp_id    ZN 
_struct_site.pdbx_auth_seq_id     201 
_struct_site.pdbx_auth_ins_code   ? 
_struct_site.pdbx_num_residues    4 
_struct_site.details              'BINDING SITE FOR RESIDUE ZN A 201' 
# 
loop_
_struct_site_gen.id 
_struct_site_gen.site_id 
_struct_site_gen.pdbx_num_res 
_struct_site_gen.label_comp_id 
_struct_site_gen.label_asym_id 
_struct_site_gen.label_seq_id 
_struct_site_gen.pdbx_auth_ins_code 
_struct_site_gen.auth_comp_id 
_struct_site_gen.auth_asym_id 
_struct_site_gen.auth_seq_id 
_struct_site_gen.label_atom_id 
_struct_site_gen.label_alt_id 
_struct_site_gen.symmetry 
_struct_site_gen.details 
1 AC1 4 CYS A 13  ? CYS A 5  . ? 1_555 ? 
2 AC1 4 CYS A 16  ? CYS A 8  . ? 1_555 ? 
3 AC1 4 HIS A 55  ? HIS A 47 . ? 1_555 ? 
4 AC1 4 HIS A 106 ? HIS A 98 . ? 1_555 ? 
# 
loop_
_pdbx_validate_torsion.id 
_pdbx_validate_torsion.PDB_model_num 
_pdbx_validate_torsion.auth_comp_id 
_pdbx_validate_torsion.auth_asym_id 
_pdbx_validate_torsion.auth_seq_id 
_pdbx_validate_torsion.PDB_ins_code 
_pdbx_validate_torsion.label_alt_id 
_pdbx_validate_torsion.phi 
_pdbx_validate_torsion.psi 
1 1 ASN A 4   ? ? -92.13  31.63  
2 1 GLU A 95  ? ? -105.30 -61.21 
3 1 TRP A 117 ? ? -118.33 75.13  
# 
_pdbx_SG_project.id                    1 
_pdbx_SG_project.project_name          ? 
_pdbx_SG_project.full_name_of_center   'Structural Genomics of Pathogenic Protozoa Consortium' 
_pdbx_SG_project.initial_of_center     SGPP 
# 
loop_
_pdbx_refine_tls.pdbx_refine_id 
_pdbx_refine_tls.id 
_pdbx_refine_tls.details 
_pdbx_refine_tls.method 
_pdbx_refine_tls.origin_x 
_pdbx_refine_tls.origin_y 
_pdbx_refine_tls.origin_z 
_pdbx_refine_tls.T[1][1] 
_pdbx_refine_tls.T[2][2] 
_pdbx_refine_tls.T[3][3] 
_pdbx_refine_tls.T[1][2] 
_pdbx_refine_tls.T[1][3] 
_pdbx_refine_tls.T[2][3] 
_pdbx_refine_tls.L[1][1] 
_pdbx_refine_tls.L[2][2] 
_pdbx_refine_tls.L[3][3] 
_pdbx_refine_tls.L[1][2] 
_pdbx_refine_tls.L[1][3] 
_pdbx_refine_tls.L[2][3] 
_pdbx_refine_tls.S[1][1] 
_pdbx_refine_tls.S[2][2] 
_pdbx_refine_tls.S[3][3] 
_pdbx_refine_tls.S[1][2] 
_pdbx_refine_tls.S[1][3] 
_pdbx_refine_tls.S[2][3] 
_pdbx_refine_tls.S[2][1] 
_pdbx_refine_tls.S[3][1] 
_pdbx_refine_tls.S[3][2] 
'X-RAY DIFFRACTION' 1 ? refined -11.2184 10.3824  -5.5963  0.3901 0.8779 0.3216 -0.0153 -0.0917 0.1295  22.4024 24.3957 3.0181 5.3625  2.2829  10.1001 -0.5455 0.1214  0.4241  1.4717  0.6274  1.4269  -1.9332 -0.3506 -1.0136 
'X-RAY DIFFRACTION' 2 ? refined -2.6971  7.0397   3.2874   0.2406 0.2029 0.2601 0.0388  0.0144  0.0091  2.4664  1.3751  2.4746 -1.2350 -0.7821 0.2791  0.1263  0.0201  -0.1464 0.0479  0.3917  -0.0493 -0.0428 -0.4152 -0.1985 
'X-RAY DIFFRACTION' 3 ? refined -2.1885  -4.7091  4.0682   0.1635 0.2035 0.2563 -0.0123 -0.0038 0.0057  2.2650  2.1519  5.0722 -0.8234 -0.2813 -0.1553 -0.0798 0.0719  0.0080  -0.0507 -0.1679 0.1493  0.0587  0.1906  -0.2812 
'X-RAY DIFFRACTION' 4 ? refined 9.8880   -10.1261 -11.5836 0.3232 0.2536 0.2576 0.0291  -0.0347 -0.0065 3.2551  1.0413  3.3475 -1.4901 -1.7173 1.5839  -0.1006 -0.0174 0.1180  0.2960  -0.1460 0.0397  -0.2196 0.2601  -0.1001  
# 
loop_
_pdbx_refine_tls_group.pdbx_refine_id 
_pdbx_refine_tls_group.id 
_pdbx_refine_tls_group.refine_tls_id 
_pdbx_refine_tls_group.beg_auth_asym_id 
_pdbx_refine_tls_group.beg_auth_seq_id 
_pdbx_refine_tls_group.end_auth_asym_id 
_pdbx_refine_tls_group.end_auth_seq_id 
_pdbx_refine_tls_group.selection_details 
_pdbx_refine_tls_group.beg_label_asym_id 
_pdbx_refine_tls_group.beg_label_seq_id 
_pdbx_refine_tls_group.end_label_asym_id 
_pdbx_refine_tls_group.end_label_seq_id 
_pdbx_refine_tls_group.selection 
'X-RAY DIFFRACTION' 1 1 A 1   A 7   ? . . . . ? 
'X-RAY DIFFRACTION' 2 2 A 8   A 68  ? . . . . ? 
'X-RAY DIFFRACTION' 3 3 A 69  A 109 ? . . . . ? 
'X-RAY DIFFRACTION' 4 4 A 110 A 141 ? . . . . ? 
# 
_phasing.method   MR 
# 
loop_
_pdbx_unobs_or_zero_occ_residues.id 
_pdbx_unobs_or_zero_occ_residues.PDB_model_num 
_pdbx_unobs_or_zero_occ_residues.polymer_flag 
_pdbx_unobs_or_zero_occ_residues.occupancy_flag 
_pdbx_unobs_or_zero_occ_residues.auth_asym_id 
_pdbx_unobs_or_zero_occ_residues.auth_comp_id 
_pdbx_unobs_or_zero_occ_residues.auth_seq_id 
_pdbx_unobs_or_zero_occ_residues.PDB_ins_code 
_pdbx_unobs_or_zero_occ_residues.label_asym_id 
_pdbx_unobs_or_zero_occ_residues.label_comp_id 
_pdbx_unobs_or_zero_occ_residues.label_seq_id 
1 1 Y 1 A MET -7 ? A MET 1 
2 1 Y 1 A ALA -6 ? A ALA 2 
3 1 Y 1 A HIS -5 ? A HIS 3 
4 1 Y 1 A HIS -4 ? A HIS 4 
5 1 Y 1 A HIS -3 ? A HIS 5 
6 1 Y 1 A HIS -2 ? A HIS 6 
7 1 Y 1 A HIS -1 ? A HIS 7 
8 1 Y 1 A HIS 0  ? A HIS 8 
# 
loop_
_chem_comp_atom.comp_id 
_chem_comp_atom.atom_id 
_chem_comp_atom.type_symbol 
_chem_comp_atom.pdbx_aromatic_flag 
_chem_comp_atom.pdbx_stereo_config 
_chem_comp_atom.pdbx_ordinal 
ALA N    N  N N 1   
ALA CA   C  N S 2   
ALA C    C  N N 3   
ALA O    O  N N 4   
ALA CB   C  N N 5   
ALA OXT  O  N N 6   
ALA H    H  N N 7   
ALA H2   H  N N 8   
ALA HA   H  N N 9   
ALA HB1  H  N N 10  
ALA HB2  H  N N 11  
ALA HB3  H  N N 12  
ALA HXT  H  N N 13  
ARG N    N  N N 14  
ARG CA   C  N S 15  
ARG C    C  N N 16  
ARG O    O  N N 17  
ARG CB   C  N N 18  
ARG CG   C  N N 19  
ARG CD   C  N N 20  
ARG NE   N  N N 21  
ARG CZ   C  N N 22  
ARG NH1  N  N N 23  
ARG NH2  N  N N 24  
ARG OXT  O  N N 25  
ARG H    H  N N 26  
ARG H2   H  N N 27  
ARG HA   H  N N 28  
ARG HB2  H  N N 29  
ARG HB3  H  N N 30  
ARG HG2  H  N N 31  
ARG HG3  H  N N 32  
ARG HD2  H  N N 33  
ARG HD3  H  N N 34  
ARG HE   H  N N 35  
ARG HH11 H  N N 36  
ARG HH12 H  N N 37  
ARG HH21 H  N N 38  
ARG HH22 H  N N 39  
ARG HXT  H  N N 40  
ASN N    N  N N 41  
ASN CA   C  N S 42  
ASN C    C  N N 43  
ASN O    O  N N 44  
ASN CB   C  N N 45  
ASN CG   C  N N 46  
ASN OD1  O  N N 47  
ASN ND2  N  N N 48  
ASN OXT  O  N N 49  
ASN H    H  N N 50  
ASN H2   H  N N 51  
ASN HA   H  N N 52  
ASN HB2  H  N N 53  
ASN HB3  H  N N 54  
ASN HD21 H  N N 55  
ASN HD22 H  N N 56  
ASN HXT  H  N N 57  
ASP N    N  N N 58  
ASP CA   C  N S 59  
ASP C    C  N N 60  
ASP O    O  N N 61  
ASP CB   C  N N 62  
ASP CG   C  N N 63  
ASP OD1  O  N N 64  
ASP OD2  O  N N 65  
ASP OXT  O  N N 66  
ASP H    H  N N 67  
ASP H2   H  N N 68  
ASP HA   H  N N 69  
ASP HB2  H  N N 70  
ASP HB3  H  N N 71  
ASP HD2  H  N N 72  
ASP HXT  H  N N 73  
CYS N    N  N N 74  
CYS CA   C  N R 75  
CYS C    C  N N 76  
CYS O    O  N N 77  
CYS CB   C  N N 78  
CYS SG   S  N N 79  
CYS OXT  O  N N 80  
CYS H    H  N N 81  
CYS H2   H  N N 82  
CYS HA   H  N N 83  
CYS HB2  H  N N 84  
CYS HB3  H  N N 85  
CYS HG   H  N N 86  
CYS HXT  H  N N 87  
GLN N    N  N N 88  
GLN CA   C  N S 89  
GLN C    C  N N 90  
GLN O    O  N N 91  
GLN CB   C  N N 92  
GLN CG   C  N N 93  
GLN CD   C  N N 94  
GLN OE1  O  N N 95  
GLN NE2  N  N N 96  
GLN OXT  O  N N 97  
GLN H    H  N N 98  
GLN H2   H  N N 99  
GLN HA   H  N N 100 
GLN HB2  H  N N 101 
GLN HB3  H  N N 102 
GLN HG2  H  N N 103 
GLN HG3  H  N N 104 
GLN HE21 H  N N 105 
GLN HE22 H  N N 106 
GLN HXT  H  N N 107 
GLU N    N  N N 108 
GLU CA   C  N S 109 
GLU C    C  N N 110 
GLU O    O  N N 111 
GLU CB   C  N N 112 
GLU CG   C  N N 113 
GLU CD   C  N N 114 
GLU OE1  O  N N 115 
GLU OE2  O  N N 116 
GLU OXT  O  N N 117 
GLU H    H  N N 118 
GLU H2   H  N N 119 
GLU HA   H  N N 120 
GLU HB2  H  N N 121 
GLU HB3  H  N N 122 
GLU HG2  H  N N 123 
GLU HG3  H  N N 124 
GLU HE2  H  N N 125 
GLU HXT  H  N N 126 
GLY N    N  N N 127 
GLY CA   C  N N 128 
GLY C    C  N N 129 
GLY O    O  N N 130 
GLY OXT  O  N N 131 
GLY H    H  N N 132 
GLY H2   H  N N 133 
GLY HA2  H  N N 134 
GLY HA3  H  N N 135 
GLY HXT  H  N N 136 
HIS N    N  N N 137 
HIS CA   C  N S 138 
HIS C    C  N N 139 
HIS O    O  N N 140 
HIS CB   C  N N 141 
HIS CG   C  Y N 142 
HIS ND1  N  Y N 143 
HIS CD2  C  Y N 144 
HIS CE1  C  Y N 145 
HIS NE2  N  Y N 146 
HIS OXT  O  N N 147 
HIS H    H  N N 148 
HIS H2   H  N N 149 
HIS HA   H  N N 150 
HIS HB2  H  N N 151 
HIS HB3  H  N N 152 
HIS HD1  H  N N 153 
HIS HD2  H  N N 154 
HIS HE1  H  N N 155 
HIS HE2  H  N N 156 
HIS HXT  H  N N 157 
HOH O    O  N N 158 
HOH H1   H  N N 159 
HOH H2   H  N N 160 
ILE N    N  N N 161 
ILE CA   C  N S 162 
ILE C    C  N N 163 
ILE O    O  N N 164 
ILE CB   C  N S 165 
ILE CG1  C  N N 166 
ILE CG2  C  N N 167 
ILE CD1  C  N N 168 
ILE OXT  O  N N 169 
ILE H    H  N N 170 
ILE H2   H  N N 171 
ILE HA   H  N N 172 
ILE HB   H  N N 173 
ILE HG12 H  N N 174 
ILE HG13 H  N N 175 
ILE HG21 H  N N 176 
ILE HG22 H  N N 177 
ILE HG23 H  N N 178 
ILE HD11 H  N N 179 
ILE HD12 H  N N 180 
ILE HD13 H  N N 181 
ILE HXT  H  N N 182 
LEU N    N  N N 183 
LEU CA   C  N S 184 
LEU C    C  N N 185 
LEU O    O  N N 186 
LEU CB   C  N N 187 
LEU CG   C  N N 188 
LEU CD1  C  N N 189 
LEU CD2  C  N N 190 
LEU OXT  O  N N 191 
LEU H    H  N N 192 
LEU H2   H  N N 193 
LEU HA   H  N N 194 
LEU HB2  H  N N 195 
LEU HB3  H  N N 196 
LEU HG   H  N N 197 
LEU HD11 H  N N 198 
LEU HD12 H  N N 199 
LEU HD13 H  N N 200 
LEU HD21 H  N N 201 
LEU HD22 H  N N 202 
LEU HD23 H  N N 203 
LEU HXT  H  N N 204 
LYS N    N  N N 205 
LYS CA   C  N S 206 
LYS C    C  N N 207 
LYS O    O  N N 208 
LYS CB   C  N N 209 
LYS CG   C  N N 210 
LYS CD   C  N N 211 
LYS CE   C  N N 212 
LYS NZ   N  N N 213 
LYS OXT  O  N N 214 
LYS H    H  N N 215 
LYS H2   H  N N 216 
LYS HA   H  N N 217 
LYS HB2  H  N N 218 
LYS HB3  H  N N 219 
LYS HG2  H  N N 220 
LYS HG3  H  N N 221 
LYS HD2  H  N N 222 
LYS HD3  H  N N 223 
LYS HE2  H  N N 224 
LYS HE3  H  N N 225 
LYS HZ1  H  N N 226 
LYS HZ2  H  N N 227 
LYS HZ3  H  N N 228 
LYS HXT  H  N N 229 
MET N    N  N N 230 
MET CA   C  N S 231 
MET C    C  N N 232 
MET O    O  N N 233 
MET CB   C  N N 234 
MET CG   C  N N 235 
MET SD   S  N N 236 
MET CE   C  N N 237 
MET OXT  O  N N 238 
MET H    H  N N 239 
MET H2   H  N N 240 
MET HA   H  N N 241 
MET HB2  H  N N 242 
MET HB3  H  N N 243 
MET HG2  H  N N 244 
MET HG3  H  N N 245 
MET HE1  H  N N 246 
MET HE2  H  N N 247 
MET HE3  H  N N 248 
MET HXT  H  N N 249 
PHE N    N  N N 250 
PHE CA   C  N S 251 
PHE C    C  N N 252 
PHE O    O  N N 253 
PHE CB   C  N N 254 
PHE CG   C  Y N 255 
PHE CD1  C  Y N 256 
PHE CD2  C  Y N 257 
PHE CE1  C  Y N 258 
PHE CE2  C  Y N 259 
PHE CZ   C  Y N 260 
PHE OXT  O  N N 261 
PHE H    H  N N 262 
PHE H2   H  N N 263 
PHE HA   H  N N 264 
PHE HB2  H  N N 265 
PHE HB3  H  N N 266 
PHE HD1  H  N N 267 
PHE HD2  H  N N 268 
PHE HE1  H  N N 269 
PHE HE2  H  N N 270 
PHE HZ   H  N N 271 
PHE HXT  H  N N 272 
PRO N    N  N N 273 
PRO CA   C  N S 274 
PRO C    C  N N 275 
PRO O    O  N N 276 
PRO CB   C  N N 277 
PRO CG   C  N N 278 
PRO CD   C  N N 279 
PRO OXT  O  N N 280 
PRO H    H  N N 281 
PRO HA   H  N N 282 
PRO HB2  H  N N 283 
PRO HB3  H  N N 284 
PRO HG2  H  N N 285 
PRO HG3  H  N N 286 
PRO HD2  H  N N 287 
PRO HD3  H  N N 288 
PRO HXT  H  N N 289 
SER N    N  N N 290 
SER CA   C  N S 291 
SER C    C  N N 292 
SER O    O  N N 293 
SER CB   C  N N 294 
SER OG   O  N N 295 
SER OXT  O  N N 296 
SER H    H  N N 297 
SER H2   H  N N 298 
SER HA   H  N N 299 
SER HB2  H  N N 300 
SER HB3  H  N N 301 
SER HG   H  N N 302 
SER HXT  H  N N 303 
THR N    N  N N 304 
THR CA   C  N S 305 
THR C    C  N N 306 
THR O    O  N N 307 
THR CB   C  N R 308 
THR OG1  O  N N 309 
THR CG2  C  N N 310 
THR OXT  O  N N 311 
THR H    H  N N 312 
THR H2   H  N N 313 
THR HA   H  N N 314 
THR HB   H  N N 315 
THR HG1  H  N N 316 
THR HG21 H  N N 317 
THR HG22 H  N N 318 
THR HG23 H  N N 319 
THR HXT  H  N N 320 
TRP N    N  N N 321 
TRP CA   C  N S 322 
TRP C    C  N N 323 
TRP O    O  N N 324 
TRP CB   C  N N 325 
TRP CG   C  Y N 326 
TRP CD1  C  Y N 327 
TRP CD2  C  Y N 328 
TRP NE1  N  Y N 329 
TRP CE2  C  Y N 330 
TRP CE3  C  Y N 331 
TRP CZ2  C  Y N 332 
TRP CZ3  C  Y N 333 
TRP CH2  C  Y N 334 
TRP OXT  O  N N 335 
TRP H    H  N N 336 
TRP H2   H  N N 337 
TRP HA   H  N N 338 
TRP HB2  H  N N 339 
TRP HB3  H  N N 340 
TRP HD1  H  N N 341 
TRP HE1  H  N N 342 
TRP HE3  H  N N 343 
TRP HZ2  H  N N 344 
TRP HZ3  H  N N 345 
TRP HH2  H  N N 346 
TRP HXT  H  N N 347 
TYR N    N  N N 348 
TYR CA   C  N S 349 
TYR C    C  N N 350 
TYR O    O  N N 351 
TYR CB   C  N N 352 
TYR CG   C  Y N 353 
TYR CD1  C  Y N 354 
TYR CD2  C  Y N 355 
TYR CE1  C  Y N 356 
TYR CE2  C  Y N 357 
TYR CZ   C  Y N 358 
TYR OH   O  N N 359 
TYR OXT  O  N N 360 
TYR H    H  N N 361 
TYR H2   H  N N 362 
TYR HA   H  N N 363 
TYR HB2  H  N N 364 
TYR HB3  H  N N 365 
TYR HD1  H  N N 366 
TYR HD2  H  N N 367 
TYR HE1  H  N N 368 
TYR HE2  H  N N 369 
TYR HH   H  N N 370 
TYR HXT  H  N N 371 
VAL N    N  N N 372 
VAL CA   C  N S 373 
VAL C    C  N N 374 
VAL O    O  N N 375 
VAL CB   C  N N 376 
VAL CG1  C  N N 377 
VAL CG2  C  N N 378 
VAL OXT  O  N N 379 
VAL H    H  N N 380 
VAL H2   H  N N 381 
VAL HA   H  N N 382 
VAL HB   H  N N 383 
VAL HG11 H  N N 384 
VAL HG12 H  N N 385 
VAL HG13 H  N N 386 
VAL HG21 H  N N 387 
VAL HG22 H  N N 388 
VAL HG23 H  N N 389 
VAL HXT  H  N N 390 
ZN  ZN   ZN N N 391 
# 
loop_
_chem_comp_bond.comp_id 
_chem_comp_bond.atom_id_1 
_chem_comp_bond.atom_id_2 
_chem_comp_bond.value_order 
_chem_comp_bond.pdbx_aromatic_flag 
_chem_comp_bond.pdbx_stereo_config 
_chem_comp_bond.pdbx_ordinal 
ALA N   CA   sing N N 1   
ALA N   H    sing N N 2   
ALA N   H2   sing N N 3   
ALA CA  C    sing N N 4   
ALA CA  CB   sing N N 5   
ALA CA  HA   sing N N 6   
ALA C   O    doub N N 7   
ALA C   OXT  sing N N 8   
ALA CB  HB1  sing N N 9   
ALA CB  HB2  sing N N 10  
ALA CB  HB3  sing N N 11  
ALA OXT HXT  sing N N 12  
ARG N   CA   sing N N 13  
ARG N   H    sing N N 14  
ARG N   H2   sing N N 15  
ARG CA  C    sing N N 16  
ARG CA  CB   sing N N 17  
ARG CA  HA   sing N N 18  
ARG C   O    doub N N 19  
ARG C   OXT  sing N N 20  
ARG CB  CG   sing N N 21  
ARG CB  HB2  sing N N 22  
ARG CB  HB3  sing N N 23  
ARG CG  CD   sing N N 24  
ARG CG  HG2  sing N N 25  
ARG CG  HG3  sing N N 26  
ARG CD  NE   sing N N 27  
ARG CD  HD2  sing N N 28  
ARG CD  HD3  sing N N 29  
ARG NE  CZ   sing N N 30  
ARG NE  HE   sing N N 31  
ARG CZ  NH1  sing N N 32  
ARG CZ  NH2  doub N N 33  
ARG NH1 HH11 sing N N 34  
ARG NH1 HH12 sing N N 35  
ARG NH2 HH21 sing N N 36  
ARG NH2 HH22 sing N N 37  
ARG OXT HXT  sing N N 38  
ASN N   CA   sing N N 39  
ASN N   H    sing N N 40  
ASN N   H2   sing N N 41  
ASN CA  C    sing N N 42  
ASN CA  CB   sing N N 43  
ASN CA  HA   sing N N 44  
ASN C   O    doub N N 45  
ASN C   OXT  sing N N 46  
ASN CB  CG   sing N N 47  
ASN CB  HB2  sing N N 48  
ASN CB  HB3  sing N N 49  
ASN CG  OD1  doub N N 50  
ASN CG  ND2  sing N N 51  
ASN ND2 HD21 sing N N 52  
ASN ND2 HD22 sing N N 53  
ASN OXT HXT  sing N N 54  
ASP N   CA   sing N N 55  
ASP N   H    sing N N 56  
ASP N   H2   sing N N 57  
ASP CA  C    sing N N 58  
ASP CA  CB   sing N N 59  
ASP CA  HA   sing N N 60  
ASP C   O    doub N N 61  
ASP C   OXT  sing N N 62  
ASP CB  CG   sing N N 63  
ASP CB  HB2  sing N N 64  
ASP CB  HB3  sing N N 65  
ASP CG  OD1  doub N N 66  
ASP CG  OD2  sing N N 67  
ASP OD2 HD2  sing N N 68  
ASP OXT HXT  sing N N 69  
CYS N   CA   sing N N 70  
CYS N   H    sing N N 71  
CYS N   H2   sing N N 72  
CYS CA  C    sing N N 73  
CYS CA  CB   sing N N 74  
CYS CA  HA   sing N N 75  
CYS C   O    doub N N 76  
CYS C   OXT  sing N N 77  
CYS CB  SG   sing N N 78  
CYS CB  HB2  sing N N 79  
CYS CB  HB3  sing N N 80  
CYS SG  HG   sing N N 81  
CYS OXT HXT  sing N N 82  
GLN N   CA   sing N N 83  
GLN N   H    sing N N 84  
GLN N   H2   sing N N 85  
GLN CA  C    sing N N 86  
GLN CA  CB   sing N N 87  
GLN CA  HA   sing N N 88  
GLN C   O    doub N N 89  
GLN C   OXT  sing N N 90  
GLN CB  CG   sing N N 91  
GLN CB  HB2  sing N N 92  
GLN CB  HB3  sing N N 93  
GLN CG  CD   sing N N 94  
GLN CG  HG2  sing N N 95  
GLN CG  HG3  sing N N 96  
GLN CD  OE1  doub N N 97  
GLN CD  NE2  sing N N 98  
GLN NE2 HE21 sing N N 99  
GLN NE2 HE22 sing N N 100 
GLN OXT HXT  sing N N 101 
GLU N   CA   sing N N 102 
GLU N   H    sing N N 103 
GLU N   H2   sing N N 104 
GLU CA  C    sing N N 105 
GLU CA  CB   sing N N 106 
GLU CA  HA   sing N N 107 
GLU C   O    doub N N 108 
GLU C   OXT  sing N N 109 
GLU CB  CG   sing N N 110 
GLU CB  HB2  sing N N 111 
GLU CB  HB3  sing N N 112 
GLU CG  CD   sing N N 113 
GLU CG  HG2  sing N N 114 
GLU CG  HG3  sing N N 115 
GLU CD  OE1  doub N N 116 
GLU CD  OE2  sing N N 117 
GLU OE2 HE2  sing N N 118 
GLU OXT HXT  sing N N 119 
GLY N   CA   sing N N 120 
GLY N   H    sing N N 121 
GLY N   H2   sing N N 122 
GLY CA  C    sing N N 123 
GLY CA  HA2  sing N N 124 
GLY CA  HA3  sing N N 125 
GLY C   O    doub N N 126 
GLY C   OXT  sing N N 127 
GLY OXT HXT  sing N N 128 
HIS N   CA   sing N N 129 
HIS N   H    sing N N 130 
HIS N   H2   sing N N 131 
HIS CA  C    sing N N 132 
HIS CA  CB   sing N N 133 
HIS CA  HA   sing N N 134 
HIS C   O    doub N N 135 
HIS C   OXT  sing N N 136 
HIS CB  CG   sing N N 137 
HIS CB  HB2  sing N N 138 
HIS CB  HB3  sing N N 139 
HIS CG  ND1  sing Y N 140 
HIS CG  CD2  doub Y N 141 
HIS ND1 CE1  doub Y N 142 
HIS ND1 HD1  sing N N 143 
HIS CD2 NE2  sing Y N 144 
HIS CD2 HD2  sing N N 145 
HIS CE1 NE2  sing Y N 146 
HIS CE1 HE1  sing N N 147 
HIS NE2 HE2  sing N N 148 
HIS OXT HXT  sing N N 149 
HOH O   H1   sing N N 150 
HOH O   H2   sing N N 151 
ILE N   CA   sing N N 152 
ILE N   H    sing N N 153 
ILE N   H2   sing N N 154 
ILE CA  C    sing N N 155 
ILE CA  CB   sing N N 156 
ILE CA  HA   sing N N 157 
ILE C   O    doub N N 158 
ILE C   OXT  sing N N 159 
ILE CB  CG1  sing N N 160 
ILE CB  CG2  sing N N 161 
ILE CB  HB   sing N N 162 
ILE CG1 CD1  sing N N 163 
ILE CG1 HG12 sing N N 164 
ILE CG1 HG13 sing N N 165 
ILE CG2 HG21 sing N N 166 
ILE CG2 HG22 sing N N 167 
ILE CG2 HG23 sing N N 168 
ILE CD1 HD11 sing N N 169 
ILE CD1 HD12 sing N N 170 
ILE CD1 HD13 sing N N 171 
ILE OXT HXT  sing N N 172 
LEU N   CA   sing N N 173 
LEU N   H    sing N N 174 
LEU N   H2   sing N N 175 
LEU CA  C    sing N N 176 
LEU CA  CB   sing N N 177 
LEU CA  HA   sing N N 178 
LEU C   O    doub N N 179 
LEU C   OXT  sing N N 180 
LEU CB  CG   sing N N 181 
LEU CB  HB2  sing N N 182 
LEU CB  HB3  sing N N 183 
LEU CG  CD1  sing N N 184 
LEU CG  CD2  sing N N 185 
LEU CG  HG   sing N N 186 
LEU CD1 HD11 sing N N 187 
LEU CD1 HD12 sing N N 188 
LEU CD1 HD13 sing N N 189 
LEU CD2 HD21 sing N N 190 
LEU CD2 HD22 sing N N 191 
LEU CD2 HD23 sing N N 192 
LEU OXT HXT  sing N N 193 
LYS N   CA   sing N N 194 
LYS N   H    sing N N 195 
LYS N   H2   sing N N 196 
LYS CA  C    sing N N 197 
LYS CA  CB   sing N N 198 
LYS CA  HA   sing N N 199 
LYS C   O    doub N N 200 
LYS C   OXT  sing N N 201 
LYS CB  CG   sing N N 202 
LYS CB  HB2  sing N N 203 
LYS CB  HB3  sing N N 204 
LYS CG  CD   sing N N 205 
LYS CG  HG2  sing N N 206 
LYS CG  HG3  sing N N 207 
LYS CD  CE   sing N N 208 
LYS CD  HD2  sing N N 209 
LYS CD  HD3  sing N N 210 
LYS CE  NZ   sing N N 211 
LYS CE  HE2  sing N N 212 
LYS CE  HE3  sing N N 213 
LYS NZ  HZ1  sing N N 214 
LYS NZ  HZ2  sing N N 215 
LYS NZ  HZ3  sing N N 216 
LYS OXT HXT  sing N N 217 
MET N   CA   sing N N 218 
MET N   H    sing N N 219 
MET N   H2   sing N N 220 
MET CA  C    sing N N 221 
MET CA  CB   sing N N 222 
MET CA  HA   sing N N 223 
MET C   O    doub N N 224 
MET C   OXT  sing N N 225 
MET CB  CG   sing N N 226 
MET CB  HB2  sing N N 227 
MET CB  HB3  sing N N 228 
MET CG  SD   sing N N 229 
MET CG  HG2  sing N N 230 
MET CG  HG3  sing N N 231 
MET SD  CE   sing N N 232 
MET CE  HE1  sing N N 233 
MET CE  HE2  sing N N 234 
MET CE  HE3  sing N N 235 
MET OXT HXT  sing N N 236 
PHE N   CA   sing N N 237 
PHE N   H    sing N N 238 
PHE N   H2   sing N N 239 
PHE CA  C    sing N N 240 
PHE CA  CB   sing N N 241 
PHE CA  HA   sing N N 242 
PHE C   O    doub N N 243 
PHE C   OXT  sing N N 244 
PHE CB  CG   sing N N 245 
PHE CB  HB2  sing N N 246 
PHE CB  HB3  sing N N 247 
PHE CG  CD1  doub Y N 248 
PHE CG  CD2  sing Y N 249 
PHE CD1 CE1  sing Y N 250 
PHE CD1 HD1  sing N N 251 
PHE CD2 CE2  doub Y N 252 
PHE CD2 HD2  sing N N 253 
PHE CE1 CZ   doub Y N 254 
PHE CE1 HE1  sing N N 255 
PHE CE2 CZ   sing Y N 256 
PHE CE2 HE2  sing N N 257 
PHE CZ  HZ   sing N N 258 
PHE OXT HXT  sing N N 259 
PRO N   CA   sing N N 260 
PRO N   CD   sing N N 261 
PRO N   H    sing N N 262 
PRO CA  C    sing N N 263 
PRO CA  CB   sing N N 264 
PRO CA  HA   sing N N 265 
PRO C   O    doub N N 266 
PRO C   OXT  sing N N 267 
PRO CB  CG   sing N N 268 
PRO CB  HB2  sing N N 269 
PRO CB  HB3  sing N N 270 
PRO CG  CD   sing N N 271 
PRO CG  HG2  sing N N 272 
PRO CG  HG3  sing N N 273 
PRO CD  HD2  sing N N 274 
PRO CD  HD3  sing N N 275 
PRO OXT HXT  sing N N 276 
SER N   CA   sing N N 277 
SER N   H    sing N N 278 
SER N   H2   sing N N 279 
SER CA  C    sing N N 280 
SER CA  CB   sing N N 281 
SER CA  HA   sing N N 282 
SER C   O    doub N N 283 
SER C   OXT  sing N N 284 
SER CB  OG   sing N N 285 
SER CB  HB2  sing N N 286 
SER CB  HB3  sing N N 287 
SER OG  HG   sing N N 288 
SER OXT HXT  sing N N 289 
THR N   CA   sing N N 290 
THR N   H    sing N N 291 
THR N   H2   sing N N 292 
THR CA  C    sing N N 293 
THR CA  CB   sing N N 294 
THR CA  HA   sing N N 295 
THR C   O    doub N N 296 
THR C   OXT  sing N N 297 
THR CB  OG1  sing N N 298 
THR CB  CG2  sing N N 299 
THR CB  HB   sing N N 300 
THR OG1 HG1  sing N N 301 
THR CG2 HG21 sing N N 302 
THR CG2 HG22 sing N N 303 
THR CG2 HG23 sing N N 304 
THR OXT HXT  sing N N 305 
TRP N   CA   sing N N 306 
TRP N   H    sing N N 307 
TRP N   H2   sing N N 308 
TRP CA  C    sing N N 309 
TRP CA  CB   sing N N 310 
TRP CA  HA   sing N N 311 
TRP C   O    doub N N 312 
TRP C   OXT  sing N N 313 
TRP CB  CG   sing N N 314 
TRP CB  HB2  sing N N 315 
TRP CB  HB3  sing N N 316 
TRP CG  CD1  doub Y N 317 
TRP CG  CD2  sing Y N 318 
TRP CD1 NE1  sing Y N 319 
TRP CD1 HD1  sing N N 320 
TRP CD2 CE2  doub Y N 321 
TRP CD2 CE3  sing Y N 322 
TRP NE1 CE2  sing Y N 323 
TRP NE1 HE1  sing N N 324 
TRP CE2 CZ2  sing Y N 325 
TRP CE3 CZ3  doub Y N 326 
TRP CE3 HE3  sing N N 327 
TRP CZ2 CH2  doub Y N 328 
TRP CZ2 HZ2  sing N N 329 
TRP CZ3 CH2  sing Y N 330 
TRP CZ3 HZ3  sing N N 331 
TRP CH2 HH2  sing N N 332 
TRP OXT HXT  sing N N 333 
TYR N   CA   sing N N 334 
TYR N   H    sing N N 335 
TYR N   H2   sing N N 336 
TYR CA  C    sing N N 337 
TYR CA  CB   sing N N 338 
TYR CA  HA   sing N N 339 
TYR C   O    doub N N 340 
TYR C   OXT  sing N N 341 
TYR CB  CG   sing N N 342 
TYR CB  HB2  sing N N 343 
TYR CB  HB3  sing N N 344 
TYR CG  CD1  doub Y N 345 
TYR CG  CD2  sing Y N 346 
TYR CD1 CE1  sing Y N 347 
TYR CD1 HD1  sing N N 348 
TYR CD2 CE2  doub Y N 349 
TYR CD2 HD2  sing N N 350 
TYR CE1 CZ   doub Y N 351 
TYR CE1 HE1  sing N N 352 
TYR CE2 CZ   sing Y N 353 
TYR CE2 HE2  sing N N 354 
TYR CZ  OH   sing N N 355 
TYR OH  HH   sing N N 356 
TYR OXT HXT  sing N N 357 
VAL N   CA   sing N N 358 
VAL N   H    sing N N 359 
VAL N   H2   sing N N 360 
VAL CA  C    sing N N 361 
VAL CA  CB   sing N N 362 
VAL CA  HA   sing N N 363 
VAL C   O    doub N N 364 
VAL C   OXT  sing N N 365 
VAL CB  CG1  sing N N 366 
VAL CB  CG2  sing N N 367 
VAL CB  HB   sing N N 368 
VAL CG1 HG11 sing N N 369 
VAL CG1 HG12 sing N N 370 
VAL CG1 HG13 sing N N 371 
VAL CG2 HG21 sing N N 372 
VAL CG2 HG22 sing N N 373 
VAL CG2 HG23 sing N N 374 
VAL OXT HXT  sing N N 375 
# 
_atom_sites.entry_id                    3KSV 
_atom_sites.fract_transf_matrix[1][1]   0.01179404 
_atom_sites.fract_transf_matrix[1][2]   -0.01208222 
_atom_sites.fract_transf_matrix[1][3]   0.00871542 
_atom_sites.fract_transf_matrix[2][1]   0.00901699 
_atom_sites.fract_transf_matrix[2][2]   0.01119908 
_atom_sites.fract_transf_matrix[2][3]   0.00332318 
_atom_sites.fract_transf_matrix[3][1]   -0.00644865 
_atom_sites.fract_transf_matrix[3][2]   0.00184408 
_atom_sites.fract_transf_matrix[3][3]   0.01128300 
_atom_sites.fract_transf_vector[1]      -0.084628 
_atom_sites.fract_transf_vector[2]      -0.231380 
_atom_sites.fract_transf_vector[3]      -0.221858 
# 
loop_
_atom_type.symbol 
C  
N  
O  
S  
ZN 
# 
loop_
_atom_site.group_PDB 
_atom_site.id 
_atom_site.type_symbol 
_atom_site.label_atom_id 
_atom_site.label_alt_id 
_atom_site.label_comp_id 
_atom_site.label_asym_id 
_atom_site.label_entity_id 
_atom_site.label_seq_id 
_atom_site.pdbx_PDB_ins_code 
_atom_site.Cartn_x 
_atom_site.Cartn_y 
_atom_site.Cartn_z 
_atom_site.occupancy 
_atom_site.B_iso_or_equiv 
_atom_site.pdbx_formal_charge 
_atom_site.auth_seq_id 
_atom_site.auth_comp_id 
_atom_site.auth_asym_id 
_atom_site.auth_atom_id 
_atom_site.pdbx_PDB_model_num 
ATOM   1    N  N   . MET A 1 9   ? -9.286  11.400  -12.271 1.00 39.81 ? 1   MET A N   1 
ATOM   2    C  CA  . MET A 1 9   ? -10.334 11.881  -11.319 1.00 39.69 ? 1   MET A CA  1 
ATOM   3    C  C   . MET A 1 9   ? -9.838  11.941  -9.864  1.00 38.98 ? 1   MET A C   1 
ATOM   4    O  O   . MET A 1 9   ? -10.056 11.004  -9.082  1.00 39.06 ? 1   MET A O   1 
ATOM   5    C  CB  . MET A 1 9   ? -11.626 11.035  -11.440 1.00 40.05 ? 1   MET A CB  1 
ATOM   6    C  CG  . MET A 1 9   ? -11.427 9.506   -11.570 1.00 40.80 ? 1   MET A CG  1 
ATOM   7    S  SD  . MET A 1 9   ? -12.974 8.543   -11.610 1.00 41.93 ? 1   MET A SD  1 
ATOM   8    C  CE  . MET A 1 9   ? -13.072 7.927   -9.925  1.00 40.88 ? 1   MET A CE  1 
ATOM   9    N  N   . ALA A 1 10  ? -9.157  13.050  -9.534  1.00 38.08 ? 2   ALA A N   1 
ATOM   10   C  CA  . ALA A 1 10  ? -8.936  13.484  -8.139  1.00 37.11 ? 2   ALA A CA  1 
ATOM   11   C  C   . ALA A 1 10  ? -10.261 14.029  -7.565  1.00 36.31 ? 2   ALA A C   1 
ATOM   12   O  O   . ALA A 1 10  ? -10.503 13.977  -6.349  1.00 36.21 ? 2   ALA A O   1 
ATOM   13   C  CB  . ALA A 1 10  ? -7.822  14.553  -8.069  1.00 37.02 ? 2   ALA A CB  1 
ATOM   14   N  N   . ALA A 1 11  ? -11.109 14.551  -8.456  1.00 35.31 ? 3   ALA A N   1 
ATOM   15   C  CA  . ALA A 1 11  ? -12.470 14.988  -8.113  1.00 34.29 ? 3   ALA A CA  1 
ATOM   16   C  C   . ALA A 1 11  ? -13.315 13.828  -7.556  1.00 33.22 ? 3   ALA A C   1 
ATOM   17   O  O   . ALA A 1 11  ? -13.875 13.941  -6.459  1.00 33.33 ? 3   ALA A O   1 
ATOM   18   C  CB  . ALA A 1 11  ? -13.141 15.617  -9.324  1.00 34.12 ? 3   ALA A CB  1 
ATOM   19   N  N   . ASN A 1 12  ? -13.373 12.713  -8.293  1.00 31.61 ? 4   ASN A N   1 
ATOM   20   C  CA  . ASN A 1 12  ? -14.050 11.486  -7.824  1.00 30.22 ? 4   ASN A CA  1 
ATOM   21   C  C   . ASN A 1 12  ? -13.129 10.498  -7.094  1.00 28.59 ? 4   ASN A C   1 
ATOM   22   O  O   . ASN A 1 12  ? -13.346 9.290   -7.171  1.00 28.77 ? 4   ASN A O   1 
ATOM   23   C  CB  . ASN A 1 12  ? -14.699 10.743  -8.992  1.00 30.32 ? 4   ASN A CB  1 
ATOM   24   C  CG  . ASN A 1 12  ? -15.496 11.648  -9.890  1.00 30.78 ? 4   ASN A CG  1 
ATOM   25   O  OD1 . ASN A 1 12  ? -15.692 12.827  -9.592  1.00 31.95 ? 4   ASN A OD1 1 
ATOM   26   N  ND2 . ASN A 1 12  ? -15.958 11.105  -11.011 1.00 31.94 ? 4   ASN A ND2 1 
ATOM   27   N  N   . CYS A 1 13  ? -12.111 10.994  -6.396  1.00 26.70 ? 5   CYS A N   1 
ATOM   28   C  CA  . CYS A 1 13  ? -11.220 10.122  -5.622  1.00 24.78 ? 5   CYS A CA  1 
ATOM   29   C  C   . CYS A 1 13  ? -11.539 10.231  -4.144  1.00 24.68 ? 5   CYS A C   1 
ATOM   30   O  O   . CYS A 1 13  ? -11.220 11.237  -3.513  1.00 24.05 ? 5   CYS A O   1 
ATOM   31   C  CB  . CYS A 1 13  ? -9.762  10.500  -5.844  1.00 24.63 ? 5   CYS A CB  1 
ATOM   32   S  SG  . CYS A 1 13  ? -8.600  9.643   -4.751  1.00 20.19 ? 5   CYS A SG  1 
ATOM   33   N  N   . ILE A 1 14  ? -12.129 9.183   -3.577  1.00 24.36 ? 6   ILE A N   1 
ATOM   34   C  CA  . ILE A 1 14  ? -12.525 9.227   -2.176  1.00 24.32 ? 6   ILE A CA  1 
ATOM   35   C  C   . ILE A 1 14  ? -11.388 9.506   -1.202  1.00 24.01 ? 6   ILE A C   1 
ATOM   36   O  O   . ILE A 1 14  ? -11.635 10.065  -0.142  1.00 23.91 ? 6   ILE A O   1 
ATOM   37   C  CB  . ILE A 1 14  ? -13.325 7.965   -1.713  1.00 24.69 ? 6   ILE A CB  1 
ATOM   38   C  CG1 . ILE A 1 14  ? -12.449 6.704   -1.653  1.00 25.06 ? 6   ILE A CG1 1 
ATOM   39   C  CG2 . ILE A 1 14  ? -14.571 7.746   -2.601  1.00 25.69 ? 6   ILE A CG2 1 
ATOM   40   C  CD1 . ILE A 1 14  ? -13.104 5.545   -0.814  1.00 26.30 ? 6   ILE A CD1 1 
ATOM   41   N  N   . PHE A 1 15  ? -10.144 9.153   -1.535  1.00 23.79 ? 7   PHE A N   1 
ATOM   42   C  CA  . PHE A 1 15  ? -9.040  9.432   -0.604  1.00 23.52 ? 7   PHE A CA  1 
ATOM   43   C  C   . PHE A 1 15  ? -8.650  10.891  -0.631  1.00 23.56 ? 7   PHE A C   1 
ATOM   44   O  O   . PHE A 1 15  ? -8.331  11.466  0.403   1.00 23.56 ? 7   PHE A O   1 
ATOM   45   C  CB  . PHE A 1 15  ? -7.819  8.535   -0.847  1.00 23.64 ? 7   PHE A CB  1 
ATOM   46   C  CG  . PHE A 1 15  ? -8.056  7.094   -0.509  1.00 22.82 ? 7   PHE A CG  1 
ATOM   47   C  CD1 . PHE A 1 15  ? -8.819  6.734   0.591   1.00 23.52 ? 7   PHE A CD1 1 
ATOM   48   C  CD2 . PHE A 1 15  ? -7.505  6.097   -1.275  1.00 22.12 ? 7   PHE A CD2 1 
ATOM   49   C  CE1 . PHE A 1 15  ? -9.034  5.409   0.899   1.00 23.77 ? 7   PHE A CE1 1 
ATOM   50   C  CE2 . PHE A 1 15  ? -7.731  4.780   -0.972  1.00 22.19 ? 7   PHE A CE2 1 
ATOM   51   C  CZ  . PHE A 1 15  ? -8.494  4.435   0.112   1.00 22.74 ? 7   PHE A CZ  1 
ATOM   52   N  N   . CYS A 1 16  ? -8.703  11.504  -1.801  1.00 23.67 ? 8   CYS A N   1 
ATOM   53   C  CA  . CYS A 1 16  ? -8.559  12.955  -1.862  1.00 24.12 ? 8   CYS A CA  1 
ATOM   54   C  C   . CYS A 1 16  ? -9.667  13.668  -1.081  1.00 24.23 ? 8   CYS A C   1 
ATOM   55   O  O   . CYS A 1 16  ? -9.419  14.677  -0.431  1.00 24.03 ? 8   CYS A O   1 
ATOM   56   C  CB  . CYS A 1 16  ? -8.522  13.446  -3.308  1.00 24.49 ? 8   CYS A CB  1 
ATOM   57   S  SG  . CYS A 1 16  ? -6.922  13.202  -4.129  1.00 25.62 ? 8   CYS A SG  1 
ATOM   58   N  N   . LYS A 1 17  ? -10.881 13.137  -1.127  1.00 24.65 ? 9   LYS A N   1 
ATOM   59   C  CA  . LYS A 1 17  ? -11.991 13.727  -0.373  1.00 25.55 ? 9   LYS A CA  1 
ATOM   60   C  C   . LYS A 1 17  ? -11.707 13.666  1.139   1.00 26.00 ? 9   LYS A C   1 
ATOM   61   O  O   . LYS A 1 17  ? -11.908 14.639  1.844   1.00 26.00 ? 9   LYS A O   1 
ATOM   62   C  CB  . LYS A 1 17  ? -13.299 13.005  -0.678  1.00 25.56 ? 9   LYS A CB  1 
ATOM   63   C  CG  . LYS A 1 17  ? -13.849 13.249  -2.070  1.00 26.94 ? 9   LYS A CG  1 
ATOM   64   C  CD  . LYS A 1 17  ? -15.277 12.698  -2.170  1.00 29.33 ? 9   LYS A CD  1 
ATOM   65   C  CE  . LYS A 1 17  ? -15.732 12.542  -3.608  1.00 31.31 ? 9   LYS A CE  1 
ATOM   66   N  NZ  . LYS A 1 17  ? -16.093 13.852  -4.172  1.00 32.07 ? 9   LYS A NZ  1 
ATOM   67   N  N   . ILE A 1 18  ? -11.234 12.518  1.615   1.00 26.65 ? 10  ILE A N   1 
ATOM   68   C  CA  . ILE A 1 18  ? -10.804 12.366  3.006   1.00 27.18 ? 10  ILE A CA  1 
ATOM   69   C  C   . ILE A 1 18  ? -9.660  13.341  3.324   1.00 27.88 ? 10  ILE A C   1 
ATOM   70   O  O   . ILE A 1 18  ? -9.698  14.040  4.333   1.00 28.31 ? 10  ILE A O   1 
ATOM   71   C  CB  . ILE A 1 18  ? -10.357 10.927  3.291   1.00 27.04 ? 10  ILE A CB  1 
ATOM   72   C  CG1 . ILE A 1 18  ? -11.555 9.988   3.225   1.00 27.20 ? 10  ILE A CG1 1 
ATOM   73   C  CG2 . ILE A 1 18  ? -9.696  10.800  4.663   1.00 26.49 ? 10  ILE A CG2 1 
ATOM   74   C  CD1 . ILE A 1 18  ? -11.144 8.564   2.910   1.00 27.49 ? 10  ILE A CD1 1 
ATOM   75   N  N   . ILE A 1 19  ? -8.669  13.410  2.440   1.00 28.48 ? 11  ILE A N   1 
ATOM   76   C  CA  . ILE A 1 19  ? -7.466  14.200  2.696   1.00 28.94 ? 11  ILE A CA  1 
ATOM   77   C  C   . ILE A 1 19  ? -7.775  15.688  2.837   1.00 29.09 ? 11  ILE A C   1 
ATOM   78   O  O   . ILE A 1 19  ? -7.217  16.345  3.709   1.00 29.10 ? 11  ILE A O   1 
ATOM   79   C  CB  . ILE A 1 19  ? -6.375  13.962  1.594   1.00 29.13 ? 11  ILE A CB  1 
ATOM   80   C  CG1 . ILE A 1 19  ? -5.790  12.548  1.703   1.00 29.32 ? 11  ILE A CG1 1 
ATOM   81   C  CG2 . ILE A 1 19  ? -5.257  14.990  1.711   1.00 28.35 ? 11  ILE A CG2 1 
ATOM   82   C  CD1 . ILE A 1 19  ? -5.216  12.037  0.388   1.00 30.08 ? 11  ILE A CD1 1 
ATOM   83   N  N   . LYS A 1 20  ? -8.678  16.204  2.003   1.00 29.93 ? 12  LYS A N   1 
ATOM   84   C  CA  . LYS A 1 20  ? -9.040  17.634  2.012   1.00 30.17 ? 12  LYS A CA  1 
ATOM   85   C  C   . LYS A 1 20  ? -10.105 17.979  3.064   1.00 30.57 ? 12  LYS A C   1 
ATOM   86   O  O   . LYS A 1 20  ? -10.400 19.167  3.292   1.00 30.35 ? 12  LYS A O   1 
ATOM   87   C  CB  . LYS A 1 20  ? -9.523  18.087  0.621   1.00 30.33 ? 12  LYS A CB  1 
ATOM   88   C  CG  . LYS A 1 20  ? -8.414  18.298  -0.413  1.00 30.27 ? 12  LYS A CG  1 
ATOM   89   N  N   . GLY A 1 21  ? -10.688 16.949  3.686   1.00 30.60 ? 13  GLY A N   1 
ATOM   90   C  CA  . GLY A 1 21  ? -11.723 17.129  4.717   1.00 30.61 ? 13  GLY A CA  1 
ATOM   91   C  C   . GLY A 1 21  ? -13.183 17.121  4.260   1.00 30.44 ? 13  GLY A C   1 
ATOM   92   O  O   . GLY A 1 21  ? -14.070 17.494  5.029   1.00 30.67 ? 13  GLY A O   1 
ATOM   93   N  N   . ASP A 1 22  ? -13.453 16.694  3.026   1.00 30.28 ? 14  ASP A N   1 
ATOM   94   C  CA  . ASP A 1 22  ? -14.833 16.668  2.505   1.00 29.88 ? 14  ASP A CA  1 
ATOM   95   C  C   . ASP A 1 22  ? -15.615 15.463  3.040   1.00 29.48 ? 14  ASP A C   1 
ATOM   96   O  O   . ASP A 1 22  ? -16.847 15.505  3.089   1.00 28.86 ? 14  ASP A O   1 
ATOM   97   C  CB  . ASP A 1 22  ? -14.860 16.674  0.967   1.00 29.99 ? 14  ASP A CB  1 
ATOM   98   C  CG  . ASP A 1 22  ? -14.287 17.960  0.357   1.00 31.25 ? 14  ASP A CG  1 
ATOM   99   O  OD1 . ASP A 1 22  ? -14.506 19.066  0.901   1.00 32.94 ? 14  ASP A OD1 1 
ATOM   100  O  OD2 . ASP A 1 22  ? -13.620 17.862  -0.700  1.00 34.08 ? 14  ASP A OD2 1 
ATOM   101  N  N   . ILE A 1 23  ? -14.897 14.400  3.436   1.00 28.97 ? 15  ILE A N   1 
ATOM   102  C  CA  . ILE A 1 23  ? -15.486 13.236  4.108   1.00 29.05 ? 15  ILE A CA  1 
ATOM   103  C  C   . ILE A 1 23  ? -14.711 12.944  5.394   1.00 28.98 ? 15  ILE A C   1 
ATOM   104  O  O   . ILE A 1 23  ? -13.482 12.865  5.361   1.00 28.83 ? 15  ILE A O   1 
ATOM   105  C  CB  . ILE A 1 23  ? -15.412 11.958  3.241   1.00 29.32 ? 15  ILE A CB  1 
ATOM   106  C  CG1 . ILE A 1 23  ? -16.330 12.072  2.017   1.00 30.35 ? 15  ILE A CG1 1 
ATOM   107  C  CG2 . ILE A 1 23  ? -15.818 10.738  4.056   1.00 28.15 ? 15  ILE A CG2 1 
ATOM   108  C  CD1 . ILE A 1 23  ? -16.102 10.966  0.976   1.00 30.60 ? 15  ILE A CD1 1 
ATOM   109  N  N   . PRO A 1 24  ? -15.420 12.760  6.519   1.00 28.94 ? 16  PRO A N   1 
ATOM   110  C  CA  . PRO A 1 24  ? -14.714 12.523  7.773   1.00 29.04 ? 16  PRO A CA  1 
ATOM   111  C  C   . PRO A 1 24  ? -14.201 11.095  7.935   1.00 28.74 ? 16  PRO A C   1 
ATOM   112  O  O   . PRO A 1 24  ? -14.791 10.139  7.408   1.00 28.97 ? 16  PRO A O   1 
ATOM   113  C  CB  . PRO A 1 24  ? -15.758 12.835  8.851   1.00 28.98 ? 16  PRO A CB  1 
ATOM   114  C  CG  . PRO A 1 24  ? -17.090 12.694  8.184   1.00 29.39 ? 16  PRO A CG  1 
ATOM   115  C  CD  . PRO A 1 24  ? -16.886 12.836  6.700   1.00 29.16 ? 16  PRO A CD  1 
ATOM   116  N  N   . CYS A 1 25  ? -13.111 10.970  8.679   1.00 28.23 ? 17  CYS A N   1 
ATOM   117  C  CA  . CYS A 1 25  ? -12.471 9.676   8.909   1.00 27.96 ? 17  CYS A CA  1 
ATOM   118  C  C   . CYS A 1 25  ? -11.448 9.893   10.019  1.00 27.24 ? 17  CYS A C   1 
ATOM   119  O  O   . CYS A 1 25  ? -10.686 10.873  9.994   1.00 26.43 ? 17  CYS A O   1 
ATOM   120  C  CB  . CYS A 1 25  ? -11.827 9.120   7.623   1.00 28.47 ? 17  CYS A CB  1 
ATOM   121  S  SG  . CYS A 1 25  ? -11.352 7.326   7.691   1.00 30.92 ? 17  CYS A SG  1 
ATOM   122  N  N   . ALA A 1 26  ? -11.480 9.011   11.014  1.00 26.50 ? 18  ALA A N   1 
ATOM   123  C  CA  . ALA A 1 26  ? -10.570 9.099   12.144  1.00 26.53 ? 18  ALA A CA  1 
ATOM   124  C  C   . ALA A 1 26  ? -9.150  8.867   11.641  1.00 26.52 ? 18  ALA A C   1 
ATOM   125  O  O   . ALA A 1 26  ? -8.827  7.828   11.070  1.00 26.01 ? 18  ALA A O   1 
ATOM   126  C  CB  . ALA A 1 26  ? -10.937 8.088   13.233  1.00 26.52 ? 18  ALA A CB  1 
ATOM   127  N  N   . LYS A 1 27  ? -8.320  9.860   11.879  1.00 25.95 ? 19  LYS A N   1 
ATOM   128  C  CA  . LYS A 1 27  ? -6.944  9.879   11.437  1.00 26.70 ? 19  LYS A CA  1 
ATOM   129  C  C   . LYS A 1 27  ? -6.061  9.101   12.457  1.00 25.85 ? 19  LYS A C   1 
ATOM   130  O  O   . LYS A 1 27  ? -5.999  9.455   13.639  1.00 24.74 ? 19  LYS A O   1 
ATOM   131  C  CB  . LYS A 1 27  ? -6.631  11.373  11.341  1.00 27.42 ? 19  LYS A CB  1 
ATOM   132  C  CG  . LYS A 1 27  ? -5.299  11.841  10.867  1.00 30.06 ? 19  LYS A CG  1 
ATOM   133  C  CD  . LYS A 1 27  ? -5.223  13.369  11.197  1.00 32.24 ? 19  LYS A CD  1 
ATOM   134  C  CE  . LYS A 1 27  ? -4.879  13.625  12.700  1.00 32.74 ? 19  LYS A CE  1 
ATOM   135  N  NZ  . LYS A 1 27  ? -5.664  14.734  13.322  1.00 33.26 ? 19  LYS A NZ  1 
ATOM   136  N  N   . VAL A 1 28  ? -5.452  7.997   12.016  1.00 25.55 ? 20  VAL A N   1 
ATOM   137  C  CA  . VAL A 1 28  ? -4.577  7.159   12.880  1.00 25.36 ? 20  VAL A CA  1 
ATOM   138  C  C   . VAL A 1 28  ? -3.150  7.748   13.009  1.00 25.43 ? 20  VAL A C   1 
ATOM   139  O  O   . VAL A 1 28  ? -2.462  7.581   14.028  1.00 26.14 ? 20  VAL A O   1 
ATOM   140  C  CB  . VAL A 1 28  ? -4.554  5.681   12.360  1.00 25.54 ? 20  VAL A CB  1 
ATOM   141  C  CG1 . VAL A 1 28  ? -3.398  4.882   12.938  1.00 24.53 ? 20  VAL A CG1 1 
ATOM   142  C  CG2 . VAL A 1 28  ? -5.894  5.005   12.660  1.00 26.02 ? 20  VAL A CG2 1 
ATOM   143  N  N   . ALA A 1 29  ? -2.714  8.455   11.975  1.00 25.30 ? 21  ALA A N   1 
ATOM   144  C  CA  . ALA A 1 29  ? -1.442  9.156   11.985  1.00 25.05 ? 21  ALA A CA  1 
ATOM   145  C  C   . ALA A 1 29  ? -1.413  10.088  10.781  1.00 25.67 ? 21  ALA A C   1 
ATOM   146  O  O   . ALA A 1 29  ? -2.160  9.895   9.814   1.00 24.89 ? 21  ALA A O   1 
ATOM   147  C  CB  . ALA A 1 29  ? -0.289  8.180   11.937  1.00 24.55 ? 21  ALA A CB  1 
ATOM   148  N  N   . GLU A 1 30  ? -0.578  11.117  10.870  1.00 26.57 ? 22  GLU A N   1 
ATOM   149  C  CA  . GLU A 1 30  ? -0.419  12.092  9.803   1.00 27.37 ? 22  GLU A CA  1 
ATOM   150  C  C   . GLU A 1 30  ? 1.009   12.605  9.851   1.00 27.30 ? 22  GLU A C   1 
ATOM   151  O  O   . GLU A 1 30  ? 1.528   12.899  10.914  1.00 26.63 ? 22  GLU A O   1 
ATOM   152  C  CB  . GLU A 1 30  ? -1.419  13.238  9.955   1.00 28.21 ? 22  GLU A CB  1 
ATOM   153  C  CG  . GLU A 1 30  ? -1.323  14.294  8.841   1.00 30.72 ? 22  GLU A CG  1 
ATOM   154  C  CD  . GLU A 1 30  ? -2.412  15.383  8.884   1.00 33.84 ? 22  GLU A CD  1 
ATOM   155  O  OE1 . GLU A 1 30  ? -3.140  15.510  9.903   1.00 36.55 ? 22  GLU A OE1 1 
ATOM   156  O  OE2 . GLU A 1 30  ? -2.524  16.138  7.879   1.00 35.97 ? 22  GLU A OE2 1 
ATOM   157  N  N   . THR A 1 31  ? 1.666   12.636  8.699   1.00 27.82 ? 23  THR A N   1 
ATOM   158  C  CA  . THR A 1 31  ? 3.017   13.160  8.599   1.00 28.38 ? 23  THR A CA  1 
ATOM   159  C  C   . THR A 1 31  ? 2.932   14.240  7.548   1.00 28.47 ? 23  THR A C   1 
ATOM   160  O  O   . THR A 1 31  ? 1.846   14.522  7.037   1.00 28.53 ? 23  THR A O   1 
ATOM   161  C  CB  . THR A 1 31  ? 4.055   12.048  8.227   1.00 28.48 ? 23  THR A CB  1 
ATOM   162  O  OG1 . THR A 1 31  ? 3.751   11.504  6.943   1.00 29.26 ? 23  THR A OG1 1 
ATOM   163  C  CG2 . THR A 1 31  ? 4.033   10.913  9.248   1.00 28.83 ? 23  THR A CG2 1 
ATOM   164  N  N   . SER A 1 32  ? 4.057   14.853  7.204   1.00 28.81 ? 24  SER A N   1 
ATOM   165  C  CA  . SER A 1 32  ? 4.027   15.894  6.183   1.00 28.77 ? 24  SER A CA  1 
ATOM   166  C  C   . SER A 1 32  ? 3.463   15.385  4.845   1.00 28.22 ? 24  SER A C   1 
ATOM   167  O  O   . SER A 1 32  ? 2.656   16.069  4.212   1.00 28.82 ? 24  SER A O   1 
ATOM   168  C  CB  . SER A 1 32  ? 5.420   16.480  5.982   1.00 28.82 ? 24  SER A CB  1 
ATOM   169  O  OG  . SER A 1 32  ? 6.380   15.445  5.914   1.00 30.57 ? 24  SER A OG  1 
ATOM   170  N  N   . LYS A 1 33  ? 3.846   14.180  4.432   1.00 27.24 ? 25  LYS A N   1 
ATOM   171  C  CA  . LYS A 1 33  ? 3.521   13.703  3.079   1.00 26.42 ? 25  LYS A CA  1 
ATOM   172  C  C   . LYS A 1 33  ? 2.532   12.543  3.015   1.00 25.00 ? 25  LYS A C   1 
ATOM   173  O  O   . LYS A 1 33  ? 2.160   12.137  1.918   1.00 24.23 ? 25  LYS A O   1 
ATOM   174  C  CB  . LYS A 1 33  ? 4.817   13.329  2.336   1.00 26.93 ? 25  LYS A CB  1 
ATOM   175  C  CG  . LYS A 1 33  ? 5.673   14.524  1.922   1.00 28.80 ? 25  LYS A CG  1 
ATOM   176  C  CD  . LYS A 1 33  ? 5.035   15.252  0.739   1.00 31.89 ? 25  LYS A CD  1 
ATOM   177  C  CE  . LYS A 1 33  ? 5.856   16.455  0.269   1.00 34.03 ? 25  LYS A CE  1 
ATOM   178  N  NZ  . LYS A 1 33  ? 5.392   16.950  -1.081  1.00 35.52 ? 25  LYS A NZ  1 
ATOM   179  N  N   . ALA A 1 34  ? 2.078   12.045  4.172   1.00 23.46 ? 26  ALA A N   1 
ATOM   180  C  CA  . ALA A 1 34  ? 1.296   10.802  4.249   1.00 22.55 ? 26  ALA A CA  1 
ATOM   181  C  C   . ALA A 1 34  ? 0.224   10.817  5.353   1.00 22.14 ? 26  ALA A C   1 
ATOM   182  O  O   . ALA A 1 34  ? 0.312   11.583  6.295   1.00 21.81 ? 26  ALA A O   1 
ATOM   183  C  CB  . ALA A 1 34  ? 2.244   9.592   4.436   1.00 21.77 ? 26  ALA A CB  1 
ATOM   184  N  N   . LEU A 1 35  ? -0.777  9.953   5.212   1.00 21.82 ? 27  LEU A N   1 
ATOM   185  C  CA  . LEU A 1 35  ? -1.835  9.792   6.190   1.00 22.17 ? 27  LEU A CA  1 
ATOM   186  C  C   . LEU A 1 35  ? -2.140  8.294   6.428   1.00 21.85 ? 27  LEU A C   1 
ATOM   187  O  O   . LEU A 1 35  ? -2.015  7.476   5.512   1.00 21.56 ? 27  LEU A O   1 
ATOM   188  C  CB  . LEU A 1 35  ? -3.088  10.518  5.672   1.00 22.91 ? 27  LEU A CB  1 
ATOM   189  C  CG  . LEU A 1 35  ? -4.080  11.061  6.685   1.00 25.82 ? 27  LEU A CG  1 
ATOM   190  C  CD1 . LEU A 1 35  ? -3.651  12.472  7.097   1.00 27.65 ? 27  LEU A CD1 1 
ATOM   191  C  CD2 . LEU A 1 35  ? -5.533  11.026  6.117   1.00 29.12 ? 27  LEU A CD2 1 
ATOM   192  N  N   . ALA A 1 36  ? -2.549  7.943   7.649   1.00 21.48 ? 28  ALA A N   1 
ATOM   193  C  CA  . ALA A 1 36  ? -3.058  6.616   7.968   1.00 21.02 ? 28  ALA A CA  1 
ATOM   194  C  C   . ALA A 1 36  ? -4.452  6.674   8.600   1.00 21.54 ? 28  ALA A C   1 
ATOM   195  O  O   . ALA A 1 36  ? -4.771  7.594   9.376   1.00 21.79 ? 28  ALA A O   1 
ATOM   196  C  CB  . ALA A 1 36  ? -2.083  5.884   8.887   1.00 20.91 ? 28  ALA A CB  1 
ATOM   197  N  N   . PHE A 1 37  ? -5.279  5.683   8.266   1.00 21.99 ? 29  PHE A N   1 
ATOM   198  C  CA  . PHE A 1 37  ? -6.582  5.504   8.865   1.00 22.40 ? 29  PHE A CA  1 
ATOM   199  C  C   . PHE A 1 37  ? -7.085  4.053   8.754   1.00 22.26 ? 29  PHE A C   1 
ATOM   200  O  O   . PHE A 1 37  ? -6.453  3.199   8.131   1.00 21.50 ? 29  PHE A O   1 
ATOM   201  C  CB  . PHE A 1 37  ? -7.580  6.492   8.262   1.00 24.21 ? 29  PHE A CB  1 
ATOM   202  C  CG  . PHE A 1 37  ? -7.577  6.518   6.784   1.00 25.02 ? 29  PHE A CG  1 
ATOM   203  C  CD1 . PHE A 1 37  ? -8.374  5.640   6.070   1.00 28.42 ? 29  PHE A CD1 1 
ATOM   204  C  CD2 . PHE A 1 37  ? -6.797  7.425   6.103   1.00 27.85 ? 29  PHE A CD2 1 
ATOM   205  C  CE1 . PHE A 1 37  ? -8.395  5.657   4.671   1.00 29.85 ? 29  PHE A CE1 1 
ATOM   206  C  CE2 . PHE A 1 37  ? -6.798  7.462   4.714   1.00 29.65 ? 29  PHE A CE2 1 
ATOM   207  C  CZ  . PHE A 1 37  ? -7.599  6.567   3.987   1.00 29.91 ? 29  PHE A CZ  1 
ATOM   208  N  N   . MET A 1 38  ? -8.216  3.778   9.389   1.00 21.74 ? 30  MET A N   1 
ATOM   209  C  CA  . MET A 1 38  ? -8.797  2.440   9.372   1.00 22.23 ? 30  MET A CA  1 
ATOM   210  C  C   . MET A 1 38  ? -9.543  2.175   8.059   1.00 22.48 ? 30  MET A C   1 
ATOM   211  O  O   . MET A 1 38  ? -10.061 3.097   7.421   1.00 22.21 ? 30  MET A O   1 
ATOM   212  C  CB  . MET A 1 38  ? -9.733  2.246   10.565  1.00 22.38 ? 30  MET A CB  1 
ATOM   213  C  CG  . MET A 1 38  ? -9.112  2.550   11.957  1.00 23.42 ? 30  MET A CG  1 
ATOM   214  S  SD  . MET A 1 38  ? -7.651  1.570   12.365  1.00 24.37 ? 30  MET A SD  1 
ATOM   215  C  CE  . MET A 1 38  ? -8.349  -0.078  12.225  1.00 22.63 ? 30  MET A CE  1 
ATOM   216  N  N   . ASP A 1 39  ? -9.594  0.912   7.646   1.00 22.71 ? 31  ASP A N   1 
ATOM   217  C  CA  . ASP A 1 39  ? -10.387 0.536   6.484   1.00 23.36 ? 31  ASP A CA  1 
ATOM   218  C  C   . ASP A 1 39  ? -11.790 0.220   7.009   1.00 23.60 ? 31  ASP A C   1 
ATOM   219  O  O   . ASP A 1 39  ? -11.959 -0.631  7.881   1.00 23.32 ? 31  ASP A O   1 
ATOM   220  C  CB  . ASP A 1 39  ? -9.771  -0.663  5.750   1.00 23.53 ? 31  ASP A CB  1 
ATOM   221  C  CG  . ASP A 1 39  ? -10.287 -0.820  4.318   1.00 24.42 ? 31  ASP A CG  1 
ATOM   222  O  OD1 . ASP A 1 39  ? -11.471 -0.616  4.079   1.00 26.51 ? 31  ASP A OD1 1 
ATOM   223  O  OD2 . ASP A 1 39  ? -9.514  -1.192  3.404   1.00 27.64 ? 31  ASP A OD2 1 
ATOM   224  N  N   . ILE A 1 40  ? -12.794 0.914   6.478   1.00 23.80 ? 32  ILE A N   1 
ATOM   225  C  CA  . ILE A 1 40  ? -14.176 0.689   6.896   1.00 24.23 ? 32  ILE A CA  1 
ATOM   226  C  C   . ILE A 1 40  ? -14.808 -0.497  6.155   1.00 24.82 ? 32  ILE A C   1 
ATOM   227  O  O   . ILE A 1 40  ? -15.956 -0.856  6.435   1.00 24.65 ? 32  ILE A O   1 
ATOM   228  C  CB  . ILE A 1 40  ? -15.059 1.961   6.734   1.00 24.49 ? 32  ILE A CB  1 
ATOM   229  C  CG1 . ILE A 1 40  ? -15.166 2.361   5.264   1.00 24.78 ? 32  ILE A CG1 1 
ATOM   230  C  CG2 . ILE A 1 40  ? -14.488 3.121   7.561   1.00 23.11 ? 32  ILE A CG2 1 
ATOM   231  C  CD1 . ILE A 1 40  ? -16.464 3.141   4.948   1.00 28.48 ? 32  ILE A CD1 1 
ATOM   232  N  N   . ASN A 1 41  ? -14.069 -1.086  5.208   1.00 25.11 ? 33  ASN A N   1 
ATOM   233  C  CA  . ASN A 1 41  ? -14.448 -2.363  4.574   1.00 25.90 ? 33  ASN A CA  1 
ATOM   234  C  C   . ASN A 1 41  ? -13.320 -3.376  4.738   1.00 25.37 ? 33  ASN A C   1 
ATOM   235  O  O   . ASN A 1 41  ? -12.712 -3.791  3.741   1.00 25.56 ? 33  ASN A O   1 
ATOM   236  C  CB  . ASN A 1 41  ? -14.716 -2.183  3.074   1.00 26.35 ? 33  ASN A CB  1 
ATOM   237  C  CG  . ASN A 1 41  ? -15.928 -1.328  2.784   1.00 28.94 ? 33  ASN A CG  1 
ATOM   238  O  OD1 . ASN A 1 41  ? -15.853 -0.384  1.987   1.00 31.82 ? 33  ASN A OD1 1 
ATOM   239  N  ND2 . ASN A 1 41  ? -17.058 -1.657  3.413   1.00 30.46 ? 33  ASN A ND2 1 
ATOM   240  N  N   . PRO A 1 42  ? -13.020 -3.760  5.991   1.00 24.86 ? 34  PRO A N   1 
ATOM   241  C  CA  . PRO A 1 42  ? -11.845 -4.568  6.311   1.00 24.75 ? 34  PRO A CA  1 
ATOM   242  C  C   . PRO A 1 42  ? -11.982 -6.032  5.923   1.00 24.69 ? 34  PRO A C   1 
ATOM   243  O  O   . PRO A 1 42  ? -13.094 -6.542  5.897   1.00 25.38 ? 34  PRO A O   1 
ATOM   244  C  CB  . PRO A 1 42  ? -11.785 -4.469  7.833   1.00 24.73 ? 34  PRO A CB  1 
ATOM   245  C  CG  . PRO A 1 42  ? -13.195 -4.367  8.245   1.00 24.82 ? 34  PRO A CG  1 
ATOM   246  C  CD  . PRO A 1 42  ? -13.838 -3.511  7.196   1.00 24.57 ? 34  PRO A CD  1 
ATOM   247  N  N   . LEU A 1 43  ? -10.854 -6.704  5.673   1.00 24.55 ? 35  LEU A N   1 
ATOM   248  C  CA  . LEU A 1 43  ? -10.816 -8.159  5.493   1.00 23.96 ? 35  LEU A CA  1 
ATOM   249  C  C   . LEU A 1 43  ? -10.662 -8.878  6.823   1.00 24.22 ? 35  LEU A C   1 
ATOM   250  O  O   . LEU A 1 43  ? -10.899 -10.084 6.921   1.00 23.73 ? 35  LEU A O   1 
ATOM   251  C  CB  . LEU A 1 43  ? -9.639  -8.565  4.616   1.00 23.90 ? 35  LEU A CB  1 
ATOM   252  C  CG  . LEU A 1 43  ? -9.568  -8.054  3.183   1.00 23.09 ? 35  LEU A CG  1 
ATOM   253  C  CD1 . LEU A 1 43  ? -8.360  -8.696  2.547   1.00 20.81 ? 35  LEU A CD1 1 
ATOM   254  C  CD2 . LEU A 1 43  ? -10.832 -8.332  2.388   1.00 21.08 ? 35  LEU A CD2 1 
ATOM   255  N  N   . SER A 1 44  ? -10.231 -8.124  7.830   1.00 24.53 ? 36  SER A N   1 
ATOM   256  C  CA  . SER A 1 44  ? -10.015 -8.634  9.174   1.00 25.08 ? 36  SER A CA  1 
ATOM   257  C  C   . SER A 1 44  ? -10.057 -7.444  10.123  1.00 25.04 ? 36  SER A C   1 
ATOM   258  O  O   . SER A 1 44  ? -9.921  -6.291  9.703   1.00 24.94 ? 36  SER A O   1 
ATOM   259  C  CB  . SER A 1 44  ? -8.660  -9.326  9.260   1.00 25.13 ? 36  SER A CB  1 
ATOM   260  O  OG  . SER A 1 44  ? -7.633  -8.415  8.915   1.00 25.44 ? 36  SER A OG  1 
ATOM   261  N  N   . ARG A 1 45  ? -10.270 -7.726  11.397  1.00 25.06 ? 37  ARG A N   1 
ATOM   262  C  CA  . ARG A 1 45  ? -10.295 -6.705  12.437  1.00 24.80 ? 37  ARG A CA  1 
ATOM   263  C  C   . ARG A 1 45  ? -8.915  -6.028  12.564  1.00 23.96 ? 37  ARG A C   1 
ATOM   264  O  O   . ARG A 1 45  ? -7.903  -6.711  12.690  1.00 23.88 ? 37  ARG A O   1 
ATOM   265  C  CB  . ARG A 1 45  ? -10.729 -7.376  13.756  1.00 25.47 ? 37  ARG A CB  1 
ATOM   266  C  CG  . ARG A 1 45  ? -10.720 -6.503  14.992  1.00 26.73 ? 37  ARG A CG  1 
ATOM   267  C  CD  . ARG A 1 45  ? -11.786 -5.439  14.985  1.00 27.56 ? 37  ARG A CD  1 
ATOM   268  N  NE  . ARG A 1 45  ? -11.543 -4.513  16.091  1.00 28.61 ? 37  ARG A NE  1 
ATOM   269  C  CZ  . ARG A 1 45  ? -11.938 -4.679  17.360  1.00 28.18 ? 37  ARG A CZ  1 
ATOM   270  N  NH1 . ARG A 1 45  ? -12.669 -5.733  17.746  1.00 28.10 ? 37  ARG A NH1 1 
ATOM   271  N  NH2 . ARG A 1 45  ? -11.621 -3.743  18.254  1.00 26.92 ? 37  ARG A NH2 1 
ATOM   272  N  N   . GLY A 1 46  ? -8.885  -4.690  12.500  1.00 23.30 ? 38  GLY A N   1 
ATOM   273  C  CA  . GLY A 1 46  ? -7.633  -3.903  12.599  1.00 22.77 ? 38  GLY A CA  1 
ATOM   274  C  C   . GLY A 1 46  ? -6.942  -3.567  11.275  1.00 21.91 ? 38  GLY A C   1 
ATOM   275  O  O   . GLY A 1 46  ? -5.847  -3.011  11.266  1.00 21.75 ? 38  GLY A O   1 
ATOM   276  N  N   . HIS A 1 47  ? -7.570  -3.954  10.165  1.00 21.36 ? 39  HIS A N   1 
ATOM   277  C  CA  . HIS A 1 47  ? -7.142  -3.617  8.795   1.00 20.98 ? 39  HIS A CA  1 
ATOM   278  C  C   . HIS A 1 47  ? -7.092  -2.104  8.620   1.00 20.67 ? 39  HIS A C   1 
ATOM   279  O  O   . HIS A 1 47  ? -8.089  -1.394  8.848   1.00 20.85 ? 39  HIS A O   1 
ATOM   280  C  CB  . HIS A 1 47  ? -8.135  -4.252  7.801   1.00 20.66 ? 39  HIS A CB  1 
ATOM   281  C  CG  . HIS A 1 47  ? -7.833  -4.031  6.340   1.00 21.03 ? 39  HIS A CG  1 
ATOM   282  N  ND1 . HIS A 1 47  ? -8.501  -4.725  5.353   1.00 19.50 ? 39  HIS A ND1 1 
ATOM   283  C  CD2 . HIS A 1 47  ? -6.981  -3.194  5.695   1.00 21.40 ? 39  HIS A CD2 1 
ATOM   284  C  CE1 . HIS A 1 47  ? -8.068  -4.337  4.169   1.00 20.60 ? 39  HIS A CE1 1 
ATOM   285  N  NE2 . HIS A 1 47  ? -7.145  -3.408  4.346   1.00 21.30 ? 39  HIS A NE2 1 
ATOM   286  N  N   . MET A 1 48  ? -5.918  -1.619  8.219   1.00 20.68 ? 40  MET A N   1 
ATOM   287  C  CA  . MET A 1 48  ? -5.705  -0.203  8.062   1.00 20.58 ? 40  MET A CA  1 
ATOM   288  C  C   . MET A 1 48  ? -5.062  0.100   6.743   1.00 20.42 ? 40  MET A C   1 
ATOM   289  O  O   . MET A 1 48  ? -4.643  -0.802  6.021   1.00 19.46 ? 40  MET A O   1 
ATOM   290  C  CB  . MET A 1 48  ? -4.877  0.361   9.232   1.00 21.53 ? 40  MET A CB  1 
ATOM   291  C  CG  . MET A 1 48  ? -3.436  -0.121  9.368   1.00 22.17 ? 40  MET A CG  1 
ATOM   292  S  SD  . MET A 1 48  ? -2.599  0.825   10.659  1.00 27.78 ? 40  MET A SD  1 
ATOM   293  C  CE  . MET A 1 48  ? -2.636  2.452   9.857   1.00 30.02 ? 40  MET A CE  1 
ATOM   294  N  N   . LEU A 1 49  ? -5.017  1.402   6.445   1.00 20.78 ? 41  LEU A N   1 
ATOM   295  C  CA  . LEU A 1 49  ? -4.533  1.941   5.195   1.00 20.59 ? 41  LEU A CA  1 
ATOM   296  C  C   . LEU A 1 49  ? -3.486  3.033   5.451   1.00 20.84 ? 41  LEU A C   1 
ATOM   297  O  O   . LEU A 1 49  ? -3.615  3.808   6.396   1.00 20.77 ? 41  LEU A O   1 
ATOM   298  C  CB  . LEU A 1 49  ? -5.691  2.551   4.429   1.00 20.26 ? 41  LEU A CB  1 
ATOM   299  C  CG  . LEU A 1 49  ? -6.861  1.619   4.096   1.00 20.67 ? 41  LEU A CG  1 
ATOM   300  C  CD1 . LEU A 1 49  ? -8.096  2.439   3.706   1.00 19.97 ? 41  LEU A CD1 1 
ATOM   301  C  CD2 . LEU A 1 49  ? -6.506  0.655   3.010   1.00 23.05 ? 41  LEU A CD2 1 
ATOM   302  N  N   . VAL A 1 50  ? -2.447  3.076   4.621   1.00 20.97 ? 42  VAL A N   1 
ATOM   303  C  CA  . VAL A 1 50  ? -1.468  4.165   4.628   1.00 21.50 ? 42  VAL A CA  1 
ATOM   304  C  C   . VAL A 1 50  ? -1.421  4.742   3.219   1.00 22.25 ? 42  VAL A C   1 
ATOM   305  O  O   . VAL A 1 50  ? -1.130  4.023   2.262   1.00 22.36 ? 42  VAL A O   1 
ATOM   306  C  CB  . VAL A 1 50  ? -0.052  3.670   5.007   1.00 21.54 ? 42  VAL A CB  1 
ATOM   307  C  CG1 . VAL A 1 50  ? 0.983   4.766   4.793   1.00 21.96 ? 42  VAL A CG1 1 
ATOM   308  C  CG2 . VAL A 1 50  ? -0.024  3.169   6.439   1.00 20.80 ? 42  VAL A CG2 1 
ATOM   309  N  N   . ILE A 1 51  ? -1.691  6.031   3.088   1.00 22.82 ? 43  ILE A N   1 
ATOM   310  C  CA  . ILE A 1 51  ? -1.740  6.669   1.774   1.00 24.15 ? 43  ILE A CA  1 
ATOM   311  C  C   . ILE A 1 51  ? -0.843  7.914   1.700   1.00 24.13 ? 43  ILE A C   1 
ATOM   312  O  O   . ILE A 1 51  ? -0.646  8.601   2.704   1.00 25.14 ? 43  ILE A O   1 
ATOM   313  C  CB  . ILE A 1 51  ? -3.193  7.065   1.389   1.00 24.26 ? 43  ILE A CB  1 
ATOM   314  C  CG1 . ILE A 1 51  ? -3.674  8.231   2.218   1.00 26.04 ? 43  ILE A CG1 1 
ATOM   315  C  CG2 . ILE A 1 51  ? -4.161  5.880   1.566   1.00 25.90 ? 43  ILE A CG2 1 
ATOM   316  C  CD1 . ILE A 1 51  ? -4.886  8.909   1.619   1.00 27.29 ? 43  ILE A CD1 1 
ATOM   317  N  N   . PRO A 1 52  ? -0.295  8.213   0.510   1.00 23.60 ? 44  PRO A N   1 
ATOM   318  C  CA  . PRO A 1 52  ? 0.315   9.515   0.344   1.00 23.78 ? 44  PRO A CA  1 
ATOM   319  C  C   . PRO A 1 52  ? -0.748  10.601  0.254   1.00 23.82 ? 44  PRO A C   1 
ATOM   320  O  O   . PRO A 1 52  ? -1.850  10.360  -0.243  1.00 24.08 ? 44  PRO A O   1 
ATOM   321  C  CB  . PRO A 1 52  ? 1.049   9.373   -0.986  1.00 23.66 ? 44  PRO A CB  1 
ATOM   322  C  CG  . PRO A 1 52  ? 0.206   8.443   -1.754  1.00 23.49 ? 44  PRO A CG  1 
ATOM   323  C  CD  . PRO A 1 52  ? -0.253  7.439   -0.741  1.00 23.66 ? 44  PRO A CD  1 
ATOM   324  N  N   . LYS A 1 53  ? -0.427  11.789  0.738   1.00 24.54 ? 45  LYS A N   1 
ATOM   325  C  CA  . LYS A 1 53  ? -1.316  12.930  0.567   1.00 25.54 ? 45  LYS A CA  1 
ATOM   326  C  C   . LYS A 1 53  ? -1.441  13.323  -0.915  1.00 26.37 ? 45  LYS A C   1 
ATOM   327  O  O   . LYS A 1 53  ? -2.516  13.712  -1.361  1.00 26.74 ? 45  LYS A O   1 
ATOM   328  C  CB  . LYS A 1 53  ? -0.832  14.113  1.404   1.00 25.70 ? 45  LYS A CB  1 
ATOM   329  C  CG  . LYS A 1 53  ? -1.116  13.965  2.906   1.00 25.61 ? 45  LYS A CG  1 
ATOM   330  C  CD  . LYS A 1 53  ? -0.343  15.011  3.718   1.00 27.05 ? 45  LYS A CD  1 
ATOM   331  C  CE  . LYS A 1 53  ? -0.859  15.155  5.141   1.00 28.09 ? 45  LYS A CE  1 
ATOM   332  N  NZ  . LYS A 1 53  ? 0.073   15.966  5.985   1.00 28.94 ? 45  LYS A NZ  1 
ATOM   333  N  N   . GLU A 1 54  ? -0.354  13.183  -1.671  1.00 27.28 ? 46  GLU A N   1 
ATOM   334  C  CA  . GLU A 1 54  ? -0.340  13.480  -3.110  1.00 28.51 ? 46  GLU A CA  1 
ATOM   335  C  C   . GLU A 1 54  ? -1.273  12.507  -3.838  1.00 27.79 ? 46  GLU A C   1 
ATOM   336  O  O   . GLU A 1 54  ? -1.284  11.312  -3.525  1.00 27.21 ? 46  GLU A O   1 
ATOM   337  C  CB  . GLU A 1 54  ? 1.105   13.336  -3.661  1.00 29.43 ? 46  GLU A CB  1 
ATOM   338  C  CG  . GLU A 1 54  ? 1.304   13.708  -5.155  1.00 32.67 ? 46  GLU A CG  1 
ATOM   339  C  CD  . GLU A 1 54  ? 2.591   13.100  -5.803  1.00 37.12 ? 46  GLU A CD  1 
ATOM   340  O  OE1 . GLU A 1 54  ? 3.479   12.522  -5.093  1.00 38.31 ? 46  GLU A OE1 1 
ATOM   341  O  OE2 . GLU A 1 54  ? 2.698   13.199  -7.054  1.00 38.60 ? 46  GLU A OE2 1 
ATOM   342  N  N   . HIS A 1 55  ? -2.053  13.001  -4.800  1.00 27.09 ? 47  HIS A N   1 
ATOM   343  C  CA  . HIS A 1 55  ? -2.845  12.103  -5.650  1.00 26.61 ? 47  HIS A CA  1 
ATOM   344  C  C   . HIS A 1 55  ? -1.945  11.461  -6.709  1.00 26.67 ? 47  HIS A C   1 
ATOM   345  O  O   . HIS A 1 55  ? -1.819  11.969  -7.827  1.00 26.80 ? 47  HIS A O   1 
ATOM   346  C  CB  . HIS A 1 55  ? -4.041  12.810  -6.321  1.00 26.56 ? 47  HIS A CB  1 
ATOM   347  C  CG  . HIS A 1 55  ? -4.932  11.879  -7.096  1.00 25.34 ? 47  HIS A CG  1 
ATOM   348  N  ND1 . HIS A 1 55  ? -5.916  11.115  -6.505  1.00 23.15 ? 47  HIS A ND1 1 
ATOM   349  C  CD2 . HIS A 1 55  ? -4.964  11.575  -8.417  1.00 25.76 ? 47  HIS A CD2 1 
ATOM   350  C  CE1 . HIS A 1 55  ? -6.515  10.383  -7.427  1.00 24.82 ? 47  HIS A CE1 1 
ATOM   351  N  NE2 . HIS A 1 55  ? -5.963  10.648  -8.597  1.00 25.44 ? 47  HIS A NE2 1 
ATOM   352  N  N   . ALA A 1 56  ? -1.316  10.350  -6.341  1.00 26.51 ? 48  ALA A N   1 
ATOM   353  C  CA  . ALA A 1 56  ? -0.616  9.478   -7.299  1.00 26.46 ? 48  ALA A CA  1 
ATOM   354  C  C   . ALA A 1 56  ? -1.523  8.283   -7.531  1.00 26.63 ? 48  ALA A C   1 
ATOM   355  O  O   . ALA A 1 56  ? -1.960  7.652   -6.579  1.00 26.74 ? 48  ALA A O   1 
ATOM   356  C  CB  . ALA A 1 56  ? 0.708   9.028   -6.740  1.00 26.18 ? 48  ALA A CB  1 
ATOM   357  N  N   . SER A 1 57  ? -1.846  7.983   -8.779  1.00 26.45 ? 49  SER A N   1 
ATOM   358  C  CA  . SER A 1 57  ? -2.714  6.836   -9.055  1.00 27.16 ? 49  SER A CA  1 
ATOM   359  C  C   . SER A 1 57  ? -2.001  5.462   -8.856  1.00 26.48 ? 49  SER A C   1 
ATOM   360  O  O   . SER A 1 57  ? -2.628  4.485   -8.418  1.00 25.82 ? 49  SER A O   1 
ATOM   361  C  CB  . SER A 1 57  ? -3.314  6.963   -10.457 1.00 28.08 ? 49  SER A CB  1 
ATOM   362  O  OG  . SER A 1 57  ? -3.817  5.712   -10.908 1.00 32.68 ? 49  SER A OG  1 
ATOM   363  N  N   . CYS A 1 58  ? -0.705  5.405   -9.176  1.00 25.77 ? 50  CYS A N   1 
ATOM   364  C  CA  . CYS A 1 58  ? 0.112   4.192   -9.017  1.00 25.49 ? 50  CYS A CA  1 
ATOM   365  C  C   . CYS A 1 58  ? 1.443   4.550   -8.320  1.00 23.72 ? 50  CYS A C   1 
ATOM   366  O  O   . CYS A 1 58  ? 1.858   5.714   -8.286  1.00 22.54 ? 50  CYS A O   1 
ATOM   367  C  CB  . CYS A 1 58  ? 0.389   3.514   -10.375 1.00 26.48 ? 50  CYS A CB  1 
ATOM   368  S  SG  . CYS A 1 58  ? -1.070  3.233   -11.484 1.00 31.72 ? 50  CYS A SG  1 
ATOM   369  N  N   . LEU A 1 59  ? 2.110   3.541   -7.771  1.00 22.08 ? 51  LEU A N   1 
ATOM   370  C  CA  . LEU A 1 59  ? 3.287   3.766   -6.946  1.00 21.15 ? 51  LEU A CA  1 
ATOM   371  C  C   . LEU A 1 59  ? 4.407   4.417   -7.734  1.00 20.60 ? 51  LEU A C   1 
ATOM   372  O  O   . LEU A 1 59  ? 5.173   5.220   -7.181  1.00 20.61 ? 51  LEU A O   1 
ATOM   373  C  CB  . LEU A 1 59  ? 3.772   2.448   -6.313  1.00 20.13 ? 51  LEU A CB  1 
ATOM   374  C  CG  . LEU A 1 59  ? 4.853   2.582   -5.240  1.00 20.09 ? 51  LEU A CG  1 
ATOM   375  C  CD1 . LEU A 1 59  ? 4.381   3.457   -4.088  1.00 20.29 ? 51  LEU A CD1 1 
ATOM   376  C  CD2 . LEU A 1 59  ? 5.303   1.192   -4.717  1.00 19.54 ? 51  LEU A CD2 1 
ATOM   377  N  N   . HIS A 1 60  ? 4.478   4.097   -9.025  1.00 20.43 ? 52  HIS A N   1 
ATOM   378  C  CA  . HIS A 1 60  ? 5.523   4.643   -9.900  1.00 21.15 ? 52  HIS A CA  1 
ATOM   379  C  C   . HIS A 1 60  ? 5.336   6.122   -10.205 1.00 22.23 ? 52  HIS A C   1 
ATOM   380  O  O   . HIS A 1 60  ? 6.230   6.738   -10.771 1.00 22.29 ? 52  HIS A O   1 
ATOM   381  C  CB  . HIS A 1 60  ? 5.688   3.827   -11.206 1.00 20.73 ? 52  HIS A CB  1 
ATOM   382  C  CG  . HIS A 1 60  ? 4.474   3.780   -12.084 1.00 19.67 ? 52  HIS A CG  1 
ATOM   383  N  ND1 . HIS A 1 60  ? 4.280   4.655   -13.139 1.00 23.25 ? 52  HIS A ND1 1 
ATOM   384  C  CD2 . HIS A 1 60  ? 3.420   2.930   -12.105 1.00 17.25 ? 52  HIS A CD2 1 
ATOM   385  C  CE1 . HIS A 1 60  ? 3.130   4.379   -13.734 1.00 21.55 ? 52  HIS A CE1 1 
ATOM   386  N  NE2 . HIS A 1 60  ? 2.592   3.331   -13.126 1.00 22.71 ? 52  HIS A NE2 1 
ATOM   387  N  N   . GLU A 1 61  ? 4.189   6.686   -9.821  1.00 22.85 ? 53  GLU A N   1 
ATOM   388  C  CA  . GLU A 1 61  ? 3.943   8.106   -10.018 1.00 24.08 ? 53  GLU A CA  1 
ATOM   389  C  C   . GLU A 1 61  ? 4.273   8.911   -8.769  1.00 24.75 ? 53  GLU A C   1 
ATOM   390  O  O   . GLU A 1 61  ? 4.230   10.140  -8.790  1.00 24.98 ? 53  GLU A O   1 
ATOM   391  C  CB  . GLU A 1 61  ? 2.490   8.323   -10.430 1.00 24.36 ? 53  GLU A CB  1 
ATOM   392  C  CG  . GLU A 1 61  ? 2.191   7.866   -11.860 1.00 26.21 ? 53  GLU A CG  1 
ATOM   393  C  CD  . GLU A 1 61  ? 0.750   8.149   -12.284 1.00 30.59 ? 53  GLU A CD  1 
ATOM   394  O  OE1 . GLU A 1 61  ? -0.164  7.575   -11.648 1.00 33.79 ? 53  GLU A OE1 1 
ATOM   395  O  OE2 . GLU A 1 61  ? 0.532   8.936   -13.248 1.00 33.32 ? 53  GLU A OE2 1 
ATOM   396  N  N   . LEU A 1 62  ? 4.626   8.216   -7.688  1.00 24.82 ? 54  LEU A N   1 
ATOM   397  C  CA  . LEU A 1 62  ? 4.868   8.851   -6.394  1.00 25.22 ? 54  LEU A CA  1 
ATOM   398  C  C   . LEU A 1 62  ? 6.258   9.503   -6.384  1.00 25.19 ? 54  LEU A C   1 
ATOM   399  O  O   . LEU A 1 62  ? 7.210   8.930   -6.918  1.00 25.15 ? 54  LEU A O   1 
ATOM   400  C  CB  . LEU A 1 62  ? 4.773   7.779   -5.293  1.00 25.65 ? 54  LEU A CB  1 
ATOM   401  C  CG  . LEU A 1 62  ? 4.506   8.180   -3.844  1.00 25.92 ? 54  LEU A CG  1 
ATOM   402  C  CD1 . LEU A 1 62  ? 3.237   9.009   -3.730  1.00 26.88 ? 54  LEU A CD1 1 
ATOM   403  C  CD2 . LEU A 1 62  ? 4.439   6.934   -2.983  1.00 24.75 ? 54  LEU A CD2 1 
ATOM   404  N  N   . GLY A 1 63  ? 6.379   10.688  -5.788  1.00 24.76 ? 55  GLY A N   1 
ATOM   405  C  CA  . GLY A 1 63  ? 7.674   11.357  -5.661  1.00 24.86 ? 55  GLY A CA  1 
ATOM   406  C  C   . GLY A 1 63  ? 8.613   10.634  -4.707  1.00 24.99 ? 55  GLY A C   1 
ATOM   407  O  O   . GLY A 1 63  ? 8.171   9.957   -3.795  1.00 25.08 ? 55  GLY A O   1 
ATOM   408  N  N   . MET A 1 64  ? 9.914   10.776  -4.920  1.00 25.51 ? 56  MET A N   1 
ATOM   409  C  CA  . MET A 1 64  ? 10.911  10.094  -4.092  1.00 26.04 ? 56  MET A CA  1 
ATOM   410  C  C   . MET A 1 64  ? 10.844  10.521  -2.614  1.00 26.03 ? 56  MET A C   1 
ATOM   411  O  O   . MET A 1 64  ? 10.944  9.689   -1.727  1.00 24.91 ? 56  MET A O   1 
ATOM   412  C  CB  . MET A 1 64  ? 12.325  10.297  -4.673  1.00 26.52 ? 56  MET A CB  1 
ATOM   413  C  CG  . MET A 1 64  ? 12.947  9.095   -5.447  1.00 28.07 ? 56  MET A CG  1 
ATOM   414  S  SD  . MET A 1 64  ? 11.855  7.793   -6.108  1.00 31.85 ? 56  MET A SD  1 
ATOM   415  N  N   . GLU A 1 65  ? 10.643  11.808  -2.354  1.00 26.47 ? 57  GLU A N   1 
ATOM   416  C  CA  . GLU A 1 65  ? 10.513  12.295  -0.973  1.00 27.25 ? 57  GLU A CA  1 
ATOM   417  C  C   . GLU A 1 65  ? 9.251   11.734  -0.316  1.00 26.52 ? 57  GLU A C   1 
ATOM   418  O  O   . GLU A 1 65  ? 9.257   11.398  0.866   1.00 26.94 ? 57  GLU A O   1 
ATOM   419  C  CB  . GLU A 1 65  ? 10.481  13.824  -0.936  1.00 28.17 ? 57  GLU A CB  1 
ATOM   420  C  CG  . GLU A 1 65  ? 11.808  14.506  -1.357  1.00 31.06 ? 57  GLU A CG  1 
ATOM   421  C  CD  . GLU A 1 65  ? 12.064  14.526  -2.890  1.00 35.76 ? 57  GLU A CD  1 
ATOM   422  O  OE1 . GLU A 1 65  ? 11.091  14.358  -3.684  1.00 37.69 ? 57  GLU A OE1 1 
ATOM   423  O  OE2 . GLU A 1 65  ? 13.250  14.716  -3.296  1.00 36.93 ? 57  GLU A OE2 1 
ATOM   424  N  N   . ASP A 1 66  ? 8.177   11.642  -1.101  1.00 25.88 ? 58  ASP A N   1 
ATOM   425  C  CA  . ASP A 1 66  ? 6.898   11.065  -0.665  1.00 25.22 ? 58  ASP A CA  1 
ATOM   426  C  C   . ASP A 1 66  ? 7.031   9.565   -0.416  1.00 24.41 ? 58  ASP A C   1 
ATOM   427  O  O   . ASP A 1 66  ? 6.348   8.996   0.434   1.00 23.76 ? 58  ASP A O   1 
ATOM   428  C  CB  . ASP A 1 66  ? 5.832   11.271  -1.738  1.00 25.37 ? 58  ASP A CB  1 
ATOM   429  C  CG  . ASP A 1 66  ? 5.646   12.743  -2.122  1.00 26.75 ? 58  ASP A CG  1 
ATOM   430  O  OD1 . ASP A 1 66  ? 6.594   13.358  -2.669  1.00 31.02 ? 58  ASP A OD1 1 
ATOM   431  O  OD2 . ASP A 1 66  ? 4.538   13.271  -1.904  1.00 26.34 ? 58  ASP A OD2 1 
ATOM   432  N  N   . ALA A 1 67  ? 7.904   8.932   -1.188  1.00 23.85 ? 59  ALA A N   1 
ATOM   433  C  CA  . ALA A 1 67  ? 8.175   7.512   -1.030  1.00 23.52 ? 59  ALA A CA  1 
ATOM   434  C  C   . ALA A 1 67  ? 8.907   7.248   0.281   1.00 23.57 ? 59  ALA A C   1 
ATOM   435  O  O   . ALA A 1 67  ? 8.577   6.290   0.995   1.00 24.09 ? 59  ALA A O   1 
ATOM   436  C  CB  . ALA A 1 67  ? 8.946   6.991   -2.205  1.00 22.67 ? 59  ALA A CB  1 
ATOM   437  N  N   . ALA A 1 68  ? 9.868   8.105   0.626   1.00 23.78 ? 60  ALA A N   1 
ATOM   438  C  CA  . ALA A 1 68  ? 10.583  7.959   1.901   1.00 24.02 ? 60  ALA A CA  1 
ATOM   439  C  C   . ALA A 1 68  ? 9.635   8.091   3.087   1.00 24.35 ? 60  ALA A C   1 
ATOM   440  O  O   . ALA A 1 68  ? 9.660   7.261   3.998   1.00 24.63 ? 60  ALA A O   1 
ATOM   441  C  CB  . ALA A 1 68  ? 11.718  8.967   2.011   1.00 24.19 ? 60  ALA A CB  1 
ATOM   442  N  N   . ASP A 1 69  ? 8.779   9.109   3.048   1.00 24.39 ? 61  ASP A N   1 
ATOM   443  C  CA  . ASP A 1 69  ? 7.816   9.367   4.122   1.00 24.79 ? 61  ASP A CA  1 
ATOM   444  C  C   . ASP A 1 69  ? 6.761   8.257   4.239   1.00 23.61 ? 61  ASP A C   1 
ATOM   445  O  O   . ASP A 1 69  ? 6.363   7.881   5.354   1.00 24.01 ? 61  ASP A O   1 
ATOM   446  C  CB  . ASP A 1 69  ? 7.146   10.736  3.887   1.00 25.76 ? 61  ASP A CB  1 
ATOM   447  C  CG  . ASP A 1 69  ? 6.499   11.338  5.166   1.00 29.59 ? 61  ASP A CG  1 
ATOM   448  O  OD1 . ASP A 1 69  ? 7.191   11.570  6.200   1.00 33.88 ? 61  ASP A OD1 1 
ATOM   449  O  OD2 . ASP A 1 69  ? 5.283   11.621  5.108   1.00 34.21 ? 61  ASP A OD2 1 
ATOM   450  N  N   . VAL A 1 70  ? 6.284   7.752   3.107   1.00 22.35 ? 62  VAL A N   1 
ATOM   451  C  CA  . VAL A 1 70  ? 5.315   6.652   3.114   1.00 21.92 ? 62  VAL A CA  1 
ATOM   452  C  C   . VAL A 1 70  ? 5.952   5.342   3.631   1.00 21.34 ? 62  VAL A C   1 
ATOM   453  O  O   . VAL A 1 70  ? 5.334   4.607   4.410   1.00 21.65 ? 62  VAL A O   1 
ATOM   454  C  CB  . VAL A 1 70  ? 4.650   6.412   1.735   1.00 21.58 ? 62  VAL A CB  1 
ATOM   455  C  CG1 . VAL A 1 70  ? 3.816   5.143   1.784   1.00 22.86 ? 62  VAL A CG1 1 
ATOM   456  C  CG2 . VAL A 1 70  ? 3.779   7.596   1.326   1.00 21.70 ? 62  VAL A CG2 1 
ATOM   457  N  N   . GLY A 1 71  ? 7.190   5.063   3.231   1.00 20.92 ? 63  GLY A N   1 
ATOM   458  C  CA  . GLY A 1 71  ? 7.904   3.891   3.763   1.00 20.27 ? 63  GLY A CA  1 
ATOM   459  C  C   . GLY A 1 71  ? 8.038   3.930   5.286   1.00 20.10 ? 63  GLY A C   1 
ATOM   460  O  O   . GLY A 1 71  ? 7.864   2.913   5.966   1.00 19.82 ? 63  GLY A O   1 
ATOM   461  N  N   . VAL A 1 72  ? 8.365   5.104   5.817   1.00 20.04 ? 64  VAL A N   1 
ATOM   462  C  CA  . VAL A 1 72  ? 8.510   5.303   7.249   1.00 20.15 ? 64  VAL A CA  1 
ATOM   463  C  C   . VAL A 1 72  ? 7.168   5.148   7.967   1.00 20.77 ? 64  VAL A C   1 
ATOM   464  O  O   . VAL A 1 72  ? 7.098   4.434   8.959   1.00 20.42 ? 64  VAL A O   1 
ATOM   465  C  CB  . VAL A 1 72  ? 9.126   6.691   7.575   1.00 20.19 ? 64  VAL A CB  1 
ATOM   466  C  CG1 . VAL A 1 72  ? 8.874   7.073   9.024   1.00 19.96 ? 64  VAL A CG1 1 
ATOM   467  C  CG2 . VAL A 1 72  ? 10.618  6.683   7.267   1.00 19.82 ? 64  VAL A CG2 1 
ATOM   468  N  N   . LEU A 1 73  ? 6.110   5.796   7.461   1.00 21.10 ? 65  LEU A N   1 
ATOM   469  C  CA  . LEU A 1 73  ? 4.784   5.625   8.050   1.00 21.67 ? 65  LEU A CA  1 
ATOM   470  C  C   . LEU A 1 73  ? 4.283   4.188   7.963   1.00 21.95 ? 65  LEU A C   1 
ATOM   471  O  O   . LEU A 1 73  ? 3.622   3.713   8.882   1.00 22.07 ? 65  LEU A O   1 
ATOM   472  C  CB  . LEU A 1 73  ? 3.761   6.557   7.411   1.00 21.80 ? 65  LEU A CB  1 
ATOM   473  C  CG  . LEU A 1 73  ? 2.396   6.601   8.117   1.00 22.08 ? 65  LEU A CG  1 
ATOM   474  C  CD1 . LEU A 1 73  ? 2.511   6.676   9.643   1.00 22.78 ? 65  LEU A CD1 1 
ATOM   475  C  CD2 . LEU A 1 73  ? 1.536   7.770   7.552   1.00 22.86 ? 65  LEU A CD2 1 
ATOM   476  N  N   . LEU A 1 74  ? 4.582   3.502   6.869   1.00 22.44 ? 66  LEU A N   1 
ATOM   477  C  CA  . LEU A 1 74  ? 4.211   2.082   6.720   1.00 23.61 ? 66  LEU A CA  1 
ATOM   478  C  C   . LEU A 1 74  ? 4.851   1.193   7.808   1.00 23.47 ? 66  LEU A C   1 
ATOM   479  O  O   . LEU A 1 74  ? 4.189   0.341   8.419   1.00 23.19 ? 66  LEU A O   1 
ATOM   480  C  CB  . LEU A 1 74  ? 4.622   1.592   5.340   1.00 24.14 ? 66  LEU A CB  1 
ATOM   481  C  CG  . LEU A 1 74  ? 4.121   0.231   4.872   1.00 26.06 ? 66  LEU A CG  1 
ATOM   482  C  CD1 . LEU A 1 74  ? 2.593   0.195   4.844   1.00 25.25 ? 66  LEU A CD1 1 
ATOM   483  C  CD2 . LEU A 1 74  ? 4.709   -0.060  3.480   1.00 24.86 ? 66  LEU A CD2 1 
ATOM   484  N  N   . ALA A 1 75  ? 6.133   1.421   8.062   1.00 23.39 ? 67  ALA A N   1 
ATOM   485  C  CA  . ALA A 1 75  ? 6.870   0.698   9.102   1.00 23.49 ? 67  ALA A CA  1 
ATOM   486  C  C   . ALA A 1 75  ? 6.307   0.994   10.484  1.00 23.01 ? 67  ALA A C   1 
ATOM   487  O  O   . ALA A 1 75  ? 6.189   0.102   11.308  1.00 22.47 ? 67  ALA A O   1 
ATOM   488  C  CB  . ALA A 1 75  ? 8.380   1.055   9.051   1.00 23.55 ? 67  ALA A CB  1 
ATOM   489  N  N   . LYS A 1 76  ? 5.970   2.253   10.736  1.00 22.82 ? 68  LYS A N   1 
ATOM   490  C  CA  . LYS A 1 76  ? 5.389   2.635   12.023  1.00 22.84 ? 68  LYS A CA  1 
ATOM   491  C  C   . LYS A 1 76  ? 4.027   1.986   12.222  1.00 22.83 ? 68  LYS A C   1 
ATOM   492  O  O   . LYS A 1 76  ? 3.746   1.440   13.300  1.00 23.14 ? 68  LYS A O   1 
ATOM   493  C  CB  . LYS A 1 76  ? 5.260   4.153   12.137  1.00 22.66 ? 68  LYS A CB  1 
ATOM   494  C  CG  . LYS A 1 76  ? 6.584   4.823   12.266  1.00 23.67 ? 68  LYS A CG  1 
ATOM   495  C  CD  . LYS A 1 76  ? 6.473   6.296   12.552  1.00 25.07 ? 68  LYS A CD  1 
ATOM   496  C  CE  . LYS A 1 76  ? 7.849   6.889   12.874  1.00 25.48 ? 68  LYS A CE  1 
ATOM   497  N  NZ  . LYS A 1 76  ? 7.740   8.330   13.207  1.00 24.83 ? 68  LYS A NZ  1 
ATOM   498  N  N   . ALA A 1 77  ? 3.197   2.057   11.184  1.00 22.10 ? 69  ALA A N   1 
ATOM   499  C  CA  . ALA A 1 77  ? 1.888   1.430   11.176  1.00 22.15 ? 69  ALA A CA  1 
ATOM   500  C  C   . ALA A 1 77  ? 1.977   -0.084  11.396  1.00 21.77 ? 69  ALA A C   1 
ATOM   501  O  O   . ALA A 1 77  ? 1.180   -0.645  12.142  1.00 22.66 ? 69  ALA A O   1 
ATOM   502  C  CB  . ALA A 1 77  ? 1.129   1.762   9.856   1.00 21.06 ? 69  ALA A CB  1 
ATOM   503  N  N   . SER A 1 78  ? 2.941   -0.752  10.763  1.00 21.79 ? 70  SER A N   1 
ATOM   504  C  CA  . SER A 1 78  ? 3.157   -2.201  11.005  1.00 21.23 ? 70  SER A CA  1 
ATOM   505  C  C   . SER A 1 78  ? 3.449   -2.520  12.480  1.00 21.03 ? 70  SER A C   1 
ATOM   506  O  O   . SER A 1 78  ? 3.062   -3.571  12.984  1.00 20.24 ? 70  SER A O   1 
ATOM   507  C  CB  . SER A 1 78  ? 4.290   -2.740  10.120  1.00 21.53 ? 70  SER A CB  1 
ATOM   508  O  OG  . SER A 1 78  ? 5.564   -2.289  10.573  1.00 21.64 ? 70  SER A OG  1 
ATOM   509  N  N   . ARG A 1 79  ? 4.133   -1.623  13.178  1.00 20.94 ? 71  ARG A N   1 
ATOM   510  C  CA  . ARG A 1 79  ? 4.405   -1.836  14.595  1.00 21.81 ? 71  ARG A CA  1 
ATOM   511  C  C   . ARG A 1 79  ? 3.091   -1.739  15.393  1.00 21.45 ? 71  ARG A C   1 
ATOM   512  O  O   . ARG A 1 79  ? 2.866   -2.498  16.350  1.00 20.78 ? 71  ARG A O   1 
ATOM   513  C  CB  . ARG A 1 79  ? 5.419   -0.813  15.101  1.00 22.14 ? 71  ARG A CB  1 
ATOM   514  C  CG  . ARG A 1 79  ? 6.828   -0.971  14.547  1.00 25.66 ? 71  ARG A CG  1 
ATOM   515  C  CD  . ARG A 1 79  ? 7.578   0.331   14.729  1.00 29.46 ? 71  ARG A CD  1 
ATOM   516  N  NE  . ARG A 1 79  ? 9.017   0.189   14.882  1.00 31.51 ? 71  ARG A NE  1 
ATOM   517  C  CZ  . ARG A 1 79  ? 9.877   0.010   13.887  1.00 34.47 ? 71  ARG A CZ  1 
ATOM   518  N  NH1 . ARG A 1 79  ? 9.473   -0.110  12.605  1.00 37.81 ? 71  ARG A NH1 1 
ATOM   519  N  NH2 . ARG A 1 79  ? 11.165  -0.071  14.178  1.00 33.95 ? 71  ARG A NH2 1 
ATOM   520  N  N   . ALA A 1 80  ? 2.215   -0.814  14.981  1.00 20.65 ? 72  ALA A N   1 
ATOM   521  C  CA  . ALA A 1 80  ? 0.875   -0.686  15.572  1.00 19.75 ? 72  ALA A CA  1 
ATOM   522  C  C   . ALA A 1 80  ? 0.098   -1.968  15.337  1.00 19.16 ? 72  ALA A C   1 
ATOM   523  O  O   . ALA A 1 80  ? -0.497  -2.524  16.276  1.00 18.86 ? 72  ALA A O   1 
ATOM   524  C  CB  . ALA A 1 80  ? 0.111   0.519   14.999  1.00 19.19 ? 72  ALA A CB  1 
ATOM   525  N  N   . VAL A 1 81  ? 0.151   -2.463  14.108  1.00 18.03 ? 73  VAL A N   1 
ATOM   526  C  CA  . VAL A 1 81  ? -0.620  -3.656  13.715  1.00 18.20 ? 73  VAL A CA  1 
ATOM   527  C  C   . VAL A 1 81  ? -0.064  -4.932  14.367  1.00 18.34 ? 73  VAL A C   1 
ATOM   528  O  O   . VAL A 1 81  ? -0.831  -5.861  14.685  1.00 18.17 ? 73  VAL A O   1 
ATOM   529  C  CB  . VAL A 1 81  ? -0.720  -3.789  12.155  1.00 17.91 ? 73  VAL A CB  1 
ATOM   530  C  CG1 . VAL A 1 81  ? -1.215  -5.164  11.752  1.00 17.83 ? 73  VAL A CG1 1 
ATOM   531  C  CG2 . VAL A 1 81  ? -1.642  -2.739  11.593  1.00 17.99 ? 73  VAL A CG2 1 
ATOM   532  N  N   . ALA A 1 82  ? 1.251   -4.970  14.595  1.00 17.91 ? 74  ALA A N   1 
ATOM   533  C  CA  . ALA A 1 82  ? 1.882   -6.146  15.208  1.00 18.06 ? 74  ALA A CA  1 
ATOM   534  C  C   . ALA A 1 82  ? 1.418   -6.322  16.662  1.00 18.33 ? 74  ALA A C   1 
ATOM   535  O  O   . ALA A 1 82  ? 1.477   -7.435  17.213  1.00 18.61 ? 74  ALA A O   1 
ATOM   536  C  CB  . ALA A 1 82  ? 3.419   -6.059  15.114  1.00 16.95 ? 74  ALA A CB  1 
ATOM   537  N  N   . GLY A 1 83  ? 0.937   -5.239  17.276  1.00 18.89 ? 75  GLY A N   1 
ATOM   538  C  CA  . GLY A 1 83  ? 0.271   -5.312  18.581  1.00 18.87 ? 75  GLY A CA  1 
ATOM   539  C  C   . GLY A 1 83  ? 1.209   -5.073  19.745  1.00 19.35 ? 75  GLY A C   1 
ATOM   540  O  O   . GLY A 1 83  ? 2.401   -4.890  19.544  1.00 20.29 ? 75  GLY A O   1 
ATOM   541  N  N   . PRO A 1 84  ? 0.677   -5.078  20.981  1.00 19.55 ? 76  PRO A N   1 
ATOM   542  C  CA  . PRO A 1 84  ? 1.506   -4.758  22.137  1.00 19.93 ? 76  PRO A CA  1 
ATOM   543  C  C   . PRO A 1 84  ? 2.710   -5.675  22.337  1.00 20.02 ? 76  PRO A C   1 
ATOM   544  O  O   . PRO A 1 84  ? 3.757   -5.184  22.760  1.00 20.39 ? 76  PRO A O   1 
ATOM   545  C  CB  . PRO A 1 84  ? 0.523   -4.866  23.299  1.00 19.90 ? 76  PRO A CB  1 
ATOM   546  C  CG  . PRO A 1 84  ? -0.737  -4.480  22.718  1.00 20.55 ? 76  PRO A CG  1 
ATOM   547  C  CD  . PRO A 1 84  ? -0.742  -5.113  21.353  1.00 19.42 ? 76  PRO A CD  1 
ATOM   548  N  N   . ASP A 1 85  ? 2.576   -6.969  22.012  1.00 20.14 ? 77  ASP A N   1 
ATOM   549  C  CA  . ASP A 1 85  ? 3.703   -7.923  22.139  1.00 20.54 ? 77  ASP A CA  1 
ATOM   550  C  C   . ASP A 1 85  ? 4.338   -8.333  20.804  1.00 20.09 ? 77  ASP A C   1 
ATOM   551  O  O   . ASP A 1 85  ? 5.243   -9.162  20.775  1.00 19.66 ? 77  ASP A O   1 
ATOM   552  C  CB  . ASP A 1 85  ? 3.280   -9.171  22.931  1.00 20.52 ? 77  ASP A CB  1 
ATOM   553  C  CG  . ASP A 1 85  ? 2.324   -10.073 22.153  1.00 22.40 ? 77  ASP A CG  1 
ATOM   554  O  OD1 . ASP A 1 85  ? 1.878   -9.669  21.037  1.00 20.26 ? 77  ASP A OD1 1 
ATOM   555  O  OD2 . ASP A 1 85  ? 2.006   -11.181 22.681  1.00 22.56 ? 77  ASP A OD2 1 
ATOM   556  N  N   . GLY A 1 86  ? 3.859   -7.746  19.707  1.00 20.22 ? 78  GLY A N   1 
ATOM   557  C  CA  . GLY A 1 86  ? 4.424   -7.964  18.391  1.00 19.71 ? 78  GLY A CA  1 
ATOM   558  C  C   . GLY A 1 86  ? 4.085   -9.309  17.781  1.00 19.80 ? 78  GLY A C   1 
ATOM   559  O  O   . GLY A 1 86  ? 4.755   -9.733  16.835  1.00 20.69 ? 78  GLY A O   1 
ATOM   560  N  N   . SER A 1 87  ? 3.050   -9.979  18.289  1.00 19.19 ? 79  SER A N   1 
ATOM   561  C  CA  . SER A 1 87  ? 2.723   -11.340 17.843  1.00 19.08 ? 79  SER A CA  1 
ATOM   562  C  C   . SER A 1 87  ? 1.725   -11.396 16.702  1.00 18.73 ? 79  SER A C   1 
ATOM   563  O  O   . SER A 1 87  ? 1.425   -12.480 16.212  1.00 17.64 ? 79  SER A O   1 
ATOM   564  C  CB  . SER A 1 87  ? 2.143   -12.164 18.992  1.00 18.92 ? 79  SER A CB  1 
ATOM   565  O  OG  . SER A 1 87  ? 0.862   -11.673 19.376  1.00 20.06 ? 79  SER A OG  1 
ATOM   566  N  N   . MET A 1 88  ? 1.169   -10.255 16.300  1.00 18.71 ? 80  MET A N   1 
ATOM   567  C  CA  . MET A 1 88  ? 0.137   -10.282 15.274  1.00 18.85 ? 80  MET A CA  1 
ATOM   568  C  C   . MET A 1 88  ? 0.768   -10.350 13.898  1.00 18.45 ? 80  MET A C   1 
ATOM   569  O  O   . MET A 1 88  ? 1.587   -9.508  13.561  1.00 18.35 ? 80  MET A O   1 
ATOM   570  C  CB  . MET A 1 88  ? -0.751  -9.052  15.335  1.00 19.06 ? 80  MET A CB  1 
ATOM   571  C  CG  . MET A 1 88  ? -1.715  -8.968  14.152  1.00 20.44 ? 80  MET A CG  1 
ATOM   572  S  SD  . MET A 1 88  ? -2.967  -10.274 14.118  1.00 21.94 ? 80  MET A SD  1 
ATOM   573  C  CE  . MET A 1 88  ? -3.956  -9.754  15.538  1.00 22.86 ? 80  MET A CE  1 
ATOM   574  N  N   . GLN A 1 89  ? 0.360   -11.343 13.113  1.00 17.71 ? 81  GLN A N   1 
ATOM   575  C  CA  . GLN A 1 89  ? 0.860   -11.506 11.759  1.00 17.23 ? 81  GLN A CA  1 
ATOM   576  C  C   . GLN A 1 89  ? 0.016   -10.634 10.838  1.00 16.59 ? 81  GLN A C   1 
ATOM   577  O  O   . GLN A 1 89  ? -1.095  -10.275 11.189  1.00 14.99 ? 81  GLN A O   1 
ATOM   578  C  CB  . GLN A 1 89  ? 0.800   -12.967 11.359  1.00 17.22 ? 81  GLN A CB  1 
ATOM   579  C  CG  . GLN A 1 89  ? 1.591   -13.841 12.329  1.00 17.80 ? 81  GLN A CG  1 
ATOM   580  C  CD  . GLN A 1 89  ? 1.673   -15.294 11.924  1.00 18.91 ? 81  GLN A CD  1 
ATOM   581  O  OE1 . GLN A 1 89  ? 1.744   -15.631 10.755  1.00 18.44 ? 81  GLN A OE1 1 
ATOM   582  N  NE2 . GLN A 1 89  ? 1.684   -16.164 12.915  1.00 19.27 ? 81  GLN A NE2 1 
ATOM   583  N  N   . TYR A 1 90  ? 0.550   -10.293 9.663   1.00 16.35 ? 82  TYR A N   1 
ATOM   584  C  CA  . TYR A 1 90  ? -0.140  -9.364  8.770   1.00 16.35 ? 82  TYR A CA  1 
ATOM   585  C  C   . TYR A 1 90  ? 0.442   -9.339  7.356   1.00 16.37 ? 82  TYR A C   1 
ATOM   586  O  O   . TYR A 1 90  ? 1.595   -9.697  7.127   1.00 15.96 ? 82  TYR A O   1 
ATOM   587  C  CB  . TYR A 1 90  ? -0.133  -7.936  9.360   1.00 16.48 ? 82  TYR A CB  1 
ATOM   588  C  CG  . TYR A 1 90  ? 1.268   -7.447  9.730   1.00 16.35 ? 82  TYR A CG  1 
ATOM   589  C  CD1 . TYR A 1 90  ? 2.015   -6.661  8.853   1.00 17.18 ? 82  TYR A CD1 1 
ATOM   590  C  CD2 . TYR A 1 90  ? 1.825   -7.757  10.957  1.00 17.59 ? 82  TYR A CD2 1 
ATOM   591  C  CE1 . TYR A 1 90  ? 3.269   -6.232  9.184   1.00 16.33 ? 82  TYR A CE1 1 
ATOM   592  C  CE2 . TYR A 1 90  ? 3.096   -7.331  11.296  1.00 17.62 ? 82  TYR A CE2 1 
ATOM   593  C  CZ  . TYR A 1 90  ? 3.798   -6.568  10.406  1.00 17.60 ? 82  TYR A CZ  1 
ATOM   594  O  OH  . TYR A 1 90  ? 5.059   -6.164  10.729  1.00 17.34 ? 82  TYR A OH  1 
ATOM   595  N  N   . ASN A 1 91  ? -0.369  -8.887  6.408   1.00 16.78 ? 83  ASN A N   1 
ATOM   596  C  CA  . ASN A 1 91  ? 0.082   -8.718  5.044   1.00 16.72 ? 83  ASN A CA  1 
ATOM   597  C  C   . ASN A 1 91  ? 0.034   -7.230  4.680   1.00 17.09 ? 83  ASN A C   1 
ATOM   598  O  O   . ASN A 1 91  ? -0.891  -6.501  5.100   1.00 17.72 ? 83  ASN A O   1 
ATOM   599  C  CB  . ASN A 1 91  ? -0.783  -9.516  4.081   1.00 16.67 ? 83  ASN A CB  1 
ATOM   600  C  CG  . ASN A 1 91  ? -0.667  -11.016 4.282   1.00 16.07 ? 83  ASN A CG  1 
ATOM   601  O  OD1 . ASN A 1 91  ? -1.494  -11.608 4.971   1.00 17.13 ? 83  ASN A OD1 1 
ATOM   602  N  ND2 . ASN A 1 91  ? 0.347   -11.647 3.673   1.00 12.36 ? 83  ASN A ND2 1 
ATOM   603  N  N   . VAL A 1 92  ? 1.051   -6.785  3.936   1.00 16.64 ? 84  VAL A N   1 
ATOM   604  C  CA  . VAL A 1 92  ? 1.076   -5.462  3.349   1.00 15.92 ? 84  VAL A CA  1 
ATOM   605  C  C   . VAL A 1 92  ? 0.846   -5.637  1.838   1.00 15.74 ? 84  VAL A C   1 
ATOM   606  O  O   . VAL A 1 92  ? 1.544   -6.393  1.170   1.00 16.36 ? 84  VAL A O   1 
ATOM   607  C  CB  . VAL A 1 92  ? 2.409   -4.731  3.618   1.00 16.01 ? 84  VAL A CB  1 
ATOM   608  C  CG1 . VAL A 1 92  ? 2.430   -3.370  2.890   1.00 18.32 ? 84  VAL A CG1 1 
ATOM   609  C  CG2 . VAL A 1 92  ? 2.598   -4.523  5.130   1.00 17.85 ? 84  VAL A CG2 1 
ATOM   610  N  N   . LEU A 1 93  ? -0.150  -4.925  1.317   1.00 16.11 ? 85  LEU A N   1 
ATOM   611  C  CA  . LEU A 1 93  ? -0.588  -5.069  -0.046  1.00 16.07 ? 85  LEU A CA  1 
ATOM   612  C  C   . LEU A 1 93  ? -0.850  -3.706  -0.645  1.00 15.04 ? 85  LEU A C   1 
ATOM   613  O  O   . LEU A 1 93  ? -1.539  -2.885  -0.060  1.00 16.36 ? 85  LEU A O   1 
ATOM   614  C  CB  . LEU A 1 93  ? -1.872  -5.879  -0.102  1.00 16.19 ? 85  LEU A CB  1 
ATOM   615  C  CG  . LEU A 1 93  ? -2.432  -6.099  -1.510  1.00 14.97 ? 85  LEU A CG  1 
ATOM   616  C  CD1 . LEU A 1 93  ? -1.520  -7.077  -2.266  1.00 15.64 ? 85  LEU A CD1 1 
ATOM   617  C  CD2 . LEU A 1 93  ? -3.844  -6.616  -1.408  1.00 13.85 ? 85  LEU A CD2 1 
ATOM   618  N  N   . GLN A 1 94  ? -0.308  -3.466  -1.843  1.00 16.26 ? 86  GLN A N   1 
ATOM   619  C  CA  . GLN A 1 94  ? -0.564  -2.210  -2.557  1.00 15.59 ? 86  GLN A CA  1 
ATOM   620  C  C   . GLN A 1 94  ? -0.758  -2.548  -4.014  1.00 16.14 ? 86  GLN A C   1 
ATOM   621  O  O   . GLN A 1 94  ? 0.115   -3.140  -4.627  1.00 14.97 ? 86  GLN A O   1 
ATOM   622  C  CB  . GLN A 1 94  ? 0.599   -1.255  -2.369  1.00 15.81 ? 86  GLN A CB  1 
ATOM   623  C  CG  . GLN A 1 94  ? 0.315   0.174   -2.823  1.00 16.60 ? 86  GLN A CG  1 
ATOM   624  C  CD  . GLN A 1 94  ? 0.743   0.414   -4.238  1.00 16.86 ? 86  GLN A CD  1 
ATOM   625  O  OE1 . GLN A 1 94  ? 1.784   -0.089  -4.659  1.00 16.49 ? 86  GLN A OE1 1 
ATOM   626  N  NE2 . GLN A 1 94  ? -0.069  1.175   -5.006  1.00 17.01 ? 86  GLN A NE2 1 
ATOM   627  N  N   . ASN A 1 95  ? -1.912  -2.148  -4.549  1.00 15.87 ? 87  ASN A N   1 
ATOM   628  C  CA  . ASN A 1 95  ? -2.365  -2.561  -5.870  1.00 16.59 ? 87  ASN A CA  1 
ATOM   629  C  C   . ASN A 1 95  ? -2.259  -1.417  -6.914  1.00 16.77 ? 87  ASN A C   1 
ATOM   630  O  O   . ASN A 1 95  ? -2.539  -0.258  -6.610  1.00 16.13 ? 87  ASN A O   1 
ATOM   631  C  CB  . ASN A 1 95  ? -3.814  -2.988  -5.747  1.00 16.59 ? 87  ASN A CB  1 
ATOM   632  C  CG  . ASN A 1 95  ? -3.998  -4.147  -4.791  1.00 16.11 ? 87  ASN A CG  1 
ATOM   633  O  OD1 . ASN A 1 95  ? -3.150  -5.025  -4.677  1.00 17.27 ? 87  ASN A OD1 1 
ATOM   634  N  ND2 . ASN A 1 95  ? -5.123  -4.170  -4.132  1.00 17.03 ? 87  ASN A ND2 1 
ATOM   635  N  N   . ASN A 1 96  ? -1.842  -1.752  -8.131  1.00 16.54 ? 88  ASN A N   1 
ATOM   636  C  CA  . ASN A 1 96  ? -1.547  -0.758  -9.150  1.00 16.46 ? 88  ASN A CA  1 
ATOM   637  C  C   . ASN A 1 96  ? -2.176  -1.168  -10.459 1.00 16.34 ? 88  ASN A C   1 
ATOM   638  O  O   . ASN A 1 96  ? -1.619  -1.973  -11.180 1.00 16.04 ? 88  ASN A O   1 
ATOM   639  C  CB  . ASN A 1 96  ? -0.056  -0.606  -9.300  1.00 16.79 ? 88  ASN A CB  1 
ATOM   640  C  CG  . ASN A 1 96  ? 0.592   -0.134  -8.029  1.00 16.07 ? 88  ASN A CG  1 
ATOM   641  O  OD1 . ASN A 1 96  ? 0.645   1.056   -7.764  1.00 14.82 ? 88  ASN A OD1 1 
ATOM   642  N  ND2 . ASN A 1 96  ? 1.095   -1.077  -7.233  1.00 16.45 ? 88  ASN A ND2 1 
ATOM   643  N  N   . GLY A 1 97  ? -3.382  -0.663  -10.705 1.00 16.01 ? 89  GLY A N   1 
ATOM   644  C  CA  . GLY A 1 97  ? -4.164  -1.041  -11.880 1.00 17.18 ? 89  GLY A CA  1 
ATOM   645  C  C   . GLY A 1 97  ? -5.371  -1.882  -11.524 1.00 17.83 ? 89  GLY A C   1 
ATOM   646  O  O   . GLY A 1 97  ? -5.331  -2.676  -10.595 1.00 17.49 ? 89  GLY A O   1 
ATOM   647  N  N   . SER A 1 98  ? -6.462  -1.700  -12.261 1.00 18.91 ? 90  SER A N   1 
ATOM   648  C  CA  . SER A 1 98  ? -7.699  -2.398  -11.937 1.00 20.00 ? 90  SER A CA  1 
ATOM   649  C  C   . SER A 1 98  ? -7.622  -3.909  -12.229 1.00 20.06 ? 90  SER A C   1 
ATOM   650  O  O   . SER A 1 98  ? -8.341  -4.706  -11.603 1.00 20.38 ? 90  SER A O   1 
ATOM   651  C  CB  . SER A 1 98  ? -8.868  -1.772  -12.677 1.00 19.82 ? 90  SER A CB  1 
ATOM   652  O  OG  . SER A 1 98  ? -8.798  -2.090  -14.030 1.00 21.91 ? 90  SER A OG  1 
ATOM   653  N  N   . LEU A 1 99  ? -6.748  -4.306  -13.156 1.00 19.55 ? 91  LEU A N   1 
ATOM   654  C  CA  . LEU A 1 99  ? -6.479  -5.719  -13.374 1.00 19.56 ? 91  LEU A CA  1 
ATOM   655  C  C   . LEU A 1 99  ? -5.767  -6.233  -12.145 1.00 19.30 ? 91  LEU A C   1 
ATOM   656  O  O   . LEU A 1 99  ? -5.909  -7.390  -11.785 1.00 19.00 ? 91  LEU A O   1 
ATOM   657  C  CB  . LEU A 1 99  ? -5.634  -5.955  -14.642 1.00 19.90 ? 91  LEU A CB  1 
ATOM   658  C  CG  . LEU A 1 99  ? -5.744  -7.328  -15.320 1.00 21.34 ? 91  LEU A CG  1 
ATOM   659  C  CD1 . LEU A 1 99  ? -7.141  -7.574  -15.896 1.00 22.53 ? 91  LEU A CD1 1 
ATOM   660  C  CD2 . LEU A 1 99  ? -4.682  -7.507  -16.438 1.00 21.41 ? 91  LEU A CD2 1 
ATOM   661  N  N   . ALA A 1 100 ? -5.034  -5.352  -11.470 1.00 19.39 ? 92  ALA A N   1 
ATOM   662  C  CA  . ALA A 1 100 ? -4.273  -5.732  -10.274 1.00 19.95 ? 92  ALA A CA  1 
ATOM   663  C  C   . ALA A 1 100 ? -5.106  -5.533  -8.989  1.00 20.61 ? 92  ALA A C   1 
ATOM   664  O  O   . ALA A 1 100 ? -4.570  -5.546  -7.860  1.00 19.48 ? 92  ALA A O   1 
ATOM   665  C  CB  . ALA A 1 100 ? -2.967  -4.954  -10.227 1.00 19.63 ? 92  ALA A CB  1 
ATOM   666  N  N   . HIS A 1 101 ? -6.422  -5.401  -9.178  1.00 21.52 ? 93  HIS A N   1 
ATOM   667  C  CA  . HIS A 1 101 ? -7.399  -5.272  -8.089  1.00 22.76 ? 93  HIS A CA  1 
ATOM   668  C  C   . HIS A 1 101 ? -7.379  -3.894  -7.392  1.00 22.54 ? 93  HIS A C   1 
ATOM   669  O  O   . HIS A 1 101 ? -7.894  -3.755  -6.268  1.00 22.72 ? 93  HIS A O   1 
ATOM   670  C  CB  . HIS A 1 101 ? -7.258  -6.410  -7.048  1.00 23.70 ? 93  HIS A CB  1 
ATOM   671  C  CG  . HIS A 1 101 ? -7.299  -7.800  -7.627  1.00 27.45 ? 93  HIS A CG  1 
ATOM   672  N  ND1 . HIS A 1 101 ? -8.411  -8.616  -7.533  1.00 32.56 ? 93  HIS A ND1 1 
ATOM   673  C  CD2 . HIS A 1 101 ? -6.358  -8.528  -8.277  1.00 29.96 ? 93  HIS A CD2 1 
ATOM   674  C  CE1 . HIS A 1 101 ? -8.155  -9.777  -8.120  1.00 32.33 ? 93  HIS A CE1 1 
ATOM   675  N  NE2 . HIS A 1 101 ? -6.918  -9.747  -8.583  1.00 30.85 ? 93  HIS A NE2 1 
ATOM   676  N  N   . GLN A 1 102 ? -6.822  -2.871  -8.040  1.00 21.96 ? 94  GLN A N   1 
ATOM   677  C  CA  . GLN A 1 102 ? -6.886  -1.522  -7.479  1.00 22.53 ? 94  GLN A CA  1 
ATOM   678  C  C   . GLN A 1 102 ? -8.273  -0.933  -7.821  1.00 23.67 ? 94  GLN A C   1 
ATOM   679  O  O   . GLN A 1 102 ? -8.705  -0.959  -8.969  1.00 23.07 ? 94  GLN A O   1 
ATOM   680  C  CB  . GLN A 1 102 ? -5.771  -0.622  -8.022  1.00 22.27 ? 94  GLN A CB  1 
ATOM   681  C  CG  . GLN A 1 102 ? -5.812  0.793   -7.459  1.00 21.82 ? 94  GLN A CG  1 
ATOM   682  C  CD  . GLN A 1 102 ? -4.760  1.740   -8.022  1.00 22.21 ? 94  GLN A CD  1 
ATOM   683  O  OE1 . GLN A 1 102 ? -4.254  1.551   -9.124  1.00 20.15 ? 94  GLN A OE1 1 
ATOM   684  N  NE2 . GLN A 1 102 ? -4.411  2.760   -7.239  1.00 23.48 ? 94  GLN A NE2 1 
ATOM   685  N  N   . GLU A 1 103 ? -8.967  -0.417  -6.816  1.00 25.15 ? 95  GLU A N   1 
ATOM   686  C  CA  . GLU A 1 103 ? -10.331 0.095   -7.008  1.00 26.55 ? 95  GLU A CA  1 
ATOM   687  C  C   . GLU A 1 103 ? -10.301 1.626   -6.997  1.00 26.10 ? 95  GLU A C   1 
ATOM   688  O  O   . GLU A 1 103 ? -10.642 2.260   -7.998  1.00 27.13 ? 95  GLU A O   1 
ATOM   689  C  CB  . GLU A 1 103 ? -11.266 -0.476  -5.935  1.00 27.45 ? 95  GLU A CB  1 
ATOM   690  C  CG  . GLU A 1 103 ? -12.767 -0.361  -6.231  1.00 31.04 ? 95  GLU A CG  1 
ATOM   691  C  CD  . GLU A 1 103 ? -13.636 -0.445  -4.958  1.00 34.73 ? 95  GLU A CD  1 
ATOM   692  O  OE1 . GLU A 1 103 ? -13.206 -1.087  -3.965  1.00 38.78 ? 95  GLU A OE1 1 
ATOM   693  O  OE2 . GLU A 1 103 ? -14.745 0.140   -4.955  1.00 36.48 ? 95  GLU A OE2 1 
ATOM   694  N  N   . VAL A 1 104 ? -9.873  2.220   -5.889  1.00 25.23 ? 96  VAL A N   1 
ATOM   695  C  CA  . VAL A 1 104 ? -9.690  3.673   -5.821  1.00 24.32 ? 96  VAL A CA  1 
ATOM   696  C  C   . VAL A 1 104 ? -8.376  4.016   -6.522  1.00 23.85 ? 96  VAL A C   1 
ATOM   697  O  O   . VAL A 1 104 ? -7.337  3.430   -6.185  1.00 23.61 ? 96  VAL A O   1 
ATOM   698  C  CB  . VAL A 1 104 ? -9.605  4.175   -4.366  1.00 24.13 ? 96  VAL A CB  1 
ATOM   699  C  CG1 . VAL A 1 104 ? -9.524  5.693   -4.332  1.00 24.15 ? 96  VAL A CG1 1 
ATOM   700  C  CG2 . VAL A 1 104 ? -10.784 3.672   -3.537  1.00 24.60 ? 96  VAL A CG2 1 
ATOM   701  N  N   . PRO A 1 105 ? -8.403  4.957   -7.494  1.00 22.89 ? 97  PRO A N   1 
ATOM   702  C  CA  . PRO A 1 105 ? -7.211  5.346   -8.249  1.00 21.88 ? 97  PRO A CA  1 
ATOM   703  C  C   . PRO A 1 105 ? -6.258  6.302   -7.498  1.00 20.73 ? 97  PRO A C   1 
ATOM   704  O  O   . PRO A 1 105 ? -5.889  7.363   -8.021  1.00 20.03 ? 97  PRO A O   1 
ATOM   705  C  CB  . PRO A 1 105 ? -7.801  6.006   -9.516  1.00 22.18 ? 97  PRO A CB  1 
ATOM   706  C  CG  . PRO A 1 105 ? -9.090  6.592   -9.073  1.00 23.57 ? 97  PRO A CG  1 
ATOM   707  C  CD  . PRO A 1 105 ? -9.599  5.696   -7.945  1.00 23.53 ? 97  PRO A CD  1 
ATOM   708  N  N   . HIS A 1 106 ? -5.860  5.915   -6.284  1.00 19.69 ? 98  HIS A N   1 
ATOM   709  C  CA  . HIS A 1 106 ? -4.939  6.705   -5.450  1.00 19.22 ? 98  HIS A CA  1 
ATOM   710  C  C   . HIS A 1 106 ? -4.132  5.660   -4.663  1.00 19.54 ? 98  HIS A C   1 
ATOM   711  O  O   . HIS A 1 106 ? -4.708  4.692   -4.143  1.00 20.19 ? 98  HIS A O   1 
ATOM   712  C  CB  . HIS A 1 106 ? -5.764  7.669   -4.560  1.00 18.86 ? 98  HIS A CB  1 
ATOM   713  C  CG  . HIS A 1 106 ? -4.959  8.562   -3.646  1.00 18.19 ? 98  HIS A CG  1 
ATOM   714  N  ND1 . HIS A 1 106 ? -5.212  9.911   -3.516  1.00 17.29 ? 98  HIS A ND1 1 
ATOM   715  C  CD2 . HIS A 1 106 ? -3.963  8.293   -2.773  1.00 16.54 ? 98  HIS A CD2 1 
ATOM   716  C  CE1 . HIS A 1 106 ? -4.389  10.438  -2.625  1.00 14.92 ? 98  HIS A CE1 1 
ATOM   717  N  NE2 . HIS A 1 106 ? -3.616  9.475   -2.162  1.00 13.93 ? 98  HIS A NE2 1 
ATOM   718  N  N   . VAL A 1 107 ? -2.805  5.808   -4.621  1.00 18.91 ? 99  VAL A N   1 
ATOM   719  C  CA  . VAL A 1 107 ? -1.950  4.808   -3.964  1.00 18.16 ? 99  VAL A CA  1 
ATOM   720  C  C   . VAL A 1 107 ? -2.426  4.605   -2.520  1.00 18.91 ? 99  VAL A C   1 
ATOM   721  O  O   . VAL A 1 107 ? -2.608  5.569   -1.770  1.00 18.04 ? 99  VAL A O   1 
ATOM   722  C  CB  . VAL A 1 107 ? -0.473  5.244   -3.945  1.00 17.79 ? 99  VAL A CB  1 
ATOM   723  C  CG1 . VAL A 1 107 ? 0.358   4.329   -3.045  1.00 16.96 ? 99  VAL A CG1 1 
ATOM   724  C  CG2 . VAL A 1 107 ? 0.103   5.267   -5.381  1.00 17.36 ? 99  VAL A CG2 1 
ATOM   725  N  N   . HIS A 1 108 ? -2.658  3.348   -2.142  1.00 19.67 ? 100 HIS A N   1 
ATOM   726  C  CA  . HIS A 1 108 ? -2.937  3.024   -0.753  1.00 19.64 ? 100 HIS A CA  1 
ATOM   727  C  C   . HIS A 1 108 ? -2.363  1.655   -0.408  1.00 19.63 ? 100 HIS A C   1 
ATOM   728  O  O   . HIS A 1 108 ? -2.568  0.683   -1.133  1.00 19.22 ? 100 HIS A O   1 
ATOM   729  C  CB  . HIS A 1 108 ? -4.430  3.119   -0.439  1.00 19.85 ? 100 HIS A CB  1 
ATOM   730  C  CG  . HIS A 1 108 ? -5.305  2.361   -1.386  1.00 21.67 ? 100 HIS A CG  1 
ATOM   731  N  ND1 . HIS A 1 108 ? -5.470  2.733   -2.701  1.00 22.71 ? 100 HIS A ND1 1 
ATOM   732  C  CD2 . HIS A 1 108 ? -6.104  1.285   -1.195  1.00 23.19 ? 100 HIS A CD2 1 
ATOM   733  C  CE1 . HIS A 1 108 ? -6.323  1.909   -3.282  1.00 23.65 ? 100 HIS A CE1 1 
ATOM   734  N  NE2 . HIS A 1 108 ? -6.721  1.020   -2.394  1.00 22.44 ? 100 HIS A NE2 1 
ATOM   735  N  N   . PHE A 1 109 ? -1.603  1.628   0.683   1.00 19.40 ? 101 PHE A N   1 
ATOM   736  C  CA  . PHE A 1 109 ? -1.053  0.413   1.250   1.00 19.16 ? 101 PHE A CA  1 
ATOM   737  C  C   . PHE A 1 109 ? -2.024  -0.131  2.289   1.00 18.46 ? 101 PHE A C   1 
ATOM   738  O  O   . PHE A 1 109 ? -2.335  0.536   3.256   1.00 19.39 ? 101 PHE A O   1 
ATOM   739  C  CB  . PHE A 1 109 ? 0.295   0.702   1.926   1.00 19.66 ? 101 PHE A CB  1 
ATOM   740  C  CG  . PHE A 1 109 ? 1.414   0.902   0.974   1.00 19.26 ? 101 PHE A CG  1 
ATOM   741  C  CD1 . PHE A 1 109 ? 2.268   -0.153  0.666   1.00 17.91 ? 101 PHE A CD1 1 
ATOM   742  C  CD2 . PHE A 1 109 ? 1.606   2.130   0.362   1.00 18.58 ? 101 PHE A CD2 1 
ATOM   743  C  CE1 . PHE A 1 109 ? 3.278   0.007   -0.208  1.00 17.44 ? 101 PHE A CE1 1 
ATOM   744  C  CE2 . PHE A 1 109 ? 2.636   2.305   -0.531  1.00 18.38 ? 101 PHE A CE2 1 
ATOM   745  C  CZ  . PHE A 1 109 ? 3.489   1.241   -0.812  1.00 18.22 ? 101 PHE A CZ  1 
ATOM   746  N  N   . HIS A 1 110 ? -2.503  -1.343  2.078   1.00 18.03 ? 102 HIS A N   1 
ATOM   747  C  CA  . HIS A 1 110 ? -3.284  -2.052  3.070   1.00 17.59 ? 102 HIS A CA  1 
ATOM   748  C  C   . HIS A 1 110 ? -2.289  -2.704  4.047   1.00 17.66 ? 102 HIS A C   1 
ATOM   749  O  O   . HIS A 1 110 ? -1.285  -3.298  3.595   1.00 16.83 ? 102 HIS A O   1 
ATOM   750  C  CB  . HIS A 1 110 ? -4.090  -3.168  2.396   1.00 18.18 ? 102 HIS A CB  1 
ATOM   751  C  CG  . HIS A 1 110 ? -5.052  -2.708  1.334   1.00 17.57 ? 102 HIS A CG  1 
ATOM   752  N  ND1 . HIS A 1 110 ? -6.384  -2.481  1.590   1.00 18.55 ? 102 HIS A ND1 1 
ATOM   753  C  CD2 . HIS A 1 110 ? -4.891  -2.523  -0.002  1.00 19.89 ? 102 HIS A CD2 1 
ATOM   754  C  CE1 . HIS A 1 110 ? -6.992  -2.145  0.466   1.00 18.98 ? 102 HIS A CE1 1 
ATOM   755  N  NE2 . HIS A 1 110 ? -6.107  -2.160  -0.516  1.00 16.41 ? 102 HIS A NE2 1 
ATOM   756  N  N   . ILE A 1 111 ? -2.558  -2.594  5.356   1.00 17.33 ? 103 ILE A N   1 
ATOM   757  C  CA  . ILE A 1 111 ? -1.899  -3.441  6.374   1.00 16.96 ? 103 ILE A CA  1 
ATOM   758  C  C   . ILE A 1 111 ? -2.974  -4.294  7.017   1.00 16.43 ? 103 ILE A C   1 
ATOM   759  O  O   . ILE A 1 111 ? -3.815  -3.772  7.751   1.00 16.93 ? 103 ILE A O   1 
ATOM   760  C  CB  . ILE A 1 111 ? -1.094  -2.659  7.446   1.00 17.92 ? 103 ILE A CB  1 
ATOM   761  C  CG1 . ILE A 1 111 ? -0.237  -1.533  6.822   1.00 18.26 ? 103 ILE A CG1 1 
ATOM   762  C  CG2 . ILE A 1 111 ? -0.150  -3.642  8.222   1.00 13.82 ? 103 ILE A CG2 1 
ATOM   763  C  CD1 . ILE A 1 111 ? -1.037  -0.335  6.315   1.00 23.87 ? 103 ILE A CD1 1 
ATOM   764  N  N   . ILE A 1 112 ? -2.973  -5.598  6.709   1.00 16.13 ? 104 ILE A N   1 
ATOM   765  C  CA  . ILE A 1 112 ? -4.124  -6.477  6.978   1.00 16.10 ? 104 ILE A CA  1 
ATOM   766  C  C   . ILE A 1 112 ? -3.735  -7.558  7.980   1.00 16.31 ? 104 ILE A C   1 
ATOM   767  O  O   . ILE A 1 112 ? -2.945  -8.441  7.633   1.00 16.16 ? 104 ILE A O   1 
ATOM   768  C  CB  . ILE A 1 112 ? -4.636  -7.177  5.691   1.00 16.09 ? 104 ILE A CB  1 
ATOM   769  C  CG1 . ILE A 1 112 ? -4.886  -6.183  4.546   1.00 16.76 ? 104 ILE A CG1 1 
ATOM   770  C  CG2 . ILE A 1 112 ? -5.936  -7.903  5.963   1.00 15.71 ? 104 ILE A CG2 1 
ATOM   771  C  CD1 . ILE A 1 112 ? -4.843  -6.821  3.188   1.00 16.30 ? 104 ILE A CD1 1 
ATOM   772  N  N   . PRO A 1 113 ? -4.272  -7.501  9.230   1.00 17.16 ? 105 PRO A N   1 
ATOM   773  C  CA  . PRO A 1 113 ? -4.008  -8.534  10.239  1.00 17.63 ? 105 PRO A CA  1 
ATOM   774  C  C   . PRO A 1 113 ? -4.432  -9.902  9.746   1.00 18.65 ? 105 PRO A C   1 
ATOM   775  O  O   . PRO A 1 113 ? -5.475  -10.024 9.094   1.00 18.15 ? 105 PRO A O   1 
ATOM   776  C  CB  . PRO A 1 113 ? -4.890  -8.120  11.418  1.00 18.06 ? 105 PRO A CB  1 
ATOM   777  C  CG  . PRO A 1 113 ? -5.025  -6.629  11.258  1.00 18.23 ? 105 PRO A CG  1 
ATOM   778  C  CD  . PRO A 1 113 ? -5.033  -6.373  9.795   1.00 17.13 ? 105 PRO A CD  1 
ATOM   779  N  N   . LYS A 1 114 ? -3.605  -10.904 10.024  1.00 19.57 ? 106 LYS A N   1 
ATOM   780  C  CA  . LYS A 1 114 ? -3.911  -12.287 9.681   1.00 20.64 ? 106 LYS A CA  1 
ATOM   781  C  C   . LYS A 1 114 ? -4.035  -13.023 10.992  1.00 21.61 ? 106 LYS A C   1 
ATOM   782  O  O   . LYS A 1 114 ? -3.068  -13.551 11.552  1.00 21.09 ? 106 LYS A O   1 
ATOM   783  C  CB  . LYS A 1 114 ? -2.826  -12.920 8.788   1.00 20.50 ? 106 LYS A CB  1 
ATOM   784  C  CG  . LYS A 1 114 ? -3.205  -14.311 8.234   1.00 20.97 ? 106 LYS A CG  1 
ATOM   785  C  CD  . LYS A 1 114 ? -4.326  -14.189 7.196   1.00 21.63 ? 106 LYS A CD  1 
ATOM   786  C  CE  . LYS A 1 114 ? -4.651  -15.472 6.469   1.00 21.98 ? 106 LYS A CE  1 
ATOM   787  N  NZ  . LYS A 1 114 ? -3.439  -16.102 5.907   1.00 24.51 ? 106 LYS A NZ  1 
ATOM   788  N  N   . THR A 1 115 ? -5.256  -13.030 11.486  1.00 23.47 ? 107 THR A N   1 
ATOM   789  C  CA  . THR A 1 115 ? -5.548  -13.595 12.779  1.00 25.15 ? 107 THR A CA  1 
ATOM   790  C  C   . THR A 1 115 ? -5.791  -15.087 12.604  1.00 25.86 ? 107 THR A C   1 
ATOM   791  O  O   . THR A 1 115 ? -5.587  -15.864 13.517  1.00 26.53 ? 107 THR A O   1 
ATOM   792  C  CB  . THR A 1 115 ? -6.729  -12.827 13.471  1.00 25.08 ? 107 THR A CB  1 
ATOM   793  O  OG1 . THR A 1 115 ? -7.410  -13.700 14.362  1.00 28.04 ? 107 THR A OG1 1 
ATOM   794  C  CG2 . THR A 1 115 ? -7.745  -12.236 12.463  1.00 24.96 ? 107 THR A CG2 1 
ATOM   795  N  N   . ASP A 1 116 ? -6.112  -15.495 11.387  1.00 27.20 ? 108 ASP A N   1 
ATOM   796  C  CA  . ASP A 1 116 ? -6.872  -16.710 11.179  1.00 28.14 ? 108 ASP A CA  1 
ATOM   797  C  C   . ASP A 1 116 ? -6.600  -17.282 9.802   1.00 28.32 ? 108 ASP A C   1 
ATOM   798  O  O   . ASP A 1 116 ? -6.401  -16.530 8.855   1.00 28.38 ? 108 ASP A O   1 
ATOM   799  C  CB  . ASP A 1 116 ? -8.344  -16.306 11.245  1.00 28.68 ? 108 ASP A CB  1 
ATOM   800  C  CG  . ASP A 1 116 ? -9.197  -17.317 11.897  1.00 29.92 ? 108 ASP A CG  1 
ATOM   801  O  OD1 . ASP A 1 116 ? -9.540  -18.318 11.238  1.00 32.60 ? 108 ASP A OD1 1 
ATOM   802  O  OD2 . ASP A 1 116 ? -9.561  -17.078 13.070  1.00 34.65 ? 108 ASP A OD2 1 
ATOM   803  N  N   . GLU A 1 117 ? -6.637  -18.605 9.676   1.00 28.68 ? 109 GLU A N   1 
ATOM   804  C  CA  . GLU A 1 117 ? -6.602  -19.237 8.353   1.00 28.89 ? 109 GLU A CA  1 
ATOM   805  C  C   . GLU A 1 117 ? -7.829  -18.772 7.523   1.00 28.35 ? 109 GLU A C   1 
ATOM   806  O  O   . GLU A 1 117 ? -7.724  -18.561 6.310   1.00 28.99 ? 109 GLU A O   1 
ATOM   807  C  CB  . GLU A 1 117 ? -6.565  -20.778 8.462   1.00 29.22 ? 109 GLU A CB  1 
ATOM   808  C  CG  . GLU A 1 117 ? -5.483  -21.362 9.406   1.00 30.70 ? 109 GLU A CG  1 
ATOM   809  C  CD  . GLU A 1 117 ? -5.312  -22.894 9.291   1.00 32.61 ? 109 GLU A CD  1 
ATOM   810  O  OE1 . GLU A 1 117 ? -6.242  -23.653 9.660   1.00 35.25 ? 109 GLU A OE1 1 
ATOM   811  O  OE2 . GLU A 1 117 ? -4.227  -23.351 8.860   1.00 33.38 ? 109 GLU A OE2 1 
ATOM   812  N  N   . LYS A 1 118 ? -8.968  -18.571 8.190   1.00 27.40 ? 110 LYS A N   1 
ATOM   813  C  CA  . LYS A 1 118 ? -10.231 -18.243 7.526   1.00 26.51 ? 110 LYS A CA  1 
ATOM   814  C  C   . LYS A 1 118 ? -10.480 -16.749 7.270   1.00 25.93 ? 110 LYS A C   1 
ATOM   815  O  O   . LYS A 1 118 ? -11.460 -16.406 6.612   1.00 26.23 ? 110 LYS A O   1 
ATOM   816  C  CB  . LYS A 1 118 ? -11.401 -18.793 8.351   1.00 26.44 ? 110 LYS A CB  1 
ATOM   817  N  N   . THR A 1 119 ? -9.634  -15.855 7.785   1.00 24.77 ? 111 THR A N   1 
ATOM   818  C  CA  . THR A 1 119 ? -9.851  -14.407 7.598   1.00 23.79 ? 111 THR A CA  1 
ATOM   819  C  C   . THR A 1 119 ? -8.564  -13.702 7.125   1.00 22.66 ? 111 THR A C   1 
ATOM   820  O  O   . THR A 1 119 ? -7.522  -14.344 6.952   1.00 22.55 ? 111 THR A O   1 
ATOM   821  C  CB  . THR A 1 119 ? -10.486 -13.724 8.876   1.00 23.85 ? 111 THR A CB  1 
ATOM   822  O  OG1 . THR A 1 119 ? -9.478  -13.326 9.814   1.00 24.14 ? 111 THR A OG1 1 
ATOM   823  C  CG2 . THR A 1 119 ? -11.480 -14.665 9.570   1.00 24.10 ? 111 THR A CG2 1 
ATOM   824  N  N   . GLY A 1 120 ? -8.653  -12.394 6.883   1.00 21.23 ? 112 GLY A N   1 
ATOM   825  C  CA  . GLY A 1 120 ? -7.512  -11.620 6.383   1.00 20.43 ? 112 GLY A CA  1 
ATOM   826  C  C   . GLY A 1 120 ? -7.239  -11.884 4.907   1.00 19.67 ? 112 GLY A C   1 
ATOM   827  O  O   . GLY A 1 120 ? -8.089  -12.409 4.191   1.00 19.26 ? 112 GLY A O   1 
ATOM   828  N  N   . LEU A 1 121 ? -6.045  -11.539 4.447   1.00 19.32 ? 113 LEU A N   1 
ATOM   829  C  CA  . LEU A 1 121 ? -5.732  -11.674 3.030   1.00 19.18 ? 113 LEU A CA  1 
ATOM   830  C  C   . LEU A 1 121 ? -5.531  -13.139 2.642   1.00 19.67 ? 113 LEU A C   1 
ATOM   831  O  O   . LEU A 1 121 ? -4.817  -13.887 3.305   1.00 19.28 ? 113 LEU A O   1 
ATOM   832  C  CB  . LEU A 1 121 ? -4.496  -10.853 2.651   1.00 18.72 ? 113 LEU A CB  1 
ATOM   833  C  CG  . LEU A 1 121 ? -4.171  -10.784 1.155   1.00 17.87 ? 113 LEU A CG  1 
ATOM   834  C  CD1 . LEU A 1 121 ? -5.232  -9.974  0.371   1.00 15.32 ? 113 LEU A CD1 1 
ATOM   835  C  CD2 . LEU A 1 121 ? -2.776  -10.199 0.972   1.00 16.16 ? 113 LEU A CD2 1 
ATOM   836  N  N   . LYS A 1 122 ? -6.184  -13.525 1.555   1.00 20.48 ? 114 LYS A N   1 
ATOM   837  C  CA  . LYS A 1 122 ? -6.047  -14.848 0.994   1.00 21.29 ? 114 LYS A CA  1 
ATOM   838  C  C   . LYS A 1 122 ? -5.406  -14.743 -0.399  1.00 21.49 ? 114 LYS A C   1 
ATOM   839  O  O   . LYS A 1 122 ? -5.896  -14.030 -1.281  1.00 20.77 ? 114 LYS A O   1 
ATOM   840  C  CB  . LYS A 1 122 ? -7.407  -15.518 0.952   1.00 21.65 ? 114 LYS A CB  1 
ATOM   841  C  CG  . LYS A 1 122 ? -8.109  -15.487 2.305   1.00 23.46 ? 114 LYS A CG  1 
ATOM   842  C  CD  . LYS A 1 122 ? -9.500  -16.052 2.198   1.00 25.38 ? 114 LYS A CD  1 
ATOM   843  C  CE  . LYS A 1 122 ? -10.181 -16.079 3.546   1.00 26.33 ? 114 LYS A CE  1 
ATOM   844  N  NZ  . LYS A 1 122 ? -11.323 -17.014 3.491   1.00 27.35 ? 114 LYS A NZ  1 
ATOM   845  N  N   . ILE A 1 123 ? -4.299  -15.469 -0.561  1.00 22.38 ? 115 ILE A N   1 
ATOM   846  C  CA  . ILE A 1 123 ? -3.377  -15.332 -1.682  1.00 23.14 ? 115 ILE A CA  1 
ATOM   847  C  C   . ILE A 1 123 ? -3.256  -16.644 -2.468  1.00 23.26 ? 115 ILE A C   1 
ATOM   848  O  O   . ILE A 1 123 ? -3.141  -17.711 -1.872  1.00 22.87 ? 115 ILE A O   1 
ATOM   849  C  CB  . ILE A 1 123 ? -1.975  -14.960 -1.145  1.00 23.58 ? 115 ILE A CB  1 
ATOM   850  C  CG1 . ILE A 1 123 ? -1.843  -13.461 -0.938  1.00 26.04 ? 115 ILE A CG1 1 
ATOM   851  C  CG2 . ILE A 1 123 ? -0.870  -15.336 -2.098  1.00 24.34 ? 115 ILE A CG2 1 
ATOM   852  C  CD1 . ILE A 1 123 ? -0.370  -13.066 -0.696  1.00 29.39 ? 115 ILE A CD1 1 
ATOM   853  N  N   . GLY A 1 124 ? -3.266  -16.551 -3.796  1.00 23.69 ? 116 GLY A N   1 
ATOM   854  C  CA  . GLY A 1 124 ? -2.917  -17.678 -4.664  1.00 24.00 ? 116 GLY A CA  1 
ATOM   855  C  C   . GLY A 1 124 ? -1.499  -17.530 -5.167  1.00 24.43 ? 116 GLY A C   1 
ATOM   856  O  O   . GLY A 1 124 ? -1.187  -16.533 -5.847  1.00 24.69 ? 116 GLY A O   1 
ATOM   857  N  N   . TRP A 1 125 ? -0.656  -18.528 -4.851  1.00 24.96 ? 117 TRP A N   1 
ATOM   858  C  CA  . TRP A 1 125 ? 0.790   -18.509 -5.160  1.00 25.48 ? 117 TRP A CA  1 
ATOM   859  C  C   . TRP A 1 125 ? 1.238   -19.641 -6.103  1.00 26.38 ? 117 TRP A C   1 
ATOM   860  O  O   . TRP A 1 125 ? 1.875   -20.612 -5.687  1.00 25.96 ? 117 TRP A O   1 
ATOM   861  C  CB  . TRP A 1 125 ? 1.622   -18.575 -3.868  1.00 25.24 ? 117 TRP A CB  1 
ATOM   862  C  CG  . TRP A 1 125 ? 2.960   -17.981 -4.052  1.00 25.13 ? 117 TRP A CG  1 
ATOM   863  C  CD1 . TRP A 1 125 ? 4.104   -18.630 -4.404  1.00 24.87 ? 117 TRP A CD1 1 
ATOM   864  C  CD2 . TRP A 1 125 ? 3.303   -16.592 -3.945  1.00 25.94 ? 117 TRP A CD2 1 
ATOM   865  N  NE1 . TRP A 1 125 ? 5.147   -17.732 -4.511  1.00 26.10 ? 117 TRP A NE1 1 
ATOM   866  C  CE2 . TRP A 1 125 ? 4.680   -16.474 -4.233  1.00 26.36 ? 117 TRP A CE2 1 
ATOM   867  C  CE3 . TRP A 1 125 ? 2.580   -15.437 -3.624  1.00 26.55 ? 117 TRP A CE3 1 
ATOM   868  C  CZ2 . TRP A 1 125 ? 5.351   -15.246 -4.208  1.00 26.80 ? 117 TRP A CZ2 1 
ATOM   869  C  CZ3 . TRP A 1 125 ? 3.249   -14.215 -3.603  1.00 26.42 ? 117 TRP A CZ3 1 
ATOM   870  C  CH2 . TRP A 1 125 ? 4.611   -14.130 -3.898  1.00 26.44 ? 117 TRP A CH2 1 
ATOM   871  N  N   . ASP A 1 126 ? 0.918   -19.498 -7.383  1.00 27.48 ? 118 ASP A N   1 
ATOM   872  C  CA  . ASP A 1 126 ? 1.300   -20.490 -8.379  1.00 28.49 ? 118 ASP A CA  1 
ATOM   873  C  C   . ASP A 1 126 ? 2.404   -19.924 -9.275  1.00 28.34 ? 118 ASP A C   1 
ATOM   874  O  O   . ASP A 1 126 ? 2.164   -19.025 -10.092 1.00 28.20 ? 118 ASP A O   1 
ATOM   875  C  CB  . ASP A 1 126 ? 0.068   -20.921 -9.186  1.00 28.98 ? 118 ASP A CB  1 
ATOM   876  C  CG  . ASP A 1 126 ? -1.038  -21.535 -8.301  1.00 30.85 ? 118 ASP A CG  1 
ATOM   877  O  OD1 . ASP A 1 126 ? -0.930  -22.737 -7.922  1.00 32.68 ? 118 ASP A OD1 1 
ATOM   878  O  OD2 . ASP A 1 126 ? -2.022  -20.813 -7.999  1.00 33.40 ? 118 ASP A OD2 1 
ATOM   879  N  N   . THR A 1 127 ? 3.621   -20.441 -9.106  1.00 28.51 ? 119 THR A N   1 
ATOM   880  C  CA  . THR A 1 127 ? 4.777   -19.904 -9.825  1.00 28.42 ? 119 THR A CA  1 
ATOM   881  C  C   . THR A 1 127 ? 4.852   -20.409 -11.272 1.00 28.46 ? 119 THR A C   1 
ATOM   882  O  O   . THR A 1 127 ? 4.236   -21.422 -11.634 1.00 28.64 ? 119 THR A O   1 
ATOM   883  C  CB  . THR A 1 127 ? 6.119   -20.183 -9.093  1.00 28.43 ? 119 THR A CB  1 
ATOM   884  O  OG1 . THR A 1 127 ? 6.415   -21.578 -9.125  1.00 28.43 ? 119 THR A OG1 1 
ATOM   885  C  CG2 . THR A 1 127 ? 6.072   -19.711 -7.644  1.00 28.45 ? 119 THR A CG2 1 
ATOM   886  N  N   . VAL A 1 128 ? 5.603   -19.672 -12.085 1.00 28.39 ? 120 VAL A N   1 
ATOM   887  C  CA  . VAL A 1 128 ? 5.853   -20.012 -13.483 1.00 28.29 ? 120 VAL A CA  1 
ATOM   888  C  C   . VAL A 1 128 ? 7.360   -20.153 -13.714 1.00 28.34 ? 120 VAL A C   1 
ATOM   889  O  O   . VAL A 1 128 ? 8.168   -19.648 -12.941 1.00 28.64 ? 120 VAL A O   1 
ATOM   890  C  CB  . VAL A 1 128 ? 5.261   -18.943 -14.424 1.00 28.17 ? 120 VAL A CB  1 
ATOM   891  C  CG1 . VAL A 1 128 ? 3.755   -18.855 -14.229 1.00 29.00 ? 120 VAL A CG1 1 
ATOM   892  C  CG2 . VAL A 1 128 ? 5.889   -17.593 -14.174 1.00 27.62 ? 120 VAL A CG2 1 
ATOM   893  N  N   . LYS A 1 129 ? 7.745   -20.868 -14.765 1.00 28.52 ? 121 LYS A N   1 
ATOM   894  C  CA  . LYS A 1 129 ? 9.162   -21.012 -15.093 1.00 28.22 ? 121 LYS A CA  1 
ATOM   895  C  C   . LYS A 1 129 ? 9.616   -19.773 -15.863 1.00 27.92 ? 121 LYS A C   1 
ATOM   896  O  O   . LYS A 1 129 ? 8.934   -19.318 -16.792 1.00 27.95 ? 121 LYS A O   1 
ATOM   897  C  CB  . LYS A 1 129 ? 9.417   -22.292 -15.914 1.00 28.40 ? 121 LYS A CB  1 
ATOM   898  N  N   . VAL A 1 130 ? 10.747  -19.205 -15.455 1.00 27.42 ? 122 VAL A N   1 
ATOM   899  C  CA  . VAL A 1 130 ? 11.442  -18.220 -16.284 1.00 27.19 ? 122 VAL A CA  1 
ATOM   900  C  C   . VAL A 1 130 ? 12.893  -18.703 -16.525 1.00 26.63 ? 122 VAL A C   1 
ATOM   901  O  O   . VAL A 1 130 ? 13.530  -19.301 -15.643 1.00 26.99 ? 122 VAL A O   1 
ATOM   902  C  CB  . VAL A 1 130 ? 11.381  -16.762 -15.700 1.00 27.60 ? 122 VAL A CB  1 
ATOM   903  C  CG1 . VAL A 1 130 ? 12.179  -15.802 -16.561 1.00 28.51 ? 122 VAL A CG1 1 
ATOM   904  C  CG2 . VAL A 1 130 ? 9.932   -16.259 -15.612 1.00 26.89 ? 122 VAL A CG2 1 
ATOM   905  N  N   . ALA A 1 131 ? 13.395  -18.435 -17.729 1.00 25.25 ? 123 ALA A N   1 
ATOM   906  C  CA  . ALA A 1 131 ? 14.708  -18.885 -18.149 1.00 23.92 ? 123 ALA A CA  1 
ATOM   907  C  C   . ALA A 1 131 ? 15.780  -17.932 -17.638 1.00 22.85 ? 123 ALA A C   1 
ATOM   908  O  O   . ALA A 1 131 ? 15.490  -16.780 -17.346 1.00 20.93 ? 123 ALA A O   1 
ATOM   909  C  CB  . ALA A 1 131 ? 14.740  -18.964 -19.670 1.00 24.01 ? 123 ALA A CB  1 
ATOM   910  N  N   . SER A 1 132 ? 17.019  -18.417 -17.560 1.00 21.87 ? 124 SER A N   1 
ATOM   911  C  CA  . SER A 1 132 ? 18.158  -17.588 -17.172 1.00 21.79 ? 124 SER A CA  1 
ATOM   912  C  C   . SER A 1 132 ? 18.329  -16.397 -18.107 1.00 21.74 ? 124 SER A C   1 
ATOM   913  O  O   . SER A 1 132 ? 18.541  -15.269 -17.645 1.00 21.38 ? 124 SER A O   1 
ATOM   914  C  CB  . SER A 1 132 ? 19.459  -18.410 -17.124 1.00 21.98 ? 124 SER A CB  1 
ATOM   915  O  OG  . SER A 1 132 ? 19.956  -18.715 -18.421 1.00 23.18 ? 124 SER A OG  1 
ATOM   916  N  N   . ASP A 1 133 ? 18.231  -16.634 -19.414 1.00 21.26 ? 125 ASP A N   1 
ATOM   917  C  CA  . ASP A 1 133 ? 18.328  -15.534 -20.402 1.00 21.48 ? 125 ASP A CA  1 
ATOM   918  C  C   . ASP A 1 133 ? 17.264  -14.428 -20.181 1.00 20.63 ? 125 ASP A C   1 
ATOM   919  O  O   . ASP A 1 133 ? 17.566  -13.240 -20.261 1.00 20.40 ? 125 ASP A O   1 
ATOM   920  C  CB  . ASP A 1 133 ? 18.312  -16.051 -21.858 1.00 21.67 ? 125 ASP A CB  1 
ATOM   921  C  CG  . ASP A 1 133 ? 17.009  -16.767 -22.240 1.00 23.75 ? 125 ASP A CG  1 
ATOM   922  O  OD1 . ASP A 1 133 ? 16.271  -17.223 -21.347 1.00 26.85 ? 125 ASP A OD1 1 
ATOM   923  O  OD2 . ASP A 1 133 ? 16.727  -16.888 -23.455 1.00 27.80 ? 125 ASP A OD2 1 
ATOM   924  N  N   . GLU A 1 134 ? 16.041  -14.828 -19.867 1.00 20.32 ? 126 GLU A N   1 
ATOM   925  C  CA  . GLU A 1 134 ? 14.955  -13.878 -19.596 1.00 20.09 ? 126 GLU A CA  1 
ATOM   926  C  C   . GLU A 1 134 ? 15.180  -13.082 -18.311 1.00 19.45 ? 126 GLU A C   1 
ATOM   927  O  O   . GLU A 1 134 ? 14.875  -11.892 -18.246 1.00 18.28 ? 126 GLU A O   1 
ATOM   928  C  CB  . GLU A 1 134 ? 13.617  -14.618 -19.541 1.00 20.45 ? 126 GLU A CB  1 
ATOM   929  C  CG  . GLU A 1 134 ? 13.210  -15.211 -20.885 1.00 21.82 ? 126 GLU A CG  1 
ATOM   930  C  CD  . GLU A 1 134 ? 12.008  -16.137 -20.804 1.00 24.84 ? 126 GLU A CD  1 
ATOM   931  O  OE1 . GLU A 1 134 ? 11.641  -16.606 -19.696 1.00 25.84 ? 126 GLU A OE1 1 
ATOM   932  O  OE2 . GLU A 1 134 ? 11.443  -16.425 -21.884 1.00 27.69 ? 126 GLU A OE2 1 
ATOM   933  N  N   . LEU A 1 135 ? 15.710  -13.742 -17.284 1.00 19.22 ? 127 LEU A N   1 
ATOM   934  C  CA  . LEU A 1 135 ? 16.029  -13.090 -16.028 1.00 19.12 ? 127 LEU A CA  1 
ATOM   935  C  C   . LEU A 1 135 ? 17.098  -12.031 -16.223 1.00 19.06 ? 127 LEU A C   1 
ATOM   936  O  O   . LEU A 1 135 ? 17.057  -10.996 -15.562 1.00 19.31 ? 127 LEU A O   1 
ATOM   937  C  CB  . LEU A 1 135 ? 16.538  -14.109 -14.997 1.00 19.29 ? 127 LEU A CB  1 
ATOM   938  C  CG  . LEU A 1 135 ? 15.489  -14.967 -14.303 1.00 18.75 ? 127 LEU A CG  1 
ATOM   939  C  CD1 . LEU A 1 135 ? 16.196  -15.988 -13.392 1.00 19.24 ? 127 LEU A CD1 1 
ATOM   940  C  CD2 . LEU A 1 135 ? 14.511  -14.097 -13.513 1.00 17.74 ? 127 LEU A CD2 1 
ATOM   941  N  N   . ALA A 1 136 ? 18.071  -12.303 -17.088 1.00 17.95 ? 128 ALA A N   1 
ATOM   942  C  CA  . ALA A 1 136 ? 19.174  -11.367 -17.294 1.00 18.34 ? 128 ALA A CA  1 
ATOM   943  C  C   . ALA A 1 136 ? 18.682  -10.110 -18.025 1.00 18.87 ? 128 ALA A C   1 
ATOM   944  O  O   . ALA A 1 136 ? 19.064  -8.979  -17.714 1.00 18.43 ? 128 ALA A O   1 
ATOM   945  C  CB  . ALA A 1 136 ? 20.284  -12.046 -18.096 1.00 18.93 ? 128 ALA A CB  1 
ATOM   946  N  N   . GLU A 1 137 ? 17.845  -10.355 -19.020 1.00 19.00 ? 129 GLU A N   1 
ATOM   947  C  CA  . GLU A 1 137 ? 17.186  -9.333  -19.806 1.00 20.04 ? 129 GLU A CA  1 
ATOM   948  C  C   . GLU A 1 137 ? 16.349  -8.396  -18.916 1.00 18.85 ? 129 GLU A C   1 
ATOM   949  O  O   . GLU A 1 137 ? 16.514  -7.177  -18.937 1.00 18.23 ? 129 GLU A O   1 
ATOM   950  C  CB  . GLU A 1 137 ? 16.334  -10.071 -20.842 1.00 20.72 ? 129 GLU A CB  1 
ATOM   951  C  CG  . GLU A 1 137 ? 15.628  -9.238  -21.851 1.00 24.90 ? 129 GLU A CG  1 
ATOM   952  C  CD  . GLU A 1 137 ? 15.190  -10.073 -23.051 1.00 29.08 ? 129 GLU A CD  1 
ATOM   953  O  OE1 . GLU A 1 137 ? 14.703  -11.231 -22.871 1.00 31.07 ? 129 GLU A OE1 1 
ATOM   954  O  OE2 . GLU A 1 137 ? 15.351  -9.560  -24.174 1.00 32.20 ? 129 GLU A OE2 1 
ATOM   955  N  N   . ASP A 1 138 ? 15.499  -8.974  -18.081 1.00 18.55 ? 130 ASP A N   1 
ATOM   956  C  CA  . ASP A 1 138 ? 14.704  -8.180  -17.146 1.00 18.28 ? 130 ASP A CA  1 
ATOM   957  C  C   . ASP A 1 138 ? 15.599  -7.447  -16.148 1.00 18.14 ? 130 ASP A C   1 
ATOM   958  O  O   . ASP A 1 138 ? 15.321  -6.309  -15.815 1.00 17.53 ? 130 ASP A O   1 
ATOM   959  C  CB  . ASP A 1 138 ? 13.685  -9.044  -16.386 1.00 18.38 ? 130 ASP A CB  1 
ATOM   960  C  CG  . ASP A 1 138 ? 12.689  -9.747  -17.309 1.00 19.53 ? 130 ASP A CG  1 
ATOM   961  O  OD1 . ASP A 1 138 ? 12.577  -9.377  -18.508 1.00 20.95 ? 130 ASP A OD1 1 
ATOM   962  O  OD2 . ASP A 1 138 ? 12.019  -10.691 -16.828 1.00 21.92 ? 130 ASP A OD2 1 
ATOM   963  N  N   . ALA A 1 139 ? 16.670  -8.088  -15.672 1.00 18.08 ? 131 ALA A N   1 
ATOM   964  C  CA  . ALA A 1 139 ? 17.535  -7.466  -14.660 1.00 17.97 ? 131 ALA A CA  1 
ATOM   965  C  C   . ALA A 1 139 ? 18.237  -6.255  -15.237 1.00 18.28 ? 131 ALA A C   1 
ATOM   966  O  O   . ALA A 1 139 ? 18.382  -5.241  -14.562 1.00 18.24 ? 131 ALA A O   1 
ATOM   967  C  CB  . ALA A 1 139 ? 18.555  -8.465  -14.125 1.00 18.31 ? 131 ALA A CB  1 
ATOM   968  N  N   . LYS A 1 140 ? 18.671  -6.368  -16.496 1.00 18.82 ? 132 LYS A N   1 
ATOM   969  C  CA  . LYS A 1 140 ? 19.323  -5.270  -17.193 1.00 19.05 ? 132 LYS A CA  1 
ATOM   970  C  C   . LYS A 1 140 ? 18.378  -4.090  -17.411 1.00 18.44 ? 132 LYS A C   1 
ATOM   971  O  O   . LYS A 1 140 ? 18.729  -2.945  -17.131 1.00 18.31 ? 132 LYS A O   1 
ATOM   972  C  CB  . LYS A 1 140 ? 19.852  -5.729  -18.553 1.00 19.68 ? 132 LYS A CB  1 
ATOM   973  C  CG  . LYS A 1 140 ? 20.542  -4.619  -19.357 1.00 21.25 ? 132 LYS A CG  1 
ATOM   974  C  CD  . LYS A 1 140 ? 21.061  -5.139  -20.714 1.00 24.52 ? 132 LYS A CD  1 
ATOM   975  C  CE  . LYS A 1 140 ? 21.690  -4.032  -21.572 1.00 25.00 ? 132 LYS A CE  1 
ATOM   976  N  NZ  . LYS A 1 140 ? 21.750  -4.444  -23.011 1.00 27.68 ? 132 LYS A NZ  1 
ATOM   977  N  N   . ARG A 1 141 ? 17.197  -4.380  -17.946 1.00 17.86 ? 133 ARG A N   1 
ATOM   978  C  CA  . ARG A 1 141 ? 16.190  -3.336  -18.231 1.00 17.77 ? 133 ARG A CA  1 
ATOM   979  C  C   . ARG A 1 141 ? 15.798  -2.605  -16.935 1.00 16.64 ? 133 ARG A C   1 
ATOM   980  O  O   . ARG A 1 141 ? 15.824  -1.384  -16.857 1.00 16.11 ? 133 ARG A O   1 
ATOM   981  C  CB  . ARG A 1 141 ? 14.952  -3.964  -18.880 1.00 17.75 ? 133 ARG A CB  1 
ATOM   982  C  CG  . ARG A 1 141 ? 13.763  -2.985  -19.061 1.00 18.69 ? 133 ARG A CG  1 
ATOM   983  C  CD  . ARG A 1 141 ? 12.784  -3.468  -20.121 1.00 19.52 ? 133 ARG A CD  1 
ATOM   984  N  NE  . ARG A 1 141 ? 12.009  -4.636  -19.696 1.00 19.78 ? 133 ARG A NE  1 
ATOM   985  C  CZ  . ARG A 1 141 ? 10.948  -4.608  -18.896 1.00 22.52 ? 133 ARG A CZ  1 
ATOM   986  N  NH1 . ARG A 1 141 ? 10.512  -3.457  -18.340 1.00 24.55 ? 133 ARG A NH1 1 
ATOM   987  N  NH2 . ARG A 1 141 ? 10.323  -5.752  -18.611 1.00 22.66 ? 133 ARG A NH2 1 
ATOM   988  N  N   . TYR A 1 142 ? 15.463  -3.370  -15.915 1.00 17.00 ? 134 TYR A N   1 
ATOM   989  C  CA  . TYR A 1 142 ? 15.111  -2.802  -14.619 1.00 17.64 ? 134 TYR A CA  1 
ATOM   990  C  C   . TYR A 1 142 ? 16.240  -1.966  -13.988 1.00 18.59 ? 134 TYR A C   1 
ATOM   991  O  O   . TYR A 1 142 ? 15.993  -0.869  -13.483 1.00 18.34 ? 134 TYR A O   1 
ATOM   992  C  CB  . TYR A 1 142 ? 14.737  -3.924  -13.653 1.00 18.23 ? 134 TYR A CB  1 
ATOM   993  C  CG  . TYR A 1 142 ? 13.374  -4.561  -13.836 1.00 18.11 ? 134 TYR A CG  1 
ATOM   994  C  CD1 . TYR A 1 142 ? 12.491  -4.171  -14.850 1.00 18.05 ? 134 TYR A CD1 1 
ATOM   995  C  CD2 . TYR A 1 142 ? 12.973  -5.566  -12.973 1.00 18.70 ? 134 TYR A CD2 1 
ATOM   996  C  CE1 . TYR A 1 142 ? 11.251  -4.772  -14.976 1.00 17.08 ? 134 TYR A CE1 1 
ATOM   997  C  CE2 . TYR A 1 142 ? 11.740  -6.166  -13.086 1.00 18.96 ? 134 TYR A CE2 1 
ATOM   998  C  CZ  . TYR A 1 142 ? 10.890  -5.776  -14.084 1.00 18.53 ? 134 TYR A CZ  1 
ATOM   999  O  OH  . TYR A 1 142 ? 9.689   -6.408  -14.162 1.00 19.24 ? 134 TYR A OH  1 
ATOM   1000 N  N   . SER A 1 143 ? 17.473  -2.473  -13.977 1.00 19.43 ? 135 SER A N   1 
ATOM   1001 C  CA  . SER A 1 143 ? 18.548  -1.737  -13.313 1.00 20.72 ? 135 SER A CA  1 
ATOM   1002 C  C   . SER A 1 143 ? 18.899  -0.442  -14.029 1.00 21.35 ? 135 SER A C   1 
ATOM   1003 O  O   . SER A 1 143 ? 19.184  0.581   -13.387 1.00 21.86 ? 135 SER A O   1 
ATOM   1004 C  CB  . SER A 1 143 ? 19.794  -2.589  -13.163 1.00 21.00 ? 135 SER A CB  1 
ATOM   1005 O  OG  . SER A 1 143 ? 20.459  -2.700  -14.372 1.00 22.92 ? 135 SER A OG  1 
ATOM   1006 N  N   . GLU A 1 144 ? 18.871  -0.481  -15.355 1.00 22.62 ? 136 GLU A N   1 
ATOM   1007 C  CA  . GLU A 1 144 ? 19.062  0.728   -16.150 1.00 23.35 ? 136 GLU A CA  1 
ATOM   1008 C  C   . GLU A 1 144 ? 17.923  1.731   -15.918 1.00 23.40 ? 136 GLU A C   1 
ATOM   1009 O  O   . GLU A 1 144 ? 18.187  2.934   -15.803 1.00 23.83 ? 136 GLU A O   1 
ATOM   1010 C  CB  . GLU A 1 144 ? 19.207  0.392   -17.637 1.00 23.87 ? 136 GLU A CB  1 
ATOM   1011 C  CG  . GLU A 1 144 ? 20.565  -0.277  -17.969 1.00 26.37 ? 136 GLU A CG  1 
ATOM   1012 C  CD  . GLU A 1 144 ? 20.741  -0.655  -19.450 1.00 29.80 ? 136 GLU A CD  1 
ATOM   1013 O  OE1 . GLU A 1 144 ? 19.842  -0.328  -20.273 1.00 32.21 ? 136 GLU A OE1 1 
ATOM   1014 O  OE2 . GLU A 1 144 ? 21.788  -1.281  -19.781 1.00 30.59 ? 136 GLU A OE2 1 
ATOM   1015 N  N   . ALA A 1 145 ? 16.678  1.249   -15.843 1.00 22.92 ? 137 ALA A N   1 
ATOM   1016 C  CA  . ALA A 1 145 ? 15.528  2.116   -15.533 1.00 22.55 ? 137 ALA A CA  1 
ATOM   1017 C  C   . ALA A 1 145 ? 15.678  2.763   -14.175 1.00 22.40 ? 137 ALA A C   1 
ATOM   1018 O  O   . ALA A 1 145 ? 15.396  3.934   -14.014 1.00 22.78 ? 137 ALA A O   1 
ATOM   1019 C  CB  . ALA A 1 145 ? 14.244  1.346   -15.578 1.00 22.57 ? 137 ALA A CB  1 
ATOM   1020 N  N   . ILE A 1 146 ? 16.121  1.994   -13.193 1.00 22.53 ? 138 ILE A N   1 
ATOM   1021 C  CA  . ILE A 1 146 ? 16.297  2.507   -11.842 1.00 22.51 ? 138 ILE A CA  1 
ATOM   1022 C  C   . ILE A 1 146 ? 17.497  3.444   -11.763 1.00 23.31 ? 138 ILE A C   1 
ATOM   1023 O  O   . ILE A 1 146 ? 17.431  4.470   -11.078 1.00 23.42 ? 138 ILE A O   1 
ATOM   1024 C  CB  . ILE A 1 146 ? 16.421  1.357   -10.806 1.00 22.08 ? 138 ILE A CB  1 
ATOM   1025 C  CG1 . ILE A 1 146 ? 15.100  0.578   -10.715 1.00 20.87 ? 138 ILE A CG1 1 
ATOM   1026 C  CG2 . ILE A 1 146 ? 16.835  1.884   -9.442  1.00 21.99 ? 138 ILE A CG2 1 
ATOM   1027 C  CD1 . ILE A 1 146 ? 15.238  -0.837  -10.137 1.00 18.54 ? 138 ILE A CD1 1 
ATOM   1028 N  N   . ALA A 1 147 ? 18.575  3.116   -12.470 1.00 24.03 ? 139 ALA A N   1 
ATOM   1029 C  CA  . ALA A 1 147 ? 19.794  3.928   -12.444 1.00 24.86 ? 139 ALA A CA  1 
ATOM   1030 C  C   . ALA A 1 147 ? 19.596  5.401   -12.875 1.00 25.55 ? 139 ALA A C   1 
ATOM   1031 O  O   . ALA A 1 147 ? 20.285  6.299   -12.381 1.00 25.25 ? 139 ALA A O   1 
ATOM   1032 C  CB  . ALA A 1 147 ? 20.874  3.269   -13.312 1.00 25.11 ? 139 ALA A CB  1 
ATOM   1033 N  N   . LYS A 1 148 ? 18.651  5.641   -13.780 1.00 26.61 ? 140 LYS A N   1 
ATOM   1034 C  CA  . LYS A 1 148 ? 18.404  6.992   -14.320 1.00 27.68 ? 140 LYS A CA  1 
ATOM   1035 C  C   . LYS A 1 148 ? 17.294  7.808   -13.622 1.00 27.90 ? 140 LYS A C   1 
ATOM   1036 O  O   . LYS A 1 148 ? 16.917  8.870   -14.107 1.00 28.27 ? 140 LYS A O   1 
ATOM   1037 C  CB  . LYS A 1 148 ? 18.131  6.918   -15.832 1.00 28.20 ? 140 LYS A CB  1 
ATOM   1038 C  CG  . LYS A 1 148 ? 16.843  6.179   -16.252 1.00 29.91 ? 140 LYS A CG  1 
ATOM   1039 C  CD  . LYS A 1 148 ? 16.777  6.026   -17.792 1.00 31.90 ? 140 LYS A CD  1 
ATOM   1040 C  CE  . LYS A 1 148 ? 15.648  5.091   -18.237 1.00 32.35 ? 140 LYS A CE  1 
ATOM   1041 N  NZ  . LYS A 1 148 ? 14.316  5.510   -17.700 1.00 33.62 ? 140 LYS A NZ  1 
ATOM   1042 N  N   . ILE A 1 149 ? 16.785  7.322   -12.490 1.00 28.21 ? 141 ILE A N   1 
ATOM   1043 C  CA  . ILE A 1 149 ? 15.864  8.101   -11.639 1.00 28.03 ? 141 ILE A CA  1 
ATOM   1044 C  C   . ILE A 1 149 ? 16.671  8.992   -10.685 1.00 28.22 ? 141 ILE A C   1 
ATOM   1045 O  O   . ILE A 1 149 ? 16.570  10.223  -10.721 1.00 28.87 ? 141 ILE A O   1 
ATOM   1046 C  CB  . ILE A 1 149 ? 14.963  7.181   -10.797 1.00 27.68 ? 141 ILE A CB  1 
ATOM   1047 C  CG1 . ILE A 1 149 ? 14.145  6.252   -11.685 1.00 27.15 ? 141 ILE A CG1 1 
ATOM   1048 C  CG2 . ILE A 1 149 ? 14.026  7.984   -9.925  1.00 28.13 ? 141 ILE A CG2 1 
ATOM   1049 C  CD1 . ILE A 1 149 ? 13.411  5.205   -10.874 1.00 24.26 ? 141 ILE A CD1 1 
HETATM 1050 ZN ZN  . ZN  B 2 .   ? -6.851  10.813  -4.781  1.00 44.70 ? 201 ZN  A ZN  1 
HETATM 1051 O  O   . HOH C 3 .   ? -11.659 3.787   5.243   1.00 30.28 ? 142 HOH A O   1 
HETATM 1052 O  O   . HOH C 3 .   ? -10.574 -1.602  9.911   1.00 20.44 ? 143 HOH A O   1 
HETATM 1053 O  O   . HOH C 3 .   ? -3.881  -10.732 6.133   1.00 21.11 ? 144 HOH A O   1 
HETATM 1054 O  O   . HOH C 3 .   ? 11.325  -0.887  -17.730 1.00 34.69 ? 145 HOH A O   1 
HETATM 1055 O  O   . HOH C 3 .   ? 6.211   -11.559 19.941  1.00 18.46 ? 146 HOH A O   1 
HETATM 1056 O  O   . HOH C 3 .   ? 20.067  0.092   -10.843 1.00 21.93 ? 147 HOH A O   1 
HETATM 1057 O  O   . HOH C 3 .   ? -4.925  -18.152 5.005   1.00 19.18 ? 148 HOH A O   1 
HETATM 1058 O  O   . HOH C 3 .   ? -8.942  0.563   -4.040  1.00 34.01 ? 149 HOH A O   1 
HETATM 1059 O  O   . HOH C 3 .   ? -7.283  2.532   -10.308 1.00 43.22 ? 150 HOH A O   1 
HETATM 1060 O  O   . HOH C 3 .   ? -9.708  5.693   10.812  1.00 26.70 ? 151 HOH A O   1 
HETATM 1061 O  O   . HOH C 3 .   ? 18.537  10.739  -16.233 0.50 9.66  ? 152 HOH A O   1 
HETATM 1062 O  O   . HOH C 3 .   ? -2.386  -13.711 3.973   1.00 31.55 ? 153 HOH A O   1 
HETATM 1063 O  O   . HOH C 3 .   ? 2.400   12.797  -0.647  1.00 22.20 ? 154 HOH A O   1 
HETATM 1064 O  O   . HOH C 3 .   ? -12.787 6.990   -5.485  1.00 13.29 ? 155 HOH A O   1 
HETATM 1065 O  O   . HOH C 3 .   ? -9.411  12.996  8.638   1.00 29.73 ? 156 HOH A O   1 
HETATM 1066 O  O   . HOH C 3 .   ? 18.322  5.587   -9.048  1.00 32.34 ? 157 HOH A O   1 
HETATM 1067 O  O   . HOH C 3 .   ? 17.498  -5.851  -21.363 1.00 19.73 ? 158 HOH A O   1 
HETATM 1068 O  O   . HOH C 3 .   ? -1.498  -13.839 13.814  1.00 33.34 ? 159 HOH A O   1 
HETATM 1069 O  O   . HOH C 3 .   ? 19.448  -12.548 -21.904 1.00 34.07 ? 160 HOH A O   1 
HETATM 1070 O  O   . HOH C 3 .   ? -8.919  9.252   8.077   1.00 74.71 ? 161 HOH A O   1 
HETATM 1071 O  O   . HOH C 3 .   ? -3.038  15.738  -4.989  1.00 35.30 ? 162 HOH A O   1 
HETATM 1072 O  O   . HOH C 3 .   ? -0.152  -8.401  20.211  1.00 54.14 ? 163 HOH A O   1 
HETATM 1073 O  O   . HOH C 3 .   ? -10.138 -1.354  0.962   1.00 23.31 ? 164 HOH A O   1 
HETATM 1074 O  O   . HOH C 3 .   ? -12.052 1.180   2.104   1.00 30.80 ? 165 HOH A O   1 
# 
